data_1QOH
#
_entry.id   1QOH
#
_cell.length_a   113.490
_cell.length_b   54.510
_cell.length_c   116.890
_cell.angle_alpha   90.00
_cell.angle_beta   109.12
_cell.angle_gamma   90.00
#
_symmetry.space_group_name_H-M   'P 1 21 1'
#
loop_
_entity.id
_entity.type
_entity.pdbx_description
1 polymer 'SHIGA-LIKE TOXIN IIE B SUBUNIT'
2 water water
#
_entity_poly.entity_id   1
_entity_poly.type   'polypeptide(L)'
_entity_poly.pdbx_seq_one_letter_code
;ADCAKGKIEFSKYNEDNTFTVKVSGREYWTNRWNLQPLLQSAQLTGMTVTIISNTCSSGSGFAEVQFN
;
_entity_poly.pdbx_strand_id   A,B,C,D,E,F,G,H,I,J,K,L,M,N,O,P,Q,R,S,T
#
# COMPACT_ATOMS: atom_id res chain seq x y z
N ALA A 1 2.10 7.21 12.96
CA ALA A 1 2.54 5.78 13.06
C ALA A 1 3.73 5.49 12.16
N ASP A 2 4.53 4.50 12.53
CA ASP A 2 5.67 4.12 11.72
C ASP A 2 5.19 3.19 10.63
N CYS A 3 4.96 3.71 9.45
CA CYS A 3 4.45 2.86 8.37
C CYS A 3 5.41 1.84 7.80
N ALA A 4 6.64 2.26 7.55
CA ALA A 4 7.63 1.36 6.99
C ALA A 4 9.03 1.77 7.42
N LYS A 5 9.94 0.80 7.40
CA LYS A 5 11.29 1.07 7.79
C LYS A 5 12.25 0.20 7.03
N GLY A 6 13.20 0.81 6.35
CA GLY A 6 14.17 0.06 5.59
C GLY A 6 14.86 0.90 4.54
N LYS A 7 15.51 0.25 3.57
CA LYS A 7 16.18 1.00 2.51
C LYS A 7 15.12 1.40 1.49
N ILE A 8 15.41 2.40 0.68
CA ILE A 8 14.49 2.81 -0.35
C ILE A 8 14.84 1.90 -1.50
N GLU A 9 13.85 1.15 -1.96
CA GLU A 9 13.99 0.18 -3.05
C GLU A 9 14.09 0.92 -4.41
N PHE A 10 13.23 1.91 -4.60
CA PHE A 10 13.28 2.74 -5.80
C PHE A 10 12.52 4.01 -5.49
N SER A 11 12.72 5.06 -6.27
CA SER A 11 12.01 6.31 -6.07
C SER A 11 11.53 6.75 -7.43
N LYS A 12 10.51 7.60 -7.46
CA LYS A 12 9.96 8.01 -8.73
C LYS A 12 9.44 9.44 -8.66
N TYR A 13 9.82 10.24 -9.64
CA TYR A 13 9.37 11.62 -9.71
C TYR A 13 8.12 11.54 -10.61
N ASN A 14 7.02 12.08 -10.10
CA ASN A 14 5.76 12.00 -10.81
C ASN A 14 5.41 13.26 -11.53
N GLU A 15 4.63 13.11 -12.59
CA GLU A 15 4.20 14.24 -13.40
C GLU A 15 3.48 15.36 -12.63
N ASP A 16 2.81 15.02 -11.51
CA ASP A 16 2.11 16.03 -10.72
C ASP A 16 3.06 16.66 -9.71
N ASN A 17 4.35 16.36 -9.87
CA ASN A 17 5.39 16.88 -8.99
C ASN A 17 5.46 16.30 -7.59
N THR A 18 4.83 15.15 -7.37
CA THR A 18 4.94 14.51 -6.08
C THR A 18 6.13 13.57 -6.25
N PHE A 19 6.55 12.93 -5.17
CA PHE A 19 7.69 12.03 -5.24
C PHE A 19 7.30 10.73 -4.50
N THR A 20 7.59 9.58 -5.13
CA THR A 20 7.24 8.27 -4.57
C THR A 20 8.46 7.44 -4.22
N VAL A 21 8.41 6.76 -3.07
CA VAL A 21 9.48 5.88 -2.63
C VAL A 21 8.90 4.55 -2.21
N LYS A 22 9.62 3.48 -2.50
CA LYS A 22 9.15 2.18 -2.10
C LYS A 22 10.03 1.70 -0.94
N VAL A 23 9.39 1.47 0.21
CA VAL A 23 10.09 1.01 1.40
C VAL A 23 9.32 -0.20 1.95
N SER A 24 10.02 -1.31 2.19
CA SER A 24 9.40 -2.54 2.73
C SER A 24 8.24 -3.01 1.86
N GLY A 25 8.44 -3.04 0.55
CA GLY A 25 7.40 -3.49 -0.36
C GLY A 25 6.18 -2.59 -0.50
N ARG A 26 6.17 -1.44 0.18
CA ARG A 26 5.03 -0.53 0.06
C ARG A 26 5.45 0.81 -0.55
N GLU A 27 4.58 1.41 -1.36
CA GLU A 27 4.88 2.69 -1.99
C GLU A 27 4.26 3.82 -1.23
N TYR A 28 5.00 4.93 -1.08
CA TYR A 28 4.47 6.10 -0.42
C TYR A 28 4.86 7.34 -1.22
N TRP A 29 4.03 8.38 -1.21
CA TRP A 29 4.37 9.58 -1.95
C TRP A 29 4.31 10.78 -1.04
N THR A 30 4.92 11.88 -1.48
CA THR A 30 4.93 13.10 -0.72
C THR A 30 4.91 14.25 -1.67
N ASN A 31 4.34 15.36 -1.23
CA ASN A 31 4.35 16.53 -2.07
C ASN A 31 5.34 17.57 -1.47
N ARG A 32 6.14 17.14 -0.50
CA ARG A 32 7.17 17.99 0.13
C ARG A 32 8.36 17.85 -0.82
N TRP A 33 8.59 18.84 -1.67
CA TRP A 33 9.69 18.75 -2.60
C TRP A 33 11.05 18.97 -1.95
N ASN A 34 11.10 19.51 -0.72
CA ASN A 34 12.37 19.67 0.00
C ASN A 34 12.86 18.25 0.19
N LEU A 35 11.93 17.32 0.35
CA LEU A 35 12.31 15.95 0.58
C LEU A 35 12.91 15.24 -0.61
N GLN A 36 12.66 15.74 -1.80
CA GLN A 36 13.15 15.06 -2.98
C GLN A 36 14.63 14.77 -2.95
N PRO A 37 15.46 15.81 -2.82
CA PRO A 37 16.90 15.51 -2.78
C PRO A 37 17.31 14.69 -1.55
N LEU A 38 16.69 14.96 -0.39
CA LEU A 38 17.04 14.22 0.83
C LEU A 38 16.73 12.75 0.64
N LEU A 39 15.56 12.45 0.05
CA LEU A 39 15.18 11.05 -0.16
C LEU A 39 16.09 10.38 -1.19
N GLN A 40 16.44 11.07 -2.27
CA GLN A 40 17.34 10.46 -3.23
C GLN A 40 18.72 10.17 -2.66
N SER A 41 19.24 11.07 -1.81
CA SER A 41 20.56 10.83 -1.19
C SER A 41 20.46 9.60 -0.30
N ALA A 42 19.36 9.53 0.45
CA ALA A 42 19.15 8.39 1.36
C ALA A 42 19.15 7.09 0.55
N GLN A 43 18.51 7.13 -0.62
CA GLN A 43 18.47 5.95 -1.48
C GLN A 43 19.86 5.56 -2.00
N LEU A 44 20.62 6.50 -2.58
CA LEU A 44 21.95 6.14 -3.08
C LEU A 44 22.91 5.53 -2.06
N THR A 45 22.85 5.96 -0.80
CA THR A 45 23.75 5.45 0.23
C THR A 45 23.17 4.32 1.05
N GLY A 46 21.89 4.05 0.83
CA GLY A 46 21.26 2.97 1.59
C GLY A 46 20.97 3.33 3.04
N MET A 47 20.65 4.58 3.34
CA MET A 47 20.33 4.89 4.73
C MET A 47 18.99 4.20 5.03
N THR A 48 18.72 3.97 6.31
CA THR A 48 17.47 3.40 6.71
C THR A 48 16.49 4.57 6.91
N VAL A 49 15.37 4.48 6.21
CA VAL A 49 14.34 5.49 6.24
C VAL A 49 13.16 4.97 7.06
N THR A 50 12.39 5.86 7.65
CA THR A 50 11.24 5.43 8.39
C THR A 50 10.14 6.37 7.98
N ILE A 51 9.19 5.83 7.21
CA ILE A 51 8.07 6.63 6.71
C ILE A 51 7.07 6.77 7.85
N ILE A 52 6.72 8.00 8.18
CA ILE A 52 5.80 8.23 9.27
C ILE A 52 4.54 8.89 8.73
N SER A 53 3.40 8.29 9.02
CA SER A 53 2.12 8.82 8.55
C SER A 53 0.91 8.30 9.35
N ASN A 54 -0.25 8.84 9.05
CA ASN A 54 -1.50 8.43 9.70
C ASN A 54 -2.12 7.28 8.97
N THR A 55 -1.86 7.21 7.68
CA THR A 55 -2.35 6.14 6.85
C THR A 55 -1.10 5.40 6.33
N CYS A 56 -0.95 4.13 6.71
CA CYS A 56 0.20 3.35 6.33
C CYS A 56 0.04 2.38 5.19
N SER A 57 -1.12 2.33 4.56
CA SER A 57 -1.37 1.41 3.46
C SER A 57 -0.63 1.86 2.21
N SER A 58 -0.10 0.92 1.43
CA SER A 58 0.63 1.27 0.22
C SER A 58 -0.17 2.24 -0.64
N GLY A 59 0.50 3.27 -1.17
CA GLY A 59 -0.14 4.27 -1.99
C GLY A 59 -0.55 5.51 -1.22
N SER A 60 -0.26 5.55 0.08
CA SER A 60 -0.60 6.69 0.94
C SER A 60 0.42 7.84 0.88
N GLY A 61 -0.02 9.01 1.31
CA GLY A 61 0.87 10.14 1.35
C GLY A 61 1.57 10.22 2.70
N PHE A 62 2.71 10.91 2.75
CA PHE A 62 3.44 11.07 3.99
C PHE A 62 4.13 12.41 3.92
N ALA A 63 4.45 12.97 5.07
CA ALA A 63 5.14 14.24 5.12
C ALA A 63 6.12 14.26 6.27
N GLU A 64 6.42 13.09 6.81
CA GLU A 64 7.33 13.03 7.92
C GLU A 64 8.21 11.81 7.70
N VAL A 65 9.52 11.96 7.85
CA VAL A 65 10.42 10.84 7.65
C VAL A 65 11.67 11.01 8.46
N GLN A 66 12.15 9.92 9.01
CA GLN A 66 13.37 9.96 9.80
C GLN A 66 14.44 9.20 9.03
N PHE A 67 15.67 9.70 9.10
CA PHE A 67 16.80 9.08 8.42
C PHE A 67 17.78 8.57 9.45
N ASN A 68 18.09 7.29 9.38
CA ASN A 68 18.99 6.67 10.34
C ASN A 68 20.30 6.14 9.79
N ALA B 1 25.75 30.27 22.28
CA ALA B 1 26.49 29.20 23.00
C ALA B 1 26.61 27.92 22.18
N ASP B 2 27.59 27.10 22.53
CA ASP B 2 27.85 25.82 21.87
C ASP B 2 27.03 24.78 22.60
N CYS B 3 25.84 24.51 22.08
CA CYS B 3 24.95 23.54 22.72
C CYS B 3 25.40 22.09 22.65
N ALA B 4 25.84 21.65 21.48
CA ALA B 4 26.25 20.28 21.32
C ALA B 4 27.28 20.18 20.23
N LYS B 5 28.09 19.13 20.29
CA LYS B 5 29.12 18.92 19.29
C LYS B 5 29.39 17.44 19.11
N GLY B 6 29.30 16.98 17.86
CA GLY B 6 29.52 15.56 17.59
C GLY B 6 28.95 15.17 16.24
N LYS B 7 28.74 13.87 16.02
CA LYS B 7 28.18 13.40 14.75
C LYS B 7 26.67 13.49 14.86
N ILE B 8 25.97 13.57 13.73
CA ILE B 8 24.52 13.61 13.77
C ILE B 8 24.10 12.15 13.92
N GLU B 9 23.36 11.86 14.98
CA GLU B 9 22.90 10.51 15.27
C GLU B 9 21.82 10.09 14.28
N PHE B 10 20.84 10.97 14.07
CA PHE B 10 19.80 10.73 13.10
C PHE B 10 19.17 12.07 12.83
N SER B 11 18.52 12.21 11.68
CA SER B 11 17.83 13.44 11.32
C SER B 11 16.34 13.12 11.01
N LYS B 12 15.48 14.11 11.03
CA LYS B 12 14.06 13.87 10.83
C LYS B 12 13.36 15.06 10.23
N TYR B 13 12.70 14.84 9.10
CA TYR B 13 11.98 15.89 8.43
C TYR B 13 10.59 15.89 9.03
N ASN B 14 10.18 17.03 9.58
CA ASN B 14 8.90 17.11 10.23
C ASN B 14 7.79 17.60 9.36
N GLU B 15 6.57 17.31 9.78
CA GLU B 15 5.39 17.69 9.04
C GLU B 15 5.21 19.20 8.91
N ASP B 16 5.71 19.96 9.87
CA ASP B 16 5.60 21.42 9.79
C ASP B 16 6.75 22.03 8.98
N ASN B 17 7.49 21.16 8.28
CA ASN B 17 8.63 21.54 7.44
C ASN B 17 9.91 21.95 8.16
N THR B 18 9.99 21.67 9.45
CA THR B 18 11.20 21.98 10.19
C THR B 18 12.02 20.68 10.07
N PHE B 19 13.29 20.75 10.45
CA PHE B 19 14.20 19.62 10.35
C PHE B 19 14.82 19.43 11.73
N THR B 20 14.92 18.18 12.20
CA THR B 20 15.46 17.86 13.52
C THR B 20 16.69 17.00 13.38
N VAL B 21 17.72 17.28 14.18
CA VAL B 21 18.94 16.47 14.18
C VAL B 21 19.23 16.17 15.63
N LYS B 22 19.79 15.00 15.90
CA LYS B 22 20.12 14.63 17.24
C LYS B 22 21.64 14.61 17.32
N VAL B 23 22.20 15.41 18.22
CA VAL B 23 23.65 15.48 18.39
C VAL B 23 23.94 15.43 19.87
N SER B 24 24.84 14.54 20.28
CA SER B 24 25.17 14.39 21.69
C SER B 24 23.94 14.07 22.54
N GLY B 25 23.11 13.17 22.07
CA GLY B 25 21.95 12.79 22.83
C GLY B 25 20.86 13.82 22.99
N ARG B 26 21.01 15.00 22.39
CA ARG B 26 19.94 16.01 22.49
C ARG B 26 19.42 16.31 21.10
N GLU B 27 18.14 16.65 21.00
CA GLU B 27 17.51 16.96 19.71
C GLU B 27 17.34 18.44 19.49
N TYR B 28 17.60 18.89 18.28
CA TYR B 28 17.45 20.30 17.99
C TYR B 28 16.77 20.41 16.62
N TRP B 29 16.00 21.47 16.43
CA TRP B 29 15.33 21.63 15.15
C TRP B 29 15.61 23.02 14.61
N THR B 30 15.45 23.15 13.30
CA THR B 30 15.66 24.42 12.61
C THR B 30 14.61 24.58 11.51
N ASN B 31 14.27 25.83 11.22
CA ASN B 31 13.32 26.10 10.14
C ASN B 31 14.05 26.78 8.96
N ARG B 32 15.37 26.77 8.98
CA ARG B 32 16.17 27.33 7.88
C ARG B 32 16.30 26.16 6.90
N TRP B 33 15.43 26.13 5.88
CA TRP B 33 15.47 25.03 4.91
C TRP B 33 16.76 24.90 4.07
N ASN B 34 17.59 25.94 4.02
CA ASN B 34 18.88 25.86 3.30
C ASN B 34 19.72 24.83 3.98
N LEU B 35 19.56 24.75 5.31
CA LEU B 35 20.32 23.80 6.12
C LEU B 35 20.01 22.30 5.91
N GLN B 36 18.79 21.96 5.50
CA GLN B 36 18.43 20.54 5.33
C GLN B 36 19.43 19.71 4.53
N PRO B 37 19.71 20.09 3.29
CA PRO B 37 20.68 19.28 2.55
C PRO B 37 22.10 19.32 3.16
N LEU B 38 22.50 20.47 3.73
CA LEU B 38 23.82 20.59 4.37
C LEU B 38 23.91 19.62 5.57
N LEU B 39 22.87 19.65 6.39
CA LEU B 39 22.83 18.81 7.57
C LEU B 39 22.78 17.36 7.16
N GLN B 40 22.05 17.04 6.10
CA GLN B 40 22.03 15.61 5.75
C GLN B 40 23.39 15.14 5.24
N SER B 41 24.05 15.97 4.43
CA SER B 41 25.38 15.61 3.92
C SER B 41 26.32 15.40 5.09
N ALA B 42 26.27 16.32 6.04
CA ALA B 42 27.10 16.20 7.23
C ALA B 42 26.81 14.85 7.90
N GLN B 43 25.53 14.50 8.00
CA GLN B 43 25.19 13.23 8.64
C GLN B 43 25.71 12.05 7.82
N LEU B 44 25.51 12.15 6.51
CA LEU B 44 25.94 11.09 5.62
C LEU B 44 27.42 10.85 5.77
N THR B 45 28.23 11.88 5.49
CA THR B 45 29.69 11.74 5.54
C THR B 45 30.34 11.62 6.90
N GLY B 46 29.61 11.95 7.96
CA GLY B 46 30.21 11.82 9.28
C GLY B 46 30.99 13.05 9.75
N MET B 47 30.54 14.25 9.39
CA MET B 47 31.22 15.46 9.83
C MET B 47 30.85 15.77 11.27
N THR B 48 31.68 16.54 11.96
CA THR B 48 31.36 16.91 13.33
C THR B 48 30.57 18.19 13.17
N VAL B 49 29.38 18.26 13.73
CA VAL B 49 28.62 19.49 13.59
C VAL B 49 28.52 20.07 14.99
N THR B 50 28.44 21.39 15.08
CA THR B 50 28.35 22.10 16.34
C THR B 50 27.08 22.92 16.30
N ILE B 51 26.15 22.61 17.20
CA ILE B 51 24.86 23.31 17.23
C ILE B 51 25.04 24.50 18.10
N ILE B 52 24.75 25.67 17.56
CA ILE B 52 24.91 26.91 18.29
C ILE B 52 23.55 27.56 18.48
N SER B 53 23.24 27.90 19.72
CA SER B 53 21.97 28.53 20.03
C SER B 53 22.01 29.18 21.39
N ASN B 54 20.97 29.93 21.73
CA ASN B 54 20.86 30.60 23.01
C ASN B 54 20.29 29.67 24.08
N THR B 55 19.43 28.77 23.64
CA THR B 55 18.83 27.79 24.53
C THR B 55 19.39 26.44 24.10
N CYS B 56 20.10 25.79 25.00
CA CYS B 56 20.73 24.51 24.64
C CYS B 56 20.03 23.21 25.06
N SER B 57 18.86 23.36 25.69
CA SER B 57 18.13 22.20 26.15
C SER B 57 17.52 21.42 24.97
N SER B 58 17.55 20.10 25.07
CA SER B 58 17.00 19.27 24.02
C SER B 58 15.63 19.77 23.63
N GLY B 59 15.33 19.79 22.34
CA GLY B 59 14.05 20.25 21.85
C GLY B 59 14.04 21.71 21.43
N SER B 60 15.17 22.40 21.62
CA SER B 60 15.27 23.81 21.26
C SER B 60 15.56 24.07 19.78
N GLY B 61 15.21 25.26 19.32
CA GLY B 61 15.46 25.61 17.93
C GLY B 61 16.87 26.17 17.78
N PHE B 62 17.37 26.17 16.55
CA PHE B 62 18.70 26.68 16.26
C PHE B 62 18.75 27.16 14.80
N ALA B 63 19.63 28.12 14.51
CA ALA B 63 19.77 28.63 13.14
C ALA B 63 21.23 28.90 12.83
N GLU B 64 22.12 28.40 13.67
CA GLU B 64 23.55 28.57 13.45
C GLU B 64 24.24 27.23 13.72
N VAL B 65 25.11 26.81 12.82
CA VAL B 65 25.78 25.52 13.01
C VAL B 65 27.13 25.50 12.31
N GLN B 66 28.12 24.90 12.96
CA GLN B 66 29.45 24.87 12.41
C GLN B 66 29.82 23.46 11.96
N PHE B 67 30.36 23.31 10.76
CA PHE B 67 30.75 22.01 10.23
C PHE B 67 32.26 21.81 10.19
N ASN B 68 32.71 20.70 10.74
CA ASN B 68 34.14 20.39 10.81
C ASN B 68 34.42 19.02 10.25
N ALA C 1 42.12 40.82 -4.90
CA ALA C 1 43.40 40.20 -4.43
C ALA C 1 43.13 38.78 -3.95
N ASP C 2 44.17 37.97 -3.90
CA ASP C 2 44.08 36.60 -3.45
C ASP C 2 44.32 36.57 -1.94
N CYS C 3 43.24 36.69 -1.17
CA CYS C 3 43.30 36.68 0.28
C CYS C 3 43.76 35.40 0.94
N ALA C 4 43.28 34.26 0.46
CA ALA C 4 43.66 32.98 1.05
C ALA C 4 43.48 31.83 0.04
N LYS C 5 44.24 30.75 0.22
CA LYS C 5 44.16 29.62 -0.68
C LYS C 5 44.46 28.34 0.05
N GLY C 6 43.55 27.39 -0.04
CA GLY C 6 43.74 26.12 0.66
C GLY C 6 42.42 25.39 0.85
N LYS C 7 42.39 24.40 1.73
CA LYS C 7 41.14 23.65 1.98
C LYS C 7 40.33 24.42 2.97
N ILE C 8 39.02 24.20 2.94
CA ILE C 8 38.13 24.87 3.88
C ILE C 8 38.29 24.08 5.17
N GLU C 9 38.67 24.76 6.23
CA GLU C 9 38.92 24.14 7.53
C GLU C 9 37.61 23.81 8.19
N PHE C 10 36.69 24.77 8.11
CA PHE C 10 35.36 24.59 8.66
C PHE C 10 34.48 25.67 8.06
N SER C 11 33.17 25.46 8.09
CA SER C 11 32.24 26.47 7.57
C SER C 11 31.20 26.65 8.66
N LYS C 12 30.48 27.76 8.60
CA LYS C 12 29.47 28.07 9.61
C LYS C 12 28.35 28.89 9.01
N TYR C 13 27.12 28.44 9.21
CA TYR C 13 25.97 29.17 8.70
C TYR C 13 25.60 30.10 9.83
N ASN C 14 25.55 31.39 9.55
CA ASN C 14 25.23 32.37 10.59
C ASN C 14 23.76 32.75 10.69
N GLU C 15 23.39 33.23 11.87
CA GLU C 15 22.04 33.66 12.11
C GLU C 15 21.55 34.74 11.14
N ASP C 16 22.44 35.62 10.69
CA ASP C 16 22.03 36.68 9.75
C ASP C 16 21.98 36.16 8.31
N ASN C 17 22.13 34.85 8.15
CA ASN C 17 22.09 34.22 6.84
C ASN C 17 23.34 34.39 5.98
N THR C 18 24.43 34.85 6.59
CA THR C 18 25.68 34.95 5.85
C THR C 18 26.37 33.59 6.11
N PHE C 19 27.41 33.30 5.36
CA PHE C 19 28.09 32.02 5.50
C PHE C 19 29.57 32.33 5.73
N THR C 20 30.20 31.61 6.65
CA THR C 20 31.61 31.80 6.97
C THR C 20 32.45 30.57 6.71
N VAL C 21 33.64 30.77 6.15
CA VAL C 21 34.56 29.67 5.87
C VAL C 21 35.92 30.04 6.44
N LYS C 22 36.65 29.05 6.89
CA LYS C 22 37.95 29.35 7.42
C LYS C 22 38.98 28.72 6.47
N VAL C 23 39.78 29.56 5.84
CA VAL C 23 40.81 29.10 4.91
C VAL C 23 42.17 29.69 5.33
N SER C 24 43.19 28.85 5.45
CA SER C 24 44.53 29.33 5.83
C SER C 24 44.49 30.11 7.14
N GLY C 25 43.86 29.52 8.15
CA GLY C 25 43.76 30.18 9.45
C GLY C 25 42.91 31.44 9.52
N ARG C 26 42.45 31.97 8.39
CA ARG C 26 41.63 33.17 8.42
C ARG C 26 40.17 32.91 8.08
N GLU C 27 39.27 33.72 8.65
CA GLU C 27 37.84 33.55 8.41
C GLU C 27 37.29 34.58 7.47
N TYR C 28 36.44 34.15 6.55
CA TYR C 28 35.80 35.07 5.62
C TYR C 28 34.34 34.69 5.50
N TRP C 29 33.49 35.69 5.32
CA TRP C 29 32.08 35.43 5.18
C TRP C 29 31.56 35.98 3.86
N THR C 30 30.36 35.54 3.48
CA THR C 30 29.73 35.99 2.25
C THR C 30 28.23 36.01 2.41
N ASN C 31 27.58 36.91 1.72
CA ASN C 31 26.13 36.93 1.81
C ASN C 31 25.55 36.50 0.47
N ARG C 32 26.38 35.94 -0.41
CA ARG C 32 25.87 35.49 -1.71
C ARG C 32 25.27 34.12 -1.58
N TRP C 33 23.95 34.08 -1.56
CA TRP C 33 23.22 32.83 -1.40
C TRP C 33 23.72 31.60 -2.15
N ASN C 34 23.93 31.79 -3.45
CA ASN C 34 24.40 30.72 -4.32
C ASN C 34 25.67 30.05 -3.85
N LEU C 35 26.55 30.82 -3.21
CA LEU C 35 27.81 30.25 -2.76
C LEU C 35 27.73 29.20 -1.69
N GLN C 36 26.70 29.26 -0.84
CA GLN C 36 26.64 28.30 0.25
C GLN C 36 26.79 26.82 -0.12
N PRO C 37 25.95 26.32 -1.05
CA PRO C 37 26.11 24.89 -1.41
C PRO C 37 27.44 24.63 -2.13
N LEU C 38 27.84 25.56 -3.01
CA LEU C 38 29.14 25.43 -3.70
C LEU C 38 30.33 25.35 -2.69
N LEU C 39 30.29 26.20 -1.67
CA LEU C 39 31.36 26.16 -0.68
C LEU C 39 31.26 24.87 0.12
N GLN C 40 30.05 24.43 0.48
CA GLN C 40 29.99 23.20 1.28
C GLN C 40 30.52 21.98 0.50
N SER C 41 30.16 21.88 -0.78
CA SER C 41 30.65 20.79 -1.63
C SER C 41 32.17 20.83 -1.68
N ALA C 42 32.71 22.04 -1.85
CA ALA C 42 34.14 22.22 -1.89
C ALA C 42 34.73 21.72 -0.58
N GLN C 43 34.07 22.03 0.53
CA GLN C 43 34.55 21.57 1.83
C GLN C 43 34.46 20.04 1.95
N LEU C 44 33.30 19.51 1.59
CA LEU C 44 33.07 18.07 1.63
C LEU C 44 34.15 17.29 0.89
N THR C 45 34.32 17.61 -0.39
CA THR C 45 35.29 16.93 -1.23
C THR C 45 36.74 17.35 -1.03
N GLY C 46 36.96 18.48 -0.35
CA GLY C 46 38.32 18.92 -0.10
C GLY C 46 39.01 19.69 -1.23
N MET C 47 38.22 20.40 -2.04
CA MET C 47 38.78 21.20 -3.14
C MET C 47 39.60 22.33 -2.58
N THR C 48 40.52 22.86 -3.38
CA THR C 48 41.32 23.97 -2.94
C THR C 48 40.54 25.21 -3.39
N VAL C 49 40.10 26.02 -2.44
CA VAL C 49 39.39 27.23 -2.81
C VAL C 49 40.34 28.41 -2.63
N THR C 50 40.09 29.48 -3.38
CA THR C 50 40.88 30.70 -3.32
C THR C 50 39.90 31.82 -3.07
N ILE C 51 39.98 32.43 -1.89
CA ILE C 51 39.10 33.55 -1.53
C ILE C 51 39.65 34.82 -2.17
N ILE C 52 38.81 35.53 -2.92
CA ILE C 52 39.25 36.73 -3.60
C ILE C 52 38.45 37.93 -3.14
N SER C 53 39.16 38.94 -2.61
CA SER C 53 38.52 40.16 -2.09
C SER C 53 39.50 41.33 -2.02
N ASN C 54 38.96 42.52 -1.71
CA ASN C 54 39.74 43.75 -1.58
C ASN C 54 40.41 43.89 -0.21
N THR C 55 39.75 43.34 0.80
CA THR C 55 40.26 43.37 2.17
C THR C 55 40.50 41.89 2.47
N CYS C 56 41.74 41.55 2.81
CA CYS C 56 42.06 40.17 3.08
C CYS C 56 42.27 39.83 4.56
N SER C 57 41.93 40.77 5.44
CA SER C 57 42.09 40.52 6.87
C SER C 57 40.99 39.59 7.36
N SER C 58 41.36 38.68 8.27
CA SER C 58 40.38 37.74 8.82
C SER C 58 39.09 38.49 9.26
N GLY C 59 37.93 37.94 8.92
CA GLY C 59 36.66 38.55 9.28
C GLY C 59 36.10 39.44 8.19
N SER C 60 36.76 39.45 7.04
CA SER C 60 36.33 40.28 5.91
C SER C 60 35.30 39.57 5.04
N GLY C 61 34.52 40.37 4.31
CA GLY C 61 33.51 39.83 3.40
C GLY C 61 34.15 39.50 2.05
N PHE C 62 33.51 38.63 1.27
CA PHE C 62 34.02 38.25 -0.04
C PHE C 62 32.82 37.77 -0.88
N ALA C 63 32.95 37.89 -2.19
CA ALA C 63 31.89 37.49 -3.08
C ALA C 63 32.50 36.92 -4.36
N GLU C 64 33.78 36.57 -4.29
CA GLU C 64 34.46 35.98 -5.44
C GLU C 64 35.34 34.85 -4.94
N VAL C 65 35.27 33.69 -5.57
CA VAL C 65 36.08 32.56 -5.13
C VAL C 65 36.40 31.65 -6.31
N GLN C 66 37.57 31.04 -6.30
CA GLN C 66 37.98 30.13 -7.37
C GLN C 66 38.07 28.72 -6.82
N PHE C 67 37.51 27.75 -7.53
CA PHE C 67 37.55 26.36 -7.07
C PHE C 67 38.53 25.58 -7.88
N ASN C 68 39.51 25.03 -7.18
CA ASN C 68 40.60 24.31 -7.80
C ASN C 68 40.58 22.78 -7.70
N ALA D 1 27.67 26.01 -31.85
CA ALA D 1 28.89 25.22 -32.16
C ALA D 1 29.53 24.63 -30.89
N ASP D 2 30.37 23.62 -31.07
CA ASP D 2 31.06 22.98 -29.96
C ASP D 2 32.34 23.72 -29.71
N CYS D 3 32.30 24.68 -28.79
CA CYS D 3 33.48 25.49 -28.48
C CYS D 3 34.66 24.78 -27.84
N ALA D 4 34.39 23.96 -26.83
CA ALA D 4 35.46 23.25 -26.13
C ALA D 4 34.91 21.94 -25.56
N LYS D 5 35.80 20.98 -25.35
CA LYS D 5 35.38 19.69 -24.81
C LYS D 5 36.54 19.14 -24.00
N GLY D 6 36.27 18.83 -22.74
CA GLY D 6 37.30 18.29 -21.86
C GLY D 6 36.86 18.39 -20.41
N LYS D 7 37.78 18.13 -19.49
CA LYS D 7 37.47 18.23 -18.07
C LYS D 7 37.49 19.73 -17.75
N ILE D 8 36.88 20.11 -16.63
CA ILE D 8 36.89 21.51 -16.21
C ILE D 8 38.18 21.63 -15.40
N GLU D 9 39.06 22.53 -15.86
CA GLU D 9 40.37 22.74 -15.24
C GLU D 9 40.21 23.45 -13.89
N PHE D 10 39.41 24.51 -13.87
CA PHE D 10 39.08 25.22 -12.65
C PHE D 10 37.79 25.99 -12.92
N SER D 11 37.11 26.41 -11.86
CA SER D 11 35.87 27.17 -12.01
C SER D 11 35.99 28.38 -11.11
N LYS D 12 35.20 29.39 -11.36
CA LYS D 12 35.32 30.61 -10.58
C LYS D 12 33.98 31.29 -10.48
N TYR D 13 33.63 31.67 -9.26
CA TYR D 13 32.38 32.38 -9.02
C TYR D 13 32.81 33.84 -9.03
N ASN D 14 32.17 34.61 -9.89
CA ASN D 14 32.52 36.02 -10.03
C ASN D 14 31.63 36.98 -9.26
N GLU D 15 32.20 38.14 -8.98
CA GLU D 15 31.49 39.16 -8.24
C GLU D 15 30.17 39.61 -8.85
N ASP D 16 30.02 39.51 -10.17
CA ASP D 16 28.78 39.91 -10.82
C ASP D 16 27.81 38.75 -10.86
N ASN D 17 28.13 37.69 -10.12
CA ASN D 17 27.28 36.51 -10.05
C ASN D 17 27.29 35.57 -11.25
N THR D 18 28.24 35.76 -12.16
CA THR D 18 28.38 34.86 -13.29
C THR D 18 29.37 33.79 -12.84
N PHE D 19 29.46 32.71 -13.60
CA PHE D 19 30.32 31.61 -13.23
C PHE D 19 31.23 31.32 -14.41
N THR D 20 32.52 31.15 -14.12
CA THR D 20 33.53 30.89 -15.15
C THR D 20 34.12 29.53 -15.02
N VAL D 21 34.36 28.89 -16.17
CA VAL D 21 34.97 27.57 -16.17
C VAL D 21 36.06 27.60 -17.21
N LYS D 22 37.06 26.76 -17.04
CA LYS D 22 38.15 26.68 -17.99
C LYS D 22 38.18 25.27 -18.55
N VAL D 23 37.96 25.15 -19.85
CA VAL D 23 37.93 23.87 -20.53
C VAL D 23 38.81 23.97 -21.78
N SER D 24 39.76 23.05 -21.94
CA SER D 24 40.64 23.07 -23.11
C SER D 24 41.40 24.38 -23.19
N GLY D 25 41.97 24.83 -22.06
CA GLY D 25 42.74 26.06 -22.08
C GLY D 25 41.99 27.36 -22.34
N ARG D 26 40.69 27.30 -22.59
CA ARG D 26 39.91 28.51 -22.84
C ARG D 26 38.93 28.73 -21.70
N GLU D 27 38.63 29.99 -21.42
CA GLU D 27 37.69 30.31 -20.36
C GLU D 27 36.34 30.68 -20.94
N TYR D 28 35.28 30.30 -20.23
CA TYR D 28 33.91 30.62 -20.62
C TYR D 28 33.12 30.92 -19.36
N TRP D 29 32.16 31.83 -19.47
CA TRP D 29 31.32 32.20 -18.34
C TRP D 29 29.85 32.06 -18.71
N THR D 30 29.02 31.96 -17.67
CA THR D 30 27.60 31.80 -17.84
C THR D 30 26.87 32.55 -16.74
N ASN D 31 25.73 33.15 -17.08
CA ASN D 31 24.93 33.81 -16.05
C ASN D 31 23.74 32.92 -15.64
N ARG D 32 23.74 31.65 -16.02
CA ARG D 32 22.64 30.78 -15.62
C ARG D 32 22.99 30.24 -14.26
N TRP D 33 22.34 30.72 -13.22
CA TRP D 33 22.71 30.19 -11.93
C TRP D 33 22.41 28.68 -11.70
N ASN D 34 21.43 28.09 -12.40
CA ASN D 34 21.12 26.65 -12.26
C ASN D 34 22.32 25.85 -12.66
N LEU D 35 23.11 26.39 -13.60
CA LEU D 35 24.28 25.68 -14.03
C LEU D 35 25.41 25.59 -13.01
N GLN D 36 25.51 26.59 -12.15
CA GLN D 36 26.58 26.60 -11.17
C GLN D 36 26.79 25.27 -10.47
N PRO D 37 25.79 24.78 -9.73
CA PRO D 37 26.02 23.50 -9.05
C PRO D 37 26.29 22.31 -10.01
N LEU D 38 25.66 22.31 -11.17
CA LEU D 38 25.86 21.26 -12.16
C LEU D 38 27.28 21.27 -12.69
N LEU D 39 27.80 22.48 -12.96
CA LEU D 39 29.16 22.61 -13.43
C LEU D 39 30.12 22.19 -12.34
N GLN D 40 29.93 22.65 -11.10
CA GLN D 40 30.84 22.24 -10.06
C GLN D 40 30.86 20.72 -9.83
N SER D 41 29.72 20.05 -9.93
CA SER D 41 29.70 18.58 -9.74
C SER D 41 30.50 17.96 -10.87
N ALA D 42 30.27 18.44 -12.10
CA ALA D 42 31.00 17.95 -13.26
C ALA D 42 32.51 18.11 -13.02
N GLN D 43 32.93 19.25 -12.49
CA GLN D 43 34.35 19.47 -12.21
C GLN D 43 34.84 18.50 -11.15
N LEU D 44 34.12 18.45 -10.02
CA LEU D 44 34.43 17.60 -8.89
C LEU D 44 34.62 16.13 -9.18
N THR D 45 33.84 15.61 -10.12
CA THR D 45 33.85 14.17 -10.47
C THR D 45 34.63 13.80 -11.74
N GLY D 46 35.06 14.81 -12.48
CA GLY D 46 35.83 14.60 -13.69
C GLY D 46 35.03 14.37 -14.96
N MET D 47 33.78 14.80 -15.04
CA MET D 47 33.01 14.57 -16.26
C MET D 47 33.61 15.31 -17.42
N THR D 48 33.31 14.87 -18.61
CA THR D 48 33.75 15.59 -19.79
C THR D 48 32.59 16.51 -20.15
N VAL D 49 32.86 17.80 -20.28
CA VAL D 49 31.79 18.70 -20.65
C VAL D 49 32.07 19.27 -22.04
N THR D 50 31.02 19.74 -22.65
CA THR D 50 31.14 20.31 -23.97
C THR D 50 30.45 21.65 -23.91
N ILE D 51 31.22 22.73 -24.00
CA ILE D 51 30.66 24.07 -23.96
C ILE D 51 30.12 24.35 -25.37
N ILE D 52 28.85 24.74 -25.44
CA ILE D 52 28.19 24.99 -26.72
C ILE D 52 27.72 26.44 -26.82
N SER D 53 28.19 27.15 -27.84
CA SER D 53 27.87 28.56 -27.99
C SER D 53 28.04 29.01 -29.45
N ASN D 54 27.76 30.29 -29.71
CA ASN D 54 27.92 30.87 -31.04
C ASN D 54 29.29 31.47 -31.20
N THR D 55 29.82 31.97 -30.11
CA THR D 55 31.15 32.56 -30.09
C THR D 55 32.01 31.62 -29.24
N CYS D 56 33.07 31.08 -29.82
CA CYS D 56 33.91 30.15 -29.11
C CYS D 56 35.26 30.66 -28.65
N SER D 57 35.48 31.95 -28.77
CA SER D 57 36.75 32.52 -28.35
C SER D 57 36.79 32.63 -26.83
N SER D 58 37.95 32.38 -26.24
CA SER D 58 38.10 32.45 -24.80
C SER D 58 37.42 33.74 -24.30
N GLY D 59 36.79 33.67 -23.13
CA GLY D 59 36.10 34.82 -22.57
C GLY D 59 34.65 34.99 -23.04
N SER D 60 34.17 34.09 -23.88
CA SER D 60 32.80 34.21 -24.37
C SER D 60 31.77 33.64 -23.40
N GLY D 61 30.53 34.07 -23.55
CA GLY D 61 29.47 33.56 -22.70
C GLY D 61 28.85 32.31 -23.30
N PHE D 62 28.24 31.47 -22.46
CA PHE D 62 27.60 30.26 -22.94
C PHE D 62 26.41 29.95 -22.02
N ALA D 63 25.44 29.21 -22.52
CA ALA D 63 24.28 28.85 -21.73
C ALA D 63 23.79 27.46 -22.12
N GLU D 64 24.65 26.72 -22.81
CA GLU D 64 24.31 25.37 -23.23
C GLU D 64 25.54 24.50 -23.00
N VAL D 65 25.34 23.34 -22.40
CA VAL D 65 26.47 22.47 -22.13
C VAL D 65 26.03 21.03 -22.03
N GLN D 66 26.85 20.14 -22.57
CA GLN D 66 26.60 18.71 -22.53
C GLN D 66 27.52 18.03 -21.51
N PHE D 67 26.96 17.09 -20.74
CA PHE D 67 27.75 16.38 -19.74
C PHE D 67 27.86 14.89 -20.10
N ASN D 68 29.09 14.39 -20.16
CA ASN D 68 29.37 13.00 -20.52
C ASN D 68 30.06 12.19 -19.45
N ALA E 1 3.55 5.46 -20.38
CA ALA E 1 4.35 4.32 -20.94
C ALA E 1 5.82 4.40 -20.54
N ASP E 2 6.46 3.23 -20.47
CA ASP E 2 7.88 3.16 -20.14
C ASP E 2 8.65 3.34 -21.44
N CYS E 3 9.05 4.58 -21.72
CA CYS E 3 9.78 4.89 -22.96
C CYS E 3 11.21 4.33 -23.08
N ALA E 4 11.99 4.43 -22.00
CA ALA E 4 13.35 3.96 -22.03
C ALA E 4 13.79 3.58 -20.64
N LYS E 5 14.77 2.70 -20.56
CA LYS E 5 15.28 2.29 -19.29
C LYS E 5 16.75 1.93 -19.43
N GLY E 6 17.58 2.51 -18.57
CA GLY E 6 19.00 2.22 -18.60
C GLY E 6 19.74 3.35 -17.94
N LYS E 7 21.06 3.40 -18.11
CA LYS E 7 21.89 4.46 -17.52
C LYS E 7 21.76 5.70 -18.39
N ILE E 8 22.01 6.87 -17.81
CA ILE E 8 21.97 8.11 -18.58
C ILE E 8 23.33 8.19 -19.29
N GLU E 9 23.27 8.20 -20.62
CA GLU E 9 24.44 8.22 -21.49
C GLU E 9 25.11 9.59 -21.42
N PHE E 10 24.31 10.65 -21.52
CA PHE E 10 24.77 12.00 -21.36
C PHE E 10 23.56 12.88 -21.08
N SER E 11 23.80 14.07 -20.53
CA SER E 11 22.73 15.01 -20.26
C SER E 11 23.16 16.33 -20.85
N LYS E 12 22.20 17.22 -21.07
CA LYS E 12 22.53 18.49 -21.67
C LYS E 12 21.60 19.58 -21.14
N TYR E 13 22.18 20.68 -20.69
CA TYR E 13 21.40 21.80 -20.22
C TYR E 13 21.21 22.66 -21.46
N ASN E 14 19.96 22.96 -21.81
CA ASN E 14 19.70 23.74 -23.01
C ASN E 14 19.49 25.20 -22.73
N GLU E 15 19.60 25.98 -23.79
CA GLU E 15 19.45 27.41 -23.70
C GLU E 15 18.06 27.86 -23.27
N ASP E 16 17.03 27.10 -23.63
CA ASP E 16 15.64 27.45 -23.28
C ASP E 16 15.30 27.00 -21.86
N ASN E 17 16.31 26.51 -21.16
CA ASN E 17 16.15 26.06 -19.80
C ASN E 17 15.45 24.70 -19.66
N THR E 18 15.45 23.90 -20.71
CA THR E 18 14.93 22.56 -20.59
C THR E 18 16.21 21.72 -20.40
N PHE E 19 16.05 20.46 -20.03
CA PHE E 19 17.19 19.60 -19.79
C PHE E 19 16.98 18.33 -20.63
N THR E 20 18.04 17.82 -21.24
CA THR E 20 17.93 16.63 -22.07
C THR E 20 18.79 15.50 -21.55
N VAL E 21 18.31 14.27 -21.67
CA VAL E 21 19.07 13.11 -21.24
C VAL E 21 18.93 12.10 -22.38
N LYS E 22 19.94 11.28 -22.53
CA LYS E 22 19.90 10.25 -23.55
C LYS E 22 19.95 8.93 -22.82
N VAL E 23 18.90 8.15 -22.95
CA VAL E 23 18.79 6.85 -22.31
C VAL E 23 18.42 5.86 -23.40
N SER E 24 19.11 4.70 -23.44
CA SER E 24 18.82 3.68 -24.46
C SER E 24 18.90 4.21 -25.90
N GLY E 25 19.88 5.06 -26.18
CA GLY E 25 20.00 5.60 -27.52
C GLY E 25 18.97 6.63 -27.91
N ARG E 26 18.03 6.94 -27.02
CA ARG E 26 17.04 7.97 -27.36
C ARG E 26 17.15 9.19 -26.46
N GLU E 27 16.84 10.35 -27.00
CA GLU E 27 16.91 11.59 -26.25
C GLU E 27 15.57 12.05 -25.76
N TYR E 28 15.52 12.52 -24.52
CA TYR E 28 14.28 13.04 -23.96
C TYR E 28 14.61 14.32 -23.21
N TRP E 29 13.67 15.27 -23.25
CA TRP E 29 13.87 16.51 -22.54
C TRP E 29 12.73 16.75 -21.58
N THR E 30 12.98 17.61 -20.60
CA THR E 30 12.00 17.96 -19.59
C THR E 30 12.15 19.42 -19.20
N ASN E 31 11.05 20.10 -18.86
CA ASN E 31 11.11 21.48 -18.41
C ASN E 31 10.88 21.63 -16.89
N ARG E 32 10.91 20.52 -16.17
CA ARG E 32 10.75 20.56 -14.72
C ARG E 32 12.14 20.89 -14.19
N TRP E 33 12.32 22.06 -13.61
CA TRP E 33 13.64 22.33 -13.15
C TRP E 33 14.09 21.62 -11.89
N ASN E 34 13.19 20.92 -11.20
CA ASN E 34 13.56 20.16 -9.99
C ASN E 34 14.29 18.93 -10.44
N LEU E 35 13.96 18.46 -11.63
CA LEU E 35 14.55 17.24 -12.14
C LEU E 35 16.00 17.31 -12.50
N GLN E 36 16.47 18.52 -12.81
CA GLN E 36 17.85 18.73 -13.20
C GLN E 36 18.88 18.14 -12.21
N PRO E 37 18.87 18.58 -10.94
CA PRO E 37 19.85 17.99 -10.03
C PRO E 37 19.66 16.51 -9.79
N LEU E 38 18.41 16.05 -9.80
CA LEU E 38 18.13 14.64 -9.59
C LEU E 38 18.68 13.81 -10.74
N LEU E 39 18.47 14.27 -11.98
CA LEU E 39 18.93 13.55 -13.14
C LEU E 39 20.46 13.52 -13.18
N GLN E 40 21.10 14.64 -12.87
CA GLN E 40 22.55 14.63 -12.86
C GLN E 40 23.14 13.67 -11.82
N SER E 41 22.58 13.61 -10.63
CA SER E 41 23.12 12.67 -9.65
C SER E 41 22.89 11.24 -10.14
N ALA E 42 21.73 11.02 -10.77
CA ALA E 42 21.43 9.71 -11.30
C ALA E 42 22.52 9.35 -12.27
N GLN E 43 22.92 10.31 -13.11
CA GLN E 43 23.98 10.09 -14.08
C GLN E 43 25.35 9.82 -13.43
N LEU E 44 25.76 10.66 -12.48
CA LEU E 44 27.06 10.49 -11.80
C LEU E 44 27.20 9.18 -11.04
N THR E 45 26.12 8.74 -10.42
CA THR E 45 26.19 7.50 -9.65
C THR E 45 25.76 6.24 -10.40
N GLY E 46 25.51 6.37 -11.71
CA GLY E 46 25.13 5.24 -12.52
C GLY E 46 23.78 4.59 -12.21
N MET E 47 22.78 5.35 -11.77
CA MET E 47 21.50 4.73 -11.47
C MET E 47 20.77 4.33 -12.74
N THR E 48 19.82 3.40 -12.62
CA THR E 48 19.03 3.02 -13.76
C THR E 48 17.77 3.86 -13.70
N VAL E 49 17.54 4.65 -14.73
CA VAL E 49 16.36 5.48 -14.77
C VAL E 49 15.42 4.98 -15.83
N THR E 50 14.14 5.28 -15.61
CA THR E 50 13.07 4.87 -16.50
C THR E 50 12.31 6.10 -16.88
N ILE E 51 12.35 6.43 -18.16
CA ILE E 51 11.67 7.62 -18.65
C ILE E 51 10.23 7.22 -18.91
N ILE E 52 9.31 7.96 -18.31
CA ILE E 52 7.90 7.65 -18.44
C ILE E 52 7.17 8.78 -19.15
N SER E 53 6.51 8.46 -20.25
CA SER E 53 5.79 9.47 -21.01
C SER E 53 4.80 8.87 -21.96
N ASN E 54 3.96 9.71 -22.55
CA ASN E 54 2.94 9.28 -23.50
C ASN E 54 3.51 9.04 -24.88
N THR E 55 4.50 9.86 -25.25
CA THR E 55 5.14 9.75 -26.54
C THR E 55 6.54 9.28 -26.20
N CYS E 56 6.94 8.14 -26.75
CA CYS E 56 8.26 7.61 -26.47
C CYS E 56 9.32 7.77 -27.54
N SER E 57 8.99 8.47 -28.62
CA SER E 57 9.94 8.67 -29.70
C SER E 57 11.07 9.65 -29.30
N SER E 58 12.28 9.36 -29.76
CA SER E 58 13.41 10.21 -29.43
C SER E 58 13.01 11.67 -29.68
N GLY E 59 13.40 12.56 -28.77
CA GLY E 59 13.08 13.97 -28.92
C GLY E 59 11.82 14.41 -28.20
N SER E 60 11.15 13.46 -27.53
CA SER E 60 9.91 13.74 -26.81
C SER E 60 10.11 14.31 -25.41
N GLY E 61 9.10 15.03 -24.92
CA GLY E 61 9.15 15.60 -23.59
C GLY E 61 8.67 14.57 -22.57
N PHE E 62 9.08 14.71 -21.31
CA PHE E 62 8.71 13.79 -20.24
C PHE E 62 8.72 14.55 -18.94
N ALA E 63 7.92 14.11 -17.98
CA ALA E 63 7.88 14.78 -16.68
C ALA E 63 7.78 13.79 -15.54
N GLU E 64 7.98 12.52 -15.86
CA GLU E 64 7.90 11.45 -14.88
C GLU E 64 9.10 10.52 -15.10
N VAL E 65 9.76 10.12 -14.02
CA VAL E 65 10.92 9.25 -14.16
C VAL E 65 11.12 8.47 -12.90
N GLN E 66 11.50 7.21 -13.07
CA GLN E 66 11.78 6.34 -11.96
C GLN E 66 13.30 6.11 -11.80
N PHE E 67 13.77 6.14 -10.55
CA PHE E 67 15.18 5.92 -10.26
C PHE E 67 15.37 4.61 -9.53
N ASN E 68 16.10 3.68 -10.14
CA ASN E 68 16.37 2.37 -9.55
C ASN E 68 17.85 2.24 -9.19
N ALA F 1 -33.36 -41.84 -0.90
CA ALA F 1 -34.78 -41.56 -0.56
C ALA F 1 -34.95 -40.16 0.06
N ASP F 2 -36.15 -39.61 -0.05
CA ASP F 2 -36.49 -38.30 0.52
C ASP F 2 -36.90 -38.49 1.98
N CYS F 3 -35.94 -38.41 2.88
CA CYS F 3 -36.21 -38.60 4.30
C CYS F 3 -37.09 -37.55 4.97
N ALA F 4 -36.86 -36.28 4.70
CA ALA F 4 -37.66 -35.21 5.32
C ALA F 4 -37.75 -34.02 4.39
N LYS F 5 -38.74 -33.18 4.59
CA LYS F 5 -38.88 -32.03 3.75
C LYS F 5 -39.61 -30.96 4.52
N GLY F 6 -38.99 -29.79 4.66
CA GLY F 6 -39.60 -28.69 5.38
C GLY F 6 -38.57 -27.67 5.80
N LYS F 7 -38.96 -26.73 6.65
CA LYS F 7 -38.04 -25.71 7.13
C LYS F 7 -37.11 -26.37 8.15
N ILE F 8 -35.95 -25.78 8.40
CA ILE F 8 -35.06 -26.32 9.40
C ILE F 8 -35.58 -25.74 10.70
N GLU F 9 -35.85 -26.61 11.66
CA GLU F 9 -36.39 -26.19 12.94
C GLU F 9 -35.28 -25.58 13.80
N PHE F 10 -34.14 -26.25 13.83
CA PHE F 10 -32.97 -25.76 14.54
C PHE F 10 -31.75 -26.49 13.99
N SER F 11 -30.56 -25.92 14.20
CA SER F 11 -29.32 -26.55 13.76
C SER F 11 -28.35 -26.55 14.91
N LYS F 12 -27.39 -27.45 14.87
CA LYS F 12 -26.45 -27.57 15.96
C LYS F 12 -25.11 -27.99 15.44
N TYR F 13 -24.07 -27.26 15.84
CA TYR F 13 -22.69 -27.58 15.46
C TYR F 13 -22.20 -28.47 16.58
N ASN F 14 -21.74 -29.66 16.22
CA ASN F 14 -21.30 -30.63 17.22
C ASN F 14 -19.81 -30.67 17.48
N GLU F 15 -19.44 -31.10 18.68
CA GLU F 15 -18.06 -31.17 19.09
C GLU F 15 -17.18 -31.99 18.15
N ASP F 16 -17.72 -33.05 17.54
CA ASP F 16 -16.95 -33.86 16.62
C ASP F 16 -16.90 -33.19 15.25
N ASN F 17 -17.36 -31.96 15.19
CA ASN F 17 -17.35 -31.22 13.94
C ASN F 17 -18.40 -31.62 12.90
N THR F 18 -19.43 -32.38 13.29
CA THR F 18 -20.49 -32.71 12.35
C THR F 18 -21.53 -31.63 12.60
N PHE F 19 -22.55 -31.61 11.76
CA PHE F 19 -23.58 -30.58 11.87
C PHE F 19 -24.96 -31.24 11.83
N THR F 20 -25.81 -30.90 12.81
CA THR F 20 -27.16 -31.47 12.88
C THR F 20 -28.25 -30.47 12.56
N VAL F 21 -29.27 -30.92 11.85
CA VAL F 21 -30.43 -30.08 11.53
C VAL F 21 -31.68 -30.88 11.88
N LYS F 22 -32.73 -30.19 12.28
CA LYS F 22 -33.97 -30.86 12.61
C LYS F 22 -34.99 -30.45 11.58
N VAL F 23 -35.47 -31.42 10.81
CA VAL F 23 -36.46 -31.17 9.77
C VAL F 23 -37.63 -32.16 9.96
N SER F 24 -38.87 -31.64 9.96
CA SER F 24 -40.06 -32.48 10.12
C SER F 24 -39.96 -33.36 11.36
N GLY F 25 -39.59 -32.76 12.48
CA GLY F 25 -39.51 -33.52 13.71
C GLY F 25 -38.39 -34.54 13.80
N ARG F 26 -37.59 -34.70 12.76
CA ARG F 26 -36.48 -35.66 12.82
C ARG F 26 -35.13 -34.94 12.72
N GLU F 27 -34.12 -35.51 13.37
CA GLU F 27 -32.79 -34.95 13.36
C GLU F 27 -31.89 -35.70 12.40
N TYR F 28 -31.05 -34.97 11.69
CA TYR F 28 -30.09 -35.59 10.78
C TYR F 28 -28.78 -34.82 10.87
N TRP F 29 -27.68 -35.54 10.72
CA TRP F 29 -26.38 -34.90 10.80
C TRP F 29 -25.56 -35.16 9.53
N THR F 30 -24.57 -34.33 9.32
CA THR F 30 -23.71 -34.47 8.17
C THR F 30 -22.29 -34.09 8.59
N ASN F 31 -21.31 -34.73 7.97
CA ASN F 31 -19.94 -34.39 8.26
C ASN F 31 -19.36 -33.58 7.12
N ARG F 32 -20.23 -33.04 6.28
CA ARG F 32 -19.75 -32.23 5.17
C ARG F 32 -19.74 -30.78 5.54
N TRP F 33 -18.53 -30.27 5.79
CA TRP F 33 -18.30 -28.89 6.16
C TRP F 33 -18.89 -27.86 5.23
N ASN F 34 -18.83 -28.12 3.93
CA ASN F 34 -19.36 -27.17 2.95
C ASN F 34 -20.82 -26.93 3.24
N LEU F 35 -21.52 -27.95 3.71
CA LEU F 35 -22.94 -27.79 3.97
C LEU F 35 -23.30 -26.89 5.13
N GLN F 36 -22.39 -26.78 6.10
CA GLN F 36 -22.67 -25.96 7.27
C GLN F 36 -23.19 -24.57 6.95
N PRO F 37 -22.41 -23.75 6.23
CA PRO F 37 -22.97 -22.42 5.96
C PRO F 37 -24.22 -22.50 5.07
N LEU F 38 -24.28 -23.43 4.12
CA LEU F 38 -25.46 -23.49 3.23
C LEU F 38 -26.69 -23.82 4.06
N LEU F 39 -26.53 -24.77 4.98
CA LEU F 39 -27.63 -25.16 5.83
C LEU F 39 -28.07 -24.03 6.72
N GLN F 40 -27.13 -23.30 7.32
CA GLN F 40 -27.53 -22.19 8.18
C GLN F 40 -28.25 -21.10 7.40
N SER F 41 -27.81 -20.79 6.18
CA SER F 41 -28.50 -19.74 5.43
C SER F 41 -29.92 -20.17 5.17
N ALA F 42 -30.07 -21.43 4.80
CA ALA F 42 -31.35 -22.04 4.51
C ALA F 42 -32.25 -21.86 5.72
N GLN F 43 -31.71 -22.11 6.91
CA GLN F 43 -32.47 -21.92 8.14
C GLN F 43 -32.90 -20.47 8.39
N LEU F 44 -32.02 -19.50 8.19
CA LEU F 44 -32.36 -18.08 8.41
C LEU F 44 -33.29 -17.45 7.42
N THR F 45 -33.38 -18.02 6.23
CA THR F 45 -34.22 -17.45 5.20
C THR F 45 -35.50 -18.24 5.00
N GLY F 46 -35.65 -19.32 5.75
CA GLY F 46 -36.84 -20.13 5.63
C GLY F 46 -36.94 -20.96 4.37
N MET F 47 -35.83 -21.45 3.84
CA MET F 47 -35.94 -22.25 2.65
C MET F 47 -36.47 -23.62 3.00
N THR F 48 -37.03 -24.31 2.00
CA THR F 48 -37.52 -25.66 2.25
C THR F 48 -36.38 -26.57 1.87
N VAL F 49 -35.94 -27.40 2.81
CA VAL F 49 -34.83 -28.29 2.52
C VAL F 49 -35.36 -29.71 2.44
N THR F 50 -34.74 -30.54 1.62
CA THR F 50 -35.16 -31.91 1.50
C THR F 50 -33.93 -32.73 1.83
N ILE F 51 -33.99 -33.47 2.92
CA ILE F 51 -32.88 -34.30 3.35
C ILE F 51 -32.95 -35.64 2.59
N ILE F 52 -31.91 -35.94 1.82
CA ILE F 52 -31.87 -37.15 1.00
C ILE F 52 -30.84 -38.15 1.53
N SER F 53 -31.30 -39.36 1.84
CA SER F 53 -30.41 -40.39 2.36
C SER F 53 -31.00 -41.78 2.17
N ASN F 54 -30.22 -42.79 2.55
CA ASN F 54 -30.64 -44.20 2.45
C ASN F 54 -31.35 -44.61 3.70
N THR F 55 -30.90 -44.07 4.82
CA THR F 55 -31.50 -44.34 6.11
C THR F 55 -32.20 -43.05 6.54
N CYS F 56 -33.53 -43.10 6.65
CA CYS F 56 -34.31 -41.92 7.00
C CYS F 56 -34.79 -41.80 8.45
N SER F 57 -34.31 -42.67 9.32
CA SER F 57 -34.72 -42.62 10.71
C SER F 57 -33.96 -41.49 11.41
N SER F 58 -34.65 -40.82 12.34
CA SER F 58 -34.04 -39.73 13.10
C SER F 58 -32.69 -40.16 13.71
N GLY F 59 -31.66 -39.31 13.55
CA GLY F 59 -30.35 -39.63 14.06
C GLY F 59 -29.40 -40.12 12.97
N SER F 60 -29.95 -40.27 11.77
CA SER F 60 -29.19 -40.75 10.61
C SER F 60 -28.32 -39.69 9.92
N GLY F 61 -27.25 -40.14 9.26
CA GLY F 61 -26.36 -39.25 8.54
C GLY F 61 -26.86 -38.98 7.12
N PHE F 62 -26.45 -37.87 6.53
CA PHE F 62 -26.87 -37.54 5.19
C PHE F 62 -25.78 -36.70 4.55
N ALA F 63 -25.71 -36.74 3.22
CA ALA F 63 -24.71 -35.98 2.50
C ALA F 63 -25.28 -35.41 1.23
N GLU F 64 -26.61 -35.45 1.11
CA GLU F 64 -27.26 -34.94 -0.06
C GLU F 64 -28.50 -34.16 0.39
N VAL F 65 -28.65 -32.94 -0.11
CA VAL F 65 -29.78 -32.12 0.28
C VAL F 65 -30.16 -31.18 -0.85
N GLN F 66 -31.45 -30.93 -0.98
CA GLN F 66 -31.93 -30.05 -2.01
C GLN F 66 -32.51 -28.81 -1.35
N PHE F 67 -32.29 -27.65 -1.95
CA PHE F 67 -32.81 -26.41 -1.39
C PHE F 67 -33.85 -25.79 -2.32
N ASN F 68 -35.04 -25.55 -1.80
CA ASN F 68 -36.10 -24.96 -2.60
C ASN F 68 -36.51 -23.59 -2.11
N ALA G 1 -20.53 -20.70 -24.39
CA ALA G 1 -21.90 -20.24 -24.79
C ALA G 1 -22.75 -19.93 -23.56
N ASP G 2 -23.78 -19.12 -23.73
CA ASP G 2 -24.67 -18.79 -22.63
C ASP G 2 -25.74 -19.84 -22.63
N CYS G 3 -25.59 -20.85 -21.79
CA CYS G 3 -26.53 -21.96 -21.73
C CYS G 3 -27.92 -21.62 -21.20
N ALA G 4 -27.98 -20.91 -20.08
CA ALA G 4 -29.26 -20.56 -19.48
C ALA G 4 -29.11 -19.24 -18.77
N LYS G 5 -30.22 -18.56 -18.57
CA LYS G 5 -30.21 -17.28 -17.90
C LYS G 5 -31.51 -17.10 -17.17
N GLY G 6 -31.45 -16.81 -15.87
CA GLY G 6 -32.66 -16.62 -15.11
C GLY G 6 -32.40 -16.82 -13.64
N LYS G 7 -33.46 -16.96 -12.84
CA LYS G 7 -33.33 -17.17 -11.40
C LYS G 7 -33.03 -18.63 -11.16
N ILE G 8 -32.38 -18.94 -10.05
CA ILE G 8 -32.07 -20.33 -9.73
C ILE G 8 -33.34 -20.89 -9.10
N GLU G 9 -33.94 -21.87 -9.78
CA GLU G 9 -35.19 -22.50 -9.33
C GLU G 9 -34.96 -23.28 -8.04
N PHE G 10 -33.90 -24.07 -8.00
CA PHE G 10 -33.53 -24.81 -6.81
C PHE G 10 -32.08 -25.25 -6.95
N SER G 11 -31.46 -25.62 -5.84
CA SER G 11 -30.08 -26.07 -5.89
C SER G 11 -30.00 -27.34 -5.10
N LYS G 12 -28.97 -28.12 -5.35
CA LYS G 12 -28.85 -29.39 -4.66
C LYS G 12 -27.40 -29.73 -4.42
N TYR G 13 -27.06 -30.11 -3.20
CA TYR G 13 -25.70 -30.49 -2.89
C TYR G 13 -25.71 -32.01 -3.09
N ASN G 14 -24.80 -32.50 -3.93
CA ASN G 14 -24.79 -33.93 -4.21
C ASN G 14 -23.78 -34.70 -3.40
N GLU G 15 -23.94 -36.02 -3.40
CA GLU G 15 -23.08 -36.87 -2.62
C GLU G 15 -21.64 -36.90 -3.07
N ASP G 16 -21.40 -36.65 -4.34
CA ASP G 16 -20.02 -36.62 -4.83
C ASP G 16 -19.39 -35.24 -4.60
N ASN G 17 -20.07 -34.39 -3.84
CA ASN G 17 -19.61 -33.03 -3.52
C ASN G 17 -19.74 -32.03 -4.67
N THR G 18 -20.49 -32.38 -5.70
CA THR G 18 -20.73 -31.43 -6.80
C THR G 18 -22.00 -30.71 -6.38
N PHE G 19 -22.28 -29.60 -7.04
CA PHE G 19 -23.42 -28.78 -6.70
C PHE G 19 -24.23 -28.63 -8.00
N THR G 20 -25.55 -28.75 -7.91
CA THR G 20 -26.47 -28.63 -9.05
C THR G 20 -27.41 -27.46 -8.87
N VAL G 21 -27.66 -26.71 -9.94
CA VAL G 21 -28.63 -25.61 -9.89
C VAL G 21 -29.55 -25.79 -11.08
N LYS G 22 -30.79 -25.33 -10.96
CA LYS G 22 -31.72 -25.46 -12.07
C LYS G 22 -32.09 -24.06 -12.51
N VAL G 23 -31.75 -23.73 -13.76
CA VAL G 23 -31.99 -22.42 -14.34
C VAL G 23 -32.69 -22.65 -15.66
N SER G 24 -33.77 -21.92 -15.90
CA SER G 24 -34.54 -22.05 -17.14
C SER G 24 -34.98 -23.49 -17.46
N GLY G 25 -35.40 -24.24 -16.45
CA GLY G 25 -35.86 -25.58 -16.71
C GLY G 25 -34.78 -26.61 -16.94
N ARG G 26 -33.52 -26.20 -16.98
CA ARG G 26 -32.43 -27.14 -17.19
C ARG G 26 -31.53 -27.22 -15.96
N GLU G 27 -30.91 -28.37 -15.75
CA GLU G 27 -30.06 -28.55 -14.60
C GLU G 27 -28.60 -28.57 -15.01
N TYR G 28 -27.76 -27.97 -14.17
CA TYR G 28 -26.34 -27.93 -14.44
C TYR G 28 -25.62 -28.13 -13.13
N TRP G 29 -24.47 -28.76 -13.22
CA TRP G 29 -23.70 -29.02 -12.01
C TRP G 29 -22.28 -28.47 -12.15
N THR G 30 -21.61 -28.27 -11.02
CA THR G 30 -20.26 -27.74 -11.01
C THR G 30 -19.48 -28.37 -9.89
N ASN G 31 -18.18 -28.54 -10.07
CA ASN G 31 -17.34 -29.10 -9.01
C ASN G 31 -16.42 -28.00 -8.43
N ARG G 32 -16.57 -26.76 -8.89
CA ARG G 32 -15.84 -25.61 -8.35
C ARG G 32 -16.57 -25.35 -7.04
N TRP G 33 -16.02 -25.82 -5.92
CA TRP G 33 -16.75 -25.65 -4.65
C TRP G 33 -16.84 -24.17 -4.18
N ASN G 34 -15.93 -23.28 -4.64
CA ASN G 34 -16.00 -21.84 -4.31
C ASN G 34 -17.39 -21.32 -4.70
N LEU G 35 -17.89 -21.82 -5.82
CA LEU G 35 -19.17 -21.39 -6.35
C LEU G 35 -20.33 -21.73 -5.46
N GLN G 36 -20.21 -22.77 -4.63
CA GLN G 36 -21.36 -23.15 -3.79
C GLN G 36 -22.01 -22.03 -2.97
N PRO G 37 -21.21 -21.28 -2.20
CA PRO G 37 -21.83 -20.19 -1.43
C PRO G 37 -22.33 -19.06 -2.32
N LEU G 38 -21.55 -18.73 -3.36
CA LEU G 38 -21.92 -17.67 -4.31
C LEU G 38 -23.24 -18.01 -4.98
N LEU G 39 -23.36 -19.25 -5.44
CA LEU G 39 -24.57 -19.69 -6.09
C LEU G 39 -25.74 -19.65 -5.13
N GLN G 40 -25.55 -20.09 -3.88
CA GLN G 40 -26.68 -20.07 -2.94
C GLN G 40 -27.15 -18.65 -2.64
N SER G 41 -26.19 -17.76 -2.40
CA SER G 41 -26.52 -16.36 -2.15
C SER G 41 -27.36 -15.88 -3.34
N ALA G 42 -26.84 -16.13 -4.53
CA ALA G 42 -27.58 -15.71 -5.73
C ALA G 42 -29.00 -16.28 -5.65
N GLN G 43 -29.12 -17.53 -5.21
CA GLN G 43 -30.47 -18.13 -5.13
C GLN G 43 -31.35 -17.45 -4.09
N LEU G 44 -30.75 -17.19 -2.91
CA LEU G 44 -31.47 -16.56 -1.80
C LEU G 44 -32.01 -15.18 -2.21
N THR G 45 -31.10 -14.33 -2.67
CA THR G 45 -31.39 -12.97 -3.09
C THR G 45 -32.16 -12.91 -4.39
N GLY G 46 -32.22 -14.03 -5.09
CA GLY G 46 -32.95 -14.06 -6.34
C GLY G 46 -32.30 -13.40 -7.55
N MET G 47 -30.95 -13.31 -7.58
CA MET G 47 -30.18 -12.71 -8.69
C MET G 47 -30.33 -13.46 -9.99
N THR G 48 -30.14 -12.79 -11.12
CA THR G 48 -30.20 -13.46 -12.41
C THR G 48 -28.79 -14.02 -12.68
N VAL G 49 -28.69 -15.34 -12.84
CA VAL G 49 -27.41 -15.95 -13.12
C VAL G 49 -27.47 -16.45 -14.54
N THR G 50 -26.29 -16.50 -15.15
CA THR G 50 -26.13 -16.94 -16.52
C THR G 50 -25.10 -18.07 -16.48
N ILE G 51 -25.53 -19.28 -16.82
CA ILE G 51 -24.66 -20.42 -16.83
C ILE G 51 -23.93 -20.39 -18.16
N ILE G 52 -22.59 -20.48 -18.11
CA ILE G 52 -21.74 -20.44 -19.29
C ILE G 52 -20.96 -21.74 -19.44
N SER G 53 -21.08 -22.38 -20.58
CA SER G 53 -20.41 -23.65 -20.79
C SER G 53 -20.37 -23.98 -22.27
N ASN G 54 -19.69 -25.07 -22.62
CA ASN G 54 -19.56 -25.51 -24.00
C ASN G 54 -20.69 -26.42 -24.38
N THR G 55 -21.19 -27.14 -23.39
CA THR G 55 -22.30 -28.06 -23.57
C THR G 55 -23.46 -27.46 -22.78
N CYS G 56 -24.53 -27.08 -23.46
CA CYS G 56 -25.66 -26.47 -22.78
C CYS G 56 -26.85 -27.36 -22.51
N SER G 57 -26.74 -28.65 -22.81
CA SER G 57 -27.84 -29.57 -22.58
C SER G 57 -28.00 -29.86 -21.09
N SER G 58 -29.25 -29.95 -20.62
CA SER G 58 -29.54 -30.23 -19.20
C SER G 58 -28.66 -31.38 -18.71
N GLY G 59 -28.12 -31.26 -17.49
CA GLY G 59 -27.26 -32.29 -16.96
C GLY G 59 -25.78 -32.07 -17.22
N SER G 60 -25.44 -31.01 -17.94
CA SER G 60 -24.04 -30.69 -18.28
C SER G 60 -23.31 -29.95 -17.18
N GLY G 61 -21.99 -30.08 -17.18
CA GLY G 61 -21.19 -29.41 -16.19
C GLY G 61 -20.85 -28.00 -16.61
N PHE G 62 -20.53 -27.15 -15.66
CA PHE G 62 -20.17 -25.76 -15.97
C PHE G 62 -19.17 -25.24 -14.91
N ALA G 63 -18.37 -24.23 -15.24
CA ALA G 63 -17.44 -23.70 -14.25
C ALA G 63 -17.30 -22.21 -14.43
N GLU G 64 -18.24 -21.62 -15.17
CA GLU G 64 -18.21 -20.19 -15.41
C GLU G 64 -19.63 -19.69 -15.27
N VAL G 65 -19.82 -18.59 -14.55
CA VAL G 65 -21.16 -18.05 -14.36
C VAL G 65 -21.15 -16.54 -14.14
N GLN G 66 -22.13 -15.84 -14.72
CA GLN G 66 -22.25 -14.38 -14.58
C GLN G 66 -23.37 -14.09 -13.60
N PHE G 67 -23.17 -13.13 -12.70
CA PHE G 67 -24.18 -12.76 -11.72
C PHE G 67 -24.65 -11.35 -12.02
N ASN G 68 -25.90 -11.22 -12.41
CA ASN G 68 -26.48 -9.93 -12.79
C ASN G 68 -27.38 -9.33 -11.74
N ALA H 1 -3.71 4.24 -9.12
CA ALA H 1 -4.71 5.18 -9.70
C ALA H 1 -6.12 4.68 -9.51
N ASP H 2 -7.08 5.61 -9.45
CA ASP H 2 -8.49 5.27 -9.30
C ASP H 2 -9.09 5.03 -10.66
N CYS H 3 -9.20 3.77 -11.06
CA CYS H 3 -9.72 3.39 -12.37
C CYS H 3 -11.20 3.58 -12.61
N ALA H 4 -12.01 3.21 -11.65
CA ALA H 4 -13.45 3.31 -11.79
C ALA H 4 -14.09 3.40 -10.42
N LYS H 5 -15.25 4.03 -10.36
CA LYS H 5 -15.94 4.16 -9.08
C LYS H 5 -17.44 4.10 -9.32
N GLY H 6 -18.13 3.22 -8.60
CA GLY H 6 -19.57 3.10 -8.75
C GLY H 6 -20.08 1.74 -8.27
N LYS H 7 -21.33 1.41 -8.59
CA LYS H 7 -21.91 0.13 -8.18
C LYS H 7 -21.39 -0.94 -9.10
N ILE H 8 -21.37 -2.19 -8.63
CA ILE H 8 -20.91 -3.26 -9.48
C ILE H 8 -22.12 -3.63 -10.32
N GLU H 9 -21.96 -3.47 -11.64
CA GLU H 9 -23.02 -3.76 -12.60
C GLU H 9 -23.30 -5.27 -12.65
N PHE H 10 -22.26 -6.07 -12.82
CA PHE H 10 -22.42 -7.52 -12.79
C PHE H 10 -21.07 -8.11 -12.44
N SER H 11 -21.05 -9.37 -12.04
CA SER H 11 -19.80 -9.99 -11.72
C SER H 11 -19.79 -11.33 -12.45
N LYS H 12 -18.61 -11.91 -12.59
CA LYS H 12 -18.51 -13.16 -13.32
C LYS H 12 -17.33 -14.00 -12.84
N TYR H 13 -17.62 -15.25 -12.53
CA TYR H 13 -16.60 -16.17 -12.06
C TYR H 13 -16.12 -16.82 -13.34
N ASN H 14 -14.83 -16.71 -13.62
CA ASN H 14 -14.26 -17.25 -14.84
C ASN H 14 -13.69 -18.63 -14.68
N GLU H 15 -13.54 -19.31 -15.80
CA GLU H 15 -13.00 -20.65 -15.81
C GLU H 15 -11.57 -20.76 -15.26
N ASP H 16 -10.74 -19.73 -15.45
CA ASP H 16 -9.37 -19.77 -14.95
C ASP H 16 -9.30 -19.40 -13.48
N ASN H 17 -10.47 -19.31 -12.85
CA ASN H 17 -10.61 -18.98 -11.43
C ASN H 17 -10.40 -17.52 -11.07
N THR H 18 -10.42 -16.65 -12.08
CA THR H 18 -10.29 -15.22 -11.81
C THR H 18 -11.73 -14.73 -11.64
N PHE H 19 -11.89 -13.49 -11.19
CA PHE H 19 -13.21 -12.96 -10.95
C PHE H 19 -13.26 -11.61 -11.64
N THR H 20 -14.34 -11.37 -12.41
CA THR H 20 -14.52 -10.13 -13.12
C THR H 20 -15.71 -9.34 -12.60
N VAL H 21 -15.57 -8.02 -12.55
CA VAL H 21 -16.63 -7.13 -12.11
C VAL H 21 -16.68 -6.02 -13.12
N LYS H 22 -17.87 -5.46 -13.34
CA LYS H 22 -18.03 -4.34 -14.27
C LYS H 22 -18.45 -3.10 -13.45
N VAL H 23 -17.62 -2.08 -13.53
CA VAL H 23 -17.84 -0.84 -12.78
C VAL H 23 -17.64 0.34 -13.74
N SER H 24 -18.63 1.23 -13.81
CA SER H 24 -18.54 2.39 -14.68
C SER H 24 -18.33 1.99 -16.15
N GLY H 25 -19.09 1.01 -16.62
CA GLY H 25 -18.95 0.59 -18.01
C GLY H 25 -17.66 -0.13 -18.36
N ARG H 26 -16.75 -0.29 -17.41
CA ARG H 26 -15.51 -0.99 -17.71
C ARG H 26 -15.38 -2.27 -16.91
N GLU H 27 -14.80 -3.30 -17.52
CA GLU H 27 -14.62 -4.56 -16.83
C GLU H 27 -13.20 -4.70 -16.26
N TYR H 28 -13.08 -5.29 -15.07
CA TYR H 28 -11.80 -5.52 -14.44
C TYR H 28 -11.83 -6.92 -13.82
N TRP H 29 -10.69 -7.59 -13.78
CA TRP H 29 -10.62 -8.92 -13.18
C TRP H 29 -9.54 -8.96 -12.10
N THR H 30 -9.60 -9.97 -11.24
CA THR H 30 -8.63 -10.09 -10.18
C THR H 30 -8.42 -11.55 -9.89
N ASN H 31 -7.22 -11.94 -9.48
CA ASN H 31 -6.98 -13.33 -9.16
C ASN H 31 -6.86 -13.53 -7.66
N ARG H 32 -7.24 -12.51 -6.89
CA ARG H 32 -7.21 -12.59 -5.44
C ARG H 32 -8.48 -13.29 -4.91
N TRP H 33 -8.30 -14.54 -4.49
CA TRP H 33 -9.35 -15.39 -3.95
C TRP H 33 -10.24 -14.67 -2.98
N ASN H 34 -9.60 -14.08 -1.99
CA ASN H 34 -10.29 -13.40 -0.93
C ASN H 34 -11.25 -12.34 -1.35
N LEU H 35 -11.03 -11.74 -2.52
CA LEU H 35 -11.91 -10.69 -2.97
C LEU H 35 -13.23 -11.16 -3.50
N GLN H 36 -13.27 -12.41 -3.94
CA GLN H 36 -14.49 -12.95 -4.51
C GLN H 36 -15.72 -12.75 -3.63
N PRO H 37 -15.70 -13.27 -2.40
CA PRO H 37 -16.89 -13.08 -1.55
C PRO H 37 -17.12 -11.61 -1.19
N LEU H 38 -16.02 -10.87 -0.98
CA LEU H 38 -16.16 -9.47 -0.63
C LEU H 38 -16.80 -8.71 -1.75
N LEU H 39 -16.38 -9.00 -2.98
CA LEU H 39 -16.92 -8.29 -4.12
C LEU H 39 -18.40 -8.63 -4.31
N GLN H 40 -18.74 -9.91 -4.15
CA GLN H 40 -20.14 -10.29 -4.32
C GLN H 40 -21.03 -9.61 -3.31
N SER H 41 -20.61 -9.58 -2.04
CA SER H 41 -21.41 -8.90 -1.03
C SER H 41 -21.59 -7.42 -1.40
N ALA H 42 -20.54 -6.80 -1.93
CA ALA H 42 -20.61 -5.41 -2.31
C ALA H 42 -21.65 -5.24 -3.40
N GLN H 43 -21.68 -6.20 -4.32
CA GLN H 43 -22.64 -6.16 -5.41
C GLN H 43 -24.06 -6.39 -4.85
N LEU H 44 -24.23 -7.35 -3.96
CA LEU H 44 -25.52 -7.62 -3.36
C LEU H 44 -26.15 -6.48 -2.59
N THR H 45 -25.37 -5.77 -1.78
CA THR H 45 -25.89 -4.66 -0.99
C THR H 45 -25.77 -3.31 -1.69
N GLY H 46 -25.23 -3.31 -2.90
CA GLY H 46 -25.09 -2.07 -3.62
C GLY H 46 -24.10 -1.06 -3.04
N MET H 47 -22.90 -1.49 -2.65
CA MET H 47 -21.87 -0.58 -2.10
C MET H 47 -21.14 0.09 -3.22
N THR H 48 -20.62 1.28 -2.97
CA THR H 48 -19.84 1.91 -4.01
C THR H 48 -18.40 1.33 -3.88
N VAL H 49 -17.87 0.73 -4.95
CA VAL H 49 -16.53 0.21 -4.86
C VAL H 49 -15.65 1.08 -5.73
N THR H 50 -14.37 1.11 -5.40
CA THR H 50 -13.43 1.86 -6.18
C THR H 50 -12.34 0.88 -6.63
N ILE H 51 -12.22 0.69 -7.93
CA ILE H 51 -11.18 -0.18 -8.48
C ILE H 51 -9.88 0.61 -8.56
N ILE H 52 -8.84 0.07 -7.96
CA ILE H 52 -7.55 0.74 -7.95
C ILE H 52 -6.48 -0.08 -8.63
N SER H 53 -5.87 0.47 -9.66
CA SER H 53 -4.82 -0.22 -10.41
C SER H 53 -3.90 0.74 -11.16
N ASN H 54 -2.88 0.19 -11.82
CA ASN H 54 -1.93 0.97 -12.60
C ASN H 54 -2.39 1.17 -14.02
N THR H 55 -3.13 0.18 -14.50
CA THR H 55 -3.69 0.20 -15.84
C THR H 55 -5.20 0.28 -15.65
N CYS H 56 -5.83 1.34 -16.12
CA CYS H 56 -7.28 1.48 -15.91
C CYS H 56 -8.19 1.18 -17.09
N SER H 57 -7.60 0.73 -18.19
CA SER H 57 -8.39 0.41 -19.38
C SER H 57 -9.19 -0.87 -19.14
N SER H 58 -10.40 -0.92 -19.70
CA SER H 58 -11.28 -2.09 -19.56
C SER H 58 -10.53 -3.38 -19.91
N GLY H 59 -10.72 -4.40 -19.07
CA GLY H 59 -10.04 -5.68 -19.29
C GLY H 59 -8.73 -5.80 -18.52
N SER H 60 -8.41 -4.80 -17.71
CA SER H 60 -7.18 -4.85 -16.92
C SER H 60 -7.37 -5.56 -15.58
N GLY H 61 -6.27 -6.04 -15.02
CA GLY H 61 -6.31 -6.71 -13.73
C GLY H 61 -6.21 -5.70 -12.59
N PHE H 62 -6.63 -6.10 -11.40
CA PHE H 62 -6.59 -5.24 -10.23
C PHE H 62 -6.50 -6.12 -8.99
N ALA H 63 -5.97 -5.58 -7.89
CA ALA H 63 -5.84 -6.33 -6.67
C ALA H 63 -6.00 -5.41 -5.50
N GLU H 64 -6.53 -4.22 -5.76
CA GLU H 64 -6.77 -3.24 -4.70
C GLU H 64 -8.16 -2.63 -4.93
N VAL H 65 -8.95 -2.52 -3.89
CA VAL H 65 -10.27 -1.96 -4.05
C VAL H 65 -10.74 -1.43 -2.74
N GLN H 66 -11.46 -0.32 -2.79
CA GLN H 66 -11.98 0.28 -1.60
C GLN H 66 -13.50 0.19 -1.62
N PHE H 67 -14.08 -0.10 -0.47
CA PHE H 67 -15.52 -0.28 -0.33
C PHE H 67 -16.11 0.85 0.49
N ASN H 68 -17.01 1.63 -0.09
CA ASN H 68 -17.59 2.74 0.66
C ASN H 68 -19.04 2.57 0.99
N ALA I 1 -5.08 -2.22 24.22
CA ALA I 1 -5.92 -1.04 24.54
C ALA I 1 -7.07 -0.90 23.54
N ASP I 2 -8.04 -0.06 23.87
CA ASP I 2 -9.17 0.21 22.99
C ASP I 2 -8.78 1.42 22.14
N CYS I 3 -8.32 1.17 20.92
CA CYS I 3 -7.90 2.22 20.02
C CYS I 3 -9.01 3.06 19.39
N ALA I 4 -10.09 2.43 18.96
CA ALA I 4 -11.19 3.14 18.35
C ALA I 4 -12.49 2.37 18.48
N LYS I 5 -13.60 3.09 18.54
CA LYS I 5 -14.89 2.45 18.65
C LYS I 5 -15.90 3.21 17.82
N GLY I 6 -16.54 2.51 16.89
CA GLY I 6 -17.53 3.16 16.04
C GLY I 6 -17.87 2.33 14.82
N LYS I 7 -18.66 2.90 13.90
CA LYS I 7 -19.03 2.20 12.69
C LYS I 7 -17.83 2.25 11.78
N ILE I 8 -17.75 1.32 10.84
CA ILE I 8 -16.66 1.31 9.90
C ILE I 8 -17.08 2.30 8.82
N GLU I 9 -16.27 3.33 8.64
CA GLU I 9 -16.50 4.39 7.68
C GLU I 9 -16.26 3.89 6.24
N PHE I 10 -15.21 3.11 6.06
CA PHE I 10 -14.91 2.50 4.77
C PHE I 10 -13.85 1.43 5.02
N SER I 11 -13.72 0.50 4.09
CA SER I 11 -12.72 -0.53 4.22
C SER I 11 -11.96 -0.58 2.91
N LYS I 12 -10.77 -1.16 2.95
CA LYS I 12 -9.96 -1.23 1.75
C LYS I 12 -9.12 -2.48 1.71
N TYR I 13 -9.20 -3.19 0.59
CA TYR I 13 -8.42 -4.40 0.43
C TYR I 13 -7.18 -3.91 -0.29
N ASN I 14 -6.03 -4.17 0.31
CA ASN I 14 -4.77 -3.70 -0.23
C ASN I 14 -4.03 -4.72 -1.04
N GLU I 15 -3.12 -4.22 -1.85
CA GLU I 15 -2.36 -5.07 -2.72
C GLU I 15 -1.51 -6.11 -2.00
N ASP I 16 -1.06 -5.80 -0.78
CA ASP I 16 -0.24 -6.76 -0.04
C ASP I 16 -1.13 -7.78 0.69
N ASN I 17 -2.42 -7.76 0.36
CA ASN I 17 -3.43 -8.65 0.93
C ASN I 17 -3.81 -8.32 2.38
N THR I 18 -3.50 -7.11 2.83
CA THR I 18 -3.88 -6.69 4.17
C THR I 18 -5.21 -5.96 3.97
N PHE I 19 -5.92 -5.69 5.07
CA PHE I 19 -7.22 -5.10 4.95
C PHE I 19 -7.28 -3.90 5.87
N THR I 20 -7.75 -2.78 5.35
CA THR I 20 -7.84 -1.52 6.10
C THR I 20 -9.27 -1.07 6.38
N VAL I 21 -9.52 -0.60 7.60
CA VAL I 21 -10.82 -0.10 7.98
C VAL I 21 -10.61 1.26 8.64
N LYS I 22 -11.57 2.15 8.48
CA LYS I 22 -11.45 3.46 9.08
C LYS I 22 -12.54 3.60 10.12
N VAL I 23 -12.13 3.70 11.38
CA VAL I 23 -13.05 3.82 12.50
C VAL I 23 -12.69 5.07 13.32
N SER I 24 -13.68 5.91 13.60
CA SER I 24 -13.45 7.11 14.38
C SER I 24 -12.38 7.98 13.77
N GLY I 25 -12.41 8.16 12.46
CA GLY I 25 -11.40 8.99 11.80
C GLY I 25 -9.96 8.48 11.70
N ARG I 26 -9.69 7.28 12.22
CA ARG I 26 -8.36 6.71 12.16
C ARG I 26 -8.34 5.41 11.35
N GLU I 27 -7.23 5.15 10.66
CA GLU I 27 -7.12 3.95 9.85
C GLU I 27 -6.36 2.85 10.54
N TYR I 28 -6.82 1.63 10.37
CA TYR I 28 -6.14 0.48 10.96
C TYR I 28 -6.16 -0.61 9.91
N TRP I 29 -5.15 -1.48 9.93
CA TRP I 29 -5.07 -2.56 8.98
C TRP I 29 -4.78 -3.84 9.71
N THR I 30 -5.10 -4.95 9.06
CA THR I 30 -4.84 -6.25 9.67
C THR I 30 -4.41 -7.21 8.58
N ASN I 31 -3.56 -8.16 8.89
CA ASN I 31 -3.16 -9.14 7.91
C ASN I 31 -3.87 -10.50 8.16
N ARG I 32 -4.76 -10.57 9.13
CA ARG I 32 -5.48 -11.82 9.39
C ARG I 32 -6.52 -11.94 8.27
N TRP I 33 -6.33 -12.83 7.33
CA TRP I 33 -7.35 -12.92 6.30
C TRP I 33 -8.80 -13.34 6.74
N ASN I 34 -8.97 -13.96 7.93
CA ASN I 34 -10.28 -14.41 8.46
C ASN I 34 -11.14 -13.25 8.81
N LEU I 35 -10.50 -12.19 9.30
CA LEU I 35 -11.22 -10.97 9.66
C LEU I 35 -11.85 -10.23 8.50
N GLN I 36 -11.32 -10.42 7.30
CA GLN I 36 -11.85 -9.72 6.15
C GLN I 36 -13.37 -9.81 5.99
N PRO I 37 -13.93 -11.03 5.82
CA PRO I 37 -15.37 -11.12 5.68
C PRO I 37 -16.14 -10.65 6.92
N LEU I 38 -15.58 -10.89 8.11
CA LEU I 38 -16.24 -10.44 9.32
C LEU I 38 -16.28 -8.92 9.39
N LEU I 39 -15.18 -8.28 9.03
CA LEU I 39 -15.13 -6.84 9.05
C LEU I 39 -16.06 -6.27 8.04
N GLN I 40 -16.13 -6.87 6.84
CA GLN I 40 -17.03 -6.35 5.83
C GLN I 40 -18.49 -6.49 6.22
N SER I 41 -18.85 -7.62 6.84
CA SER I 41 -20.24 -7.78 7.24
C SER I 41 -20.57 -6.74 8.29
N ALA I 42 -19.60 -6.51 9.19
CA ALA I 42 -19.78 -5.50 10.23
C ALA I 42 -20.05 -4.14 9.60
N GLN I 43 -19.31 -3.82 8.55
CA GLN I 43 -19.51 -2.55 7.88
C GLN I 43 -20.87 -2.50 7.14
N LEU I 44 -21.25 -3.61 6.50
CA LEU I 44 -22.51 -3.69 5.74
C LEU I 44 -23.76 -3.43 6.56
N THR I 45 -23.75 -3.94 7.78
CA THR I 45 -24.89 -3.81 8.64
C THR I 45 -24.73 -2.75 9.72
N GLY I 46 -23.66 -1.97 9.64
CA GLY I 46 -23.44 -0.96 10.65
C GLY I 46 -23.20 -1.42 12.09
N MET I 47 -22.47 -2.51 12.33
CA MET I 47 -22.22 -2.88 13.73
C MET I 47 -21.18 -1.92 14.30
N THR I 48 -21.15 -1.80 15.61
CA THR I 48 -20.14 -0.95 16.22
C THR I 48 -18.97 -1.88 16.43
N VAL I 49 -17.81 -1.52 15.90
CA VAL I 49 -16.63 -2.37 16.10
C VAL I 49 -15.70 -1.67 17.05
N THR I 50 -14.89 -2.43 17.75
CA THR I 50 -13.90 -1.86 18.66
C THR I 50 -12.55 -2.44 18.28
N ILE I 51 -11.65 -1.58 17.80
CA ILE I 51 -10.32 -1.99 17.39
C ILE I 51 -9.46 -2.06 18.62
N ILE I 52 -8.84 -3.19 18.84
CA ILE I 52 -8.02 -3.39 20.01
C ILE I 52 -6.58 -3.68 19.61
N SER I 53 -5.65 -2.89 20.14
CA SER I 53 -4.24 -3.07 19.82
C SER I 53 -3.35 -2.37 20.84
N ASN I 54 -2.05 -2.53 20.69
CA ASN I 54 -1.06 -1.90 21.57
C ASN I 54 -0.73 -0.52 21.11
N THR I 55 -0.75 -0.32 19.80
CA THR I 55 -0.46 0.97 19.20
C THR I 55 -1.77 1.45 18.61
N CYS I 56 -2.27 2.58 19.08
CA CYS I 56 -3.54 3.07 18.61
C CYS I 56 -3.54 4.23 17.63
N SER I 57 -2.36 4.63 17.17
CA SER I 57 -2.23 5.73 16.22
C SER I 57 -2.68 5.30 14.84
N SER I 58 -3.35 6.20 14.14
CA SER I 58 -3.82 5.92 12.80
C SER I 58 -2.67 5.31 12.02
N GLY I 59 -2.96 4.27 11.24
CA GLY I 59 -1.96 3.61 10.44
C GLY I 59 -1.42 2.37 11.08
N SER I 60 -1.78 2.14 12.33
CA SER I 60 -1.35 0.96 13.09
C SER I 60 -2.04 -0.36 12.72
N GLY I 61 -1.35 -1.46 12.96
CA GLY I 61 -1.92 -2.77 12.69
C GLY I 61 -2.72 -3.26 13.91
N PHE I 62 -3.60 -4.24 13.69
CA PHE I 62 -4.41 -4.79 14.77
C PHE I 62 -4.81 -6.20 14.38
N ALA I 63 -5.13 -7.02 15.36
CA ALA I 63 -5.54 -8.39 15.09
C ALA I 63 -6.58 -8.80 16.13
N GLU I 64 -7.16 -7.82 16.82
CA GLU I 64 -8.17 -8.11 17.81
C GLU I 64 -9.27 -7.07 17.65
N VAL I 65 -10.51 -7.52 17.58
CA VAL I 65 -11.63 -6.62 17.41
C VAL I 65 -12.92 -7.16 18.01
N GLN I 66 -13.71 -6.27 18.59
CA GLN I 66 -14.97 -6.67 19.21
C GLN I 66 -16.15 -6.11 18.46
N PHE I 67 -17.08 -7.00 18.12
CA PHE I 67 -18.30 -6.63 17.39
C PHE I 67 -19.51 -6.48 18.31
N ASN I 68 -20.09 -5.28 18.32
CA ASN I 68 -21.23 -4.97 19.18
C ASN I 68 -22.55 -4.73 18.42
N ALA J 1 -23.34 -30.05 28.89
CA ALA J 1 -24.37 -29.27 29.63
C ALA J 1 -24.74 -28.00 28.89
N ASP J 2 -25.92 -27.47 29.15
CA ASP J 2 -26.36 -26.24 28.51
C ASP J 2 -25.87 -25.05 29.33
N CYS J 3 -24.71 -24.51 28.98
CA CYS J 3 -24.15 -23.40 29.74
C CYS J 3 -24.89 -22.06 29.70
N ALA J 4 -25.34 -21.64 28.52
CA ALA J 4 -26.04 -20.38 28.40
C ALA J 4 -26.93 -20.49 27.21
N LYS J 5 -27.94 -19.64 27.16
CA LYS J 5 -28.89 -19.64 26.07
C LYS J 5 -29.44 -18.24 25.93
N GLY J 6 -29.34 -17.68 24.73
CA GLY J 6 -29.82 -16.35 24.52
C GLY J 6 -29.19 -15.76 23.27
N LYS J 7 -29.40 -14.46 23.07
CA LYS J 7 -28.83 -13.77 21.91
C LYS J 7 -27.35 -13.52 22.21
N ILE J 8 -26.56 -13.37 21.16
CA ILE J 8 -25.14 -13.07 21.36
C ILE J 8 -25.10 -11.56 21.62
N GLU J 9 -24.56 -11.18 22.77
CA GLU J 9 -24.49 -9.79 23.18
C GLU J 9 -23.42 -9.04 22.39
N PHE J 10 -22.25 -9.68 22.24
CA PHE J 10 -21.17 -9.17 21.43
C PHE J 10 -20.25 -10.35 21.15
N SER J 11 -19.48 -10.24 20.10
CA SER J 11 -18.51 -11.28 19.76
C SER J 11 -17.14 -10.57 19.66
N LYS J 12 -16.05 -11.31 19.75
CA LYS J 12 -14.72 -10.70 19.70
C LYS J 12 -13.75 -11.65 19.08
N TYR J 13 -13.05 -11.19 18.05
CA TYR J 13 -12.02 -11.99 17.40
C TYR J 13 -10.72 -11.73 18.19
N ASN J 14 -10.09 -12.78 18.70
CA ASN J 14 -8.90 -12.62 19.52
C ASN J 14 -7.57 -12.78 18.80
N GLU J 15 -6.55 -12.18 19.36
CA GLU J 15 -5.21 -12.26 18.77
C GLU J 15 -4.64 -13.69 18.64
N ASP J 16 -5.00 -14.60 19.55
CA ASP J 16 -4.55 -16.00 19.44
C ASP J 16 -5.43 -16.83 18.46
N ASN J 17 -6.27 -16.13 17.72
CA ASN J 17 -7.15 -16.77 16.76
C ASN J 17 -8.36 -17.53 17.32
N THR J 18 -8.66 -17.34 18.61
CA THR J 18 -9.86 -17.92 19.18
C THR J 18 -10.93 -16.85 19.00
N PHE J 19 -12.19 -17.22 19.18
CA PHE J 19 -13.33 -16.31 19.01
C PHE J 19 -14.15 -16.34 20.32
N THR J 20 -14.58 -15.17 20.79
CA THR J 20 -15.35 -15.09 22.01
C THR J 20 -16.76 -14.54 21.78
N VAL J 21 -17.73 -15.09 22.50
CA VAL J 21 -19.10 -14.60 22.41
C VAL J 21 -19.57 -14.41 23.84
N LYS J 22 -20.46 -13.45 24.05
CA LYS J 22 -21.00 -13.25 25.38
C LYS J 22 -22.49 -13.57 25.23
N VAL J 23 -22.94 -14.56 26.00
CA VAL J 23 -24.33 -14.99 25.99
C VAL J 23 -24.81 -15.07 27.44
N SER J 24 -25.94 -14.43 27.74
CA SER J 24 -26.49 -14.47 29.10
C SER J 24 -25.50 -13.95 30.13
N GLY J 25 -24.81 -12.86 29.79
CA GLY J 25 -23.85 -12.28 30.72
C GLY J 25 -22.57 -13.05 30.97
N ARG J 26 -22.37 -14.18 30.31
CA ARG J 26 -21.13 -14.93 30.48
C ARG J 26 -20.38 -15.00 29.17
N GLU J 27 -19.06 -15.06 29.24
CA GLU J 27 -18.24 -15.11 28.03
C GLU J 27 -17.73 -16.51 27.78
N TYR J 28 -17.70 -16.90 26.51
CA TYR J 28 -17.19 -18.21 26.17
C TYR J 28 -16.37 -18.05 24.91
N TRP J 29 -15.35 -18.88 24.75
CA TRP J 29 -14.50 -18.82 23.57
C TRP J 29 -14.38 -20.18 22.93
N THR J 30 -14.03 -20.19 21.65
CA THR J 30 -13.88 -21.43 20.88
C THR J 30 -12.67 -21.28 19.93
N ASN J 31 -12.01 -22.37 19.62
CA ASN J 31 -10.89 -22.33 18.69
C ASN J 31 -11.26 -23.01 17.39
N ARG J 32 -12.56 -23.24 17.17
CA ARG J 32 -12.99 -23.86 15.92
C ARG J 32 -13.13 -22.72 14.94
N TRP J 33 -12.24 -22.64 13.95
CA TRP J 33 -12.39 -21.57 13.00
C TRP J 33 -13.70 -21.56 12.20
N ASN J 34 -14.34 -22.71 11.96
CA ASN J 34 -15.61 -22.83 11.22
C ASN J 34 -16.76 -22.13 11.90
N LEU J 35 -16.72 -22.11 13.23
CA LEU J 35 -17.76 -21.45 14.02
C LEU J 35 -17.81 -19.93 13.88
N GLN J 36 -16.67 -19.32 13.60
CA GLN J 36 -16.61 -17.88 13.49
C GLN J 36 -17.68 -17.27 12.61
N PRO J 37 -17.74 -17.64 11.33
CA PRO J 37 -18.80 -17.03 10.51
C PRO J 37 -20.24 -17.41 10.92
N LEU J 38 -20.42 -18.64 11.39
CA LEU J 38 -21.74 -19.10 11.85
C LEU J 38 -22.14 -18.29 13.07
N LEU J 39 -21.23 -18.09 14.02
CA LEU J 39 -21.53 -17.32 15.20
C LEU J 39 -21.87 -15.89 14.88
N GLN J 40 -21.11 -15.28 13.97
CA GLN J 40 -21.38 -13.90 13.60
C GLN J 40 -22.74 -13.76 12.94
N SER J 41 -23.13 -14.69 12.06
CA SER J 41 -24.44 -14.57 11.40
C SER J 41 -25.51 -14.66 12.48
N ALA J 42 -25.35 -15.61 13.39
CA ALA J 42 -26.26 -15.78 14.51
C ALA J 42 -26.43 -14.46 15.21
N GLN J 43 -25.32 -13.77 15.46
CA GLN J 43 -25.39 -12.49 16.14
C GLN J 43 -26.08 -11.41 15.29
N LEU J 44 -25.81 -11.38 13.99
CA LEU J 44 -26.40 -10.37 13.08
C LEU J 44 -27.89 -10.50 12.82
N THR J 45 -28.38 -11.72 12.92
CA THR J 45 -29.78 -12.01 12.66
C THR J 45 -30.56 -12.19 13.95
N GLY J 46 -29.88 -12.08 15.09
CA GLY J 46 -30.57 -12.25 16.35
C GLY J 46 -31.08 -13.66 16.62
N MET J 47 -30.31 -14.70 16.35
CA MET J 47 -30.74 -16.06 16.62
C MET J 47 -30.51 -16.35 18.09
N THR J 48 -31.15 -17.39 18.61
CA THR J 48 -30.94 -17.80 20.00
C THR J 48 -29.95 -18.94 19.95
N VAL J 49 -28.85 -18.75 20.65
CA VAL J 49 -27.84 -19.78 20.61
C VAL J 49 -27.78 -20.45 21.94
N THR J 50 -27.28 -21.68 21.94
CA THR J 50 -27.14 -22.42 23.15
C THR J 50 -25.69 -22.89 23.19
N ILE J 51 -24.94 -22.43 24.16
CA ILE J 51 -23.54 -22.80 24.33
C ILE J 51 -23.52 -24.08 25.10
N ILE J 52 -22.91 -25.11 24.54
CA ILE J 52 -22.87 -26.42 25.18
C ILE J 52 -21.41 -26.80 25.48
N SER J 53 -21.15 -27.08 26.75
CA SER J 53 -19.82 -27.43 27.20
C SER J 53 -19.84 -28.16 28.55
N ASN J 54 -18.67 -28.59 28.98
CA ASN J 54 -18.53 -29.29 30.25
C ASN J 54 -18.34 -28.36 31.39
N THR J 55 -17.71 -27.24 31.09
CA THR J 55 -17.45 -26.23 32.08
C THR J 55 -18.28 -25.04 31.64
N CYS J 56 -19.21 -24.61 32.48
CA CYS J 56 -20.05 -23.48 32.11
C CYS J 56 -19.74 -22.12 32.70
N SER J 57 -18.66 -22.03 33.48
CA SER J 57 -18.31 -20.75 34.10
C SER J 57 -17.80 -19.77 33.05
N SER J 58 -18.14 -18.49 33.21
CA SER J 58 -17.67 -17.48 32.28
C SER J 58 -16.16 -17.64 31.99
N GLY J 59 -15.79 -17.50 30.72
CA GLY J 59 -14.40 -17.64 30.32
C GLY J 59 -14.02 -19.05 29.89
N SER J 60 -14.98 -19.97 29.89
CA SER J 60 -14.71 -21.35 29.50
C SER J 60 -14.76 -21.55 28.00
N GLY J 61 -14.09 -22.61 27.55
CA GLY J 61 -14.08 -22.92 26.13
C GLY J 61 -15.25 -23.81 25.75
N PHE J 62 -15.67 -23.73 24.49
CA PHE J 62 -16.77 -24.56 24.02
C PHE J 62 -16.51 -24.89 22.57
N ALA J 63 -17.12 -25.95 22.09
CA ALA J 63 -16.95 -26.37 20.71
C ALA J 63 -18.27 -27.00 20.20
N GLU J 64 -19.36 -26.74 20.91
CA GLU J 64 -20.65 -27.26 20.54
C GLU J 64 -21.68 -26.17 20.81
N VAL J 65 -22.51 -25.89 19.82
CA VAL J 65 -23.51 -24.85 19.97
C VAL J 65 -24.75 -25.12 19.12
N GLN J 66 -25.90 -24.70 19.63
CA GLN J 66 -27.16 -24.90 18.92
C GLN J 66 -27.78 -23.58 18.47
N PHE J 67 -28.22 -23.54 17.22
CA PHE J 67 -28.83 -22.34 16.70
C PHE J 67 -30.35 -22.49 16.53
N ASN J 68 -31.10 -21.53 17.07
CA ASN J 68 -32.57 -21.54 17.02
C ASN J 68 -33.25 -20.37 16.30
N ALA K 1 6.65 -22.32 41.83
CA ALA K 1 7.74 -23.22 42.30
C ALA K 1 7.94 -24.44 41.39
N ASP K 2 9.14 -25.04 41.44
CA ASP K 2 9.43 -26.23 40.66
C ASP K 2 9.07 -27.44 41.49
N CYS K 3 7.84 -27.91 41.33
CA CYS K 3 7.34 -29.05 42.09
C CYS K 3 8.02 -30.38 41.84
N ALA K 4 8.19 -30.72 40.58
CA ALA K 4 8.79 -31.99 40.23
C ALA K 4 9.49 -31.89 38.91
N LYS K 5 10.48 -32.74 38.70
CA LYS K 5 11.25 -32.74 37.46
C LYS K 5 11.72 -34.17 37.16
N GLY K 6 11.42 -34.64 35.95
CA GLY K 6 11.81 -35.99 35.58
C GLY K 6 10.96 -36.48 34.44
N LYS K 7 11.00 -37.78 34.15
CA LYS K 7 10.22 -38.36 33.07
C LYS K 7 8.77 -38.56 33.56
N ILE K 8 7.81 -38.55 32.64
CA ILE K 8 6.43 -38.82 33.03
C ILE K 8 6.29 -40.34 33.15
N GLU K 9 6.00 -40.80 34.37
CA GLU K 9 5.85 -42.21 34.71
C GLU K 9 4.61 -42.83 34.02
N PHE K 10 3.51 -42.11 34.06
CA PHE K 10 2.28 -42.53 33.38
C PHE K 10 1.38 -41.31 33.32
N SER K 11 0.41 -41.33 32.43
CA SER K 11 -0.53 -40.22 32.35
C SER K 11 -1.93 -40.84 32.37
N LYS K 12 -2.92 -40.02 32.68
CA LYS K 12 -4.28 -40.52 32.77
C LYS K 12 -5.28 -39.48 32.36
N TYR K 13 -6.16 -39.83 31.44
CA TYR K 13 -7.20 -38.92 31.00
C TYR K 13 -8.39 -39.22 31.95
N ASN K 14 -8.84 -38.19 32.66
CA ASN K 14 -9.94 -38.39 33.61
C ASN K 14 -11.32 -38.12 33.06
N GLU K 15 -12.30 -38.67 33.75
CA GLU K 15 -13.68 -38.51 33.32
C GLU K 15 -14.13 -37.06 33.26
N ASP K 16 -13.65 -36.22 34.19
CA ASP K 16 -14.01 -34.79 34.22
C ASP K 16 -13.24 -33.99 33.17
N ASN K 17 -12.52 -34.71 32.33
CA ASN K 17 -11.72 -34.12 31.26
C ASN K 17 -10.44 -33.45 31.68
N THR K 18 -10.00 -33.72 32.91
CA THR K 18 -8.75 -33.17 33.35
C THR K 18 -7.75 -34.24 32.97
N PHE K 19 -6.46 -33.89 32.99
CA PHE K 19 -5.38 -34.82 32.61
C PHE K 19 -4.42 -34.95 33.79
N THR K 20 -4.00 -36.18 34.12
CA THR K 20 -3.08 -36.40 35.21
C THR K 20 -1.76 -37.01 34.73
N VAL K 21 -0.66 -36.58 35.32
CA VAL K 21 0.67 -37.11 35.00
C VAL K 21 1.37 -37.40 36.31
N LYS K 22 2.22 -38.42 36.33
CA LYS K 22 2.97 -38.73 37.53
C LYS K 22 4.43 -38.45 37.22
N VAL K 23 5.02 -37.57 38.00
CA VAL K 23 6.41 -37.17 37.83
C VAL K 23 7.06 -37.18 39.20
N SER K 24 8.21 -37.84 39.31
CA SER K 24 8.94 -37.95 40.57
C SER K 24 8.07 -38.52 41.68
N GLY K 25 7.31 -39.56 41.38
CA GLY K 25 6.48 -40.16 42.40
C GLY K 25 5.26 -39.38 42.85
N ARG K 26 5.07 -38.18 42.32
CA ARG K 26 3.90 -37.37 42.68
C ARG K 26 2.96 -37.16 41.48
N GLU K 27 1.67 -37.09 41.76
CA GLU K 27 0.68 -36.91 40.70
C GLU K 27 0.21 -35.46 40.64
N TYR K 28 0.02 -34.96 39.43
CA TYR K 28 -0.46 -33.61 39.24
C TYR K 28 -1.47 -33.65 38.10
N TRP K 29 -2.47 -32.79 38.17
CA TRP K 29 -3.47 -32.76 37.12
C TRP K 29 -3.60 -31.36 36.57
N THR K 30 -4.13 -31.25 35.35
CA THR K 30 -4.33 -29.96 34.72
C THR K 30 -5.63 -29.98 33.93
N ASN K 31 -6.27 -28.83 33.80
CA ASN K 31 -7.51 -28.77 33.06
C ASN K 31 -7.29 -28.02 31.77
N ARG K 32 -6.03 -27.80 31.44
CA ARG K 32 -5.74 -27.10 30.22
C ARG K 32 -5.77 -28.11 29.12
N TRP K 33 -6.73 -28.00 28.23
CA TRP K 33 -6.82 -28.94 27.14
C TRP K 33 -5.57 -29.03 26.23
N ASN K 34 -4.98 -27.90 25.91
CA ASN K 34 -3.82 -27.88 25.03
C ASN K 34 -2.66 -28.71 25.51
N LEU K 35 -2.57 -28.89 26.81
CA LEU K 35 -1.47 -29.63 27.37
C LEU K 35 -1.49 -31.08 27.12
N GLN K 36 -2.69 -31.63 27.00
CA GLN K 36 -2.88 -33.05 26.80
C GLN K 36 -1.98 -33.65 25.73
N PRO K 37 -2.11 -33.21 24.47
CA PRO K 37 -1.24 -33.79 23.47
C PRO K 37 0.23 -33.52 23.72
N LEU K 38 0.57 -32.35 24.27
CA LEU K 38 1.96 -32.00 24.56
C LEU K 38 2.53 -32.94 25.60
N LEU K 39 1.81 -33.09 26.71
CA LEU K 39 2.25 -33.99 27.77
C LEU K 39 2.38 -35.44 27.31
N GLN K 40 1.49 -35.90 26.44
CA GLN K 40 1.60 -37.29 25.98
C GLN K 40 2.84 -37.49 25.07
N SER K 41 3.16 -36.51 24.23
CA SER K 41 4.34 -36.64 23.37
C SER K 41 5.52 -36.64 24.29
N ALA K 42 5.53 -35.74 25.25
CA ALA K 42 6.65 -35.70 26.18
C ALA K 42 6.84 -37.07 26.84
N GLN K 43 5.75 -37.74 27.18
CA GLN K 43 5.87 -39.04 27.83
C GLN K 43 6.39 -40.12 26.90
N LEU K 44 5.86 -40.14 25.70
CA LEU K 44 6.22 -41.12 24.69
C LEU K 44 7.70 -41.03 24.30
N THR K 45 8.21 -39.80 24.21
CA THR K 45 9.60 -39.59 23.82
C THR K 45 10.52 -39.53 25.00
N GLY K 46 9.99 -39.50 26.22
CA GLY K 46 10.88 -39.47 27.35
C GLY K 46 11.56 -38.13 27.61
N MET K 47 10.89 -37.02 27.33
CA MET K 47 11.46 -35.72 27.62
C MET K 47 11.44 -35.56 29.13
N THR K 48 12.22 -34.62 29.64
CA THR K 48 12.25 -34.35 31.05
C THR K 48 11.32 -33.18 31.17
N VAL K 49 10.32 -33.33 32.03
CA VAL K 49 9.38 -32.24 32.16
C VAL K 49 9.41 -31.70 33.58
N THR K 50 9.15 -30.40 33.70
CA THR K 50 9.17 -29.73 34.98
C THR K 50 7.78 -29.18 35.29
N ILE K 51 7.15 -29.71 36.34
CA ILE K 51 5.82 -29.28 36.73
C ILE K 51 6.01 -28.06 37.58
N ILE K 52 5.36 -26.97 37.18
CA ILE K 52 5.46 -25.70 37.88
C ILE K 52 4.14 -25.28 38.49
N SER K 53 4.13 -25.09 39.80
CA SER K 53 2.91 -24.71 40.50
C SER K 53 3.19 -24.11 41.88
N ASN K 54 2.15 -23.55 42.50
CA ASN K 54 2.22 -22.93 43.82
C ASN K 54 2.14 -23.96 44.94
N THR K 55 1.41 -25.03 44.68
CA THR K 55 1.23 -26.11 45.63
C THR K 55 1.92 -27.30 44.95
N CYS K 56 2.92 -27.88 45.61
CA CYS K 56 3.63 -29.00 45.03
C CYS K 56 3.31 -30.39 45.59
N SER K 57 2.37 -30.48 46.53
CA SER K 57 2.02 -31.77 47.09
C SER K 57 1.28 -32.61 46.05
N SER K 58 1.50 -33.92 46.12
CA SER K 58 0.87 -34.86 45.19
C SER K 58 -0.65 -34.59 45.14
N GLY K 59 -1.22 -34.60 43.93
CA GLY K 59 -2.64 -34.35 43.77
C GLY K 59 -3.00 -32.90 43.50
N SER K 60 -1.98 -32.04 43.38
CA SER K 60 -2.21 -30.64 43.11
C SER K 60 -2.39 -30.32 41.64
N GLY K 61 -3.04 -29.19 41.36
CA GLY K 61 -3.26 -28.81 39.98
C GLY K 61 -2.08 -28.00 39.50
N PHE K 62 -1.93 -27.91 38.17
CA PHE K 62 -0.84 -27.15 37.58
C PHE K 62 -1.26 -26.68 36.19
N ALA K 63 -0.67 -25.59 35.72
CA ALA K 63 -1.00 -25.09 34.40
C ALA K 63 0.25 -24.51 33.74
N GLU K 64 1.41 -24.82 34.30
CA GLU K 64 2.66 -24.36 33.74
C GLU K 64 3.65 -25.51 33.74
N VAL K 65 4.32 -25.76 32.62
CA VAL K 65 5.26 -26.87 32.57
C VAL K 65 6.34 -26.64 31.54
N GLN K 66 7.57 -27.02 31.90
CA GLN K 66 8.74 -26.89 31.02
C GLN K 66 9.21 -28.21 30.43
N PHE K 67 9.47 -28.22 29.13
CA PHE K 67 9.92 -29.41 28.41
C PHE K 67 11.41 -29.35 27.99
N ASN K 68 12.19 -30.38 28.33
CA ASN K 68 13.63 -30.42 27.98
C ASN K 68 14.04 -31.71 27.24
N ALA L 1 12.17 -9.23 11.01
CA ALA L 1 13.62 -9.48 11.23
C ALA L 1 13.86 -10.89 11.77
N ASP L 2 15.05 -11.43 11.50
CA ASP L 2 15.44 -12.76 11.95
C ASP L 2 16.07 -12.67 13.33
N CYS L 3 15.24 -12.78 14.35
CA CYS L 3 15.67 -12.67 15.74
C CYS L 3 16.66 -13.74 16.25
N ALA L 4 16.37 -15.00 15.98
CA ALA L 4 17.23 -16.08 16.44
C ALA L 4 17.15 -17.25 15.47
N LYS L 5 18.17 -18.11 15.50
CA LYS L 5 18.19 -19.24 14.61
C LYS L 5 19.00 -20.36 15.24
N GLY L 6 18.38 -21.53 15.40
CA GLY L 6 19.07 -22.65 16.01
C GLY L 6 18.07 -23.66 16.52
N LYS L 7 18.54 -24.63 17.32
CA LYS L 7 17.69 -25.66 17.87
C LYS L 7 16.92 -25.05 19.02
N ILE L 8 15.81 -25.68 19.39
CA ILE L 8 15.02 -25.19 20.50
C ILE L 8 15.69 -25.85 21.70
N GLU L 9 16.15 -25.00 22.61
CA GLU L 9 16.84 -25.46 23.80
C GLU L 9 15.84 -26.10 24.76
N PHE L 10 14.70 -25.46 24.97
CA PHE L 10 13.64 -25.99 25.82
C PHE L 10 12.40 -25.19 25.46
N SER L 11 11.23 -25.72 25.81
CA SER L 11 9.98 -25.03 25.57
C SER L 11 9.18 -25.04 26.88
N LYS L 12 8.28 -24.08 27.01
CA LYS L 12 7.53 -24.00 28.23
C LYS L 12 6.09 -23.56 27.96
N TYR L 13 5.14 -24.30 28.51
CA TYR L 13 3.74 -23.94 28.35
C TYR L 13 3.46 -23.05 29.57
N ASN L 14 2.99 -21.85 29.32
CA ASN L 14 2.72 -20.91 30.40
C ASN L 14 1.29 -20.86 30.86
N GLU L 15 1.11 -20.38 32.07
CA GLU L 15 -0.21 -20.35 32.65
C GLU L 15 -1.23 -19.52 31.91
N ASP L 16 -0.78 -18.53 31.15
CA ASP L 16 -1.70 -17.71 30.40
C ASP L 16 -1.95 -18.28 29.03
N ASN L 17 -1.57 -19.53 28.84
CA ASN L 17 -1.76 -20.24 27.58
C ASN L 17 -0.85 -19.84 26.42
N THR L 18 0.20 -19.09 26.72
CA THR L 18 1.18 -18.73 25.71
C THR L 18 2.25 -19.82 25.76
N PHE L 19 3.08 -19.88 24.73
CA PHE L 19 4.10 -20.89 24.66
C PHE L 19 5.45 -20.20 24.52
N THR L 20 6.44 -20.65 25.29
CA THR L 20 7.80 -20.09 25.25
C THR L 20 8.84 -21.09 24.74
N VAL L 21 9.69 -20.63 23.83
CA VAL L 21 10.79 -21.46 23.34
C VAL L 21 12.09 -20.67 23.53
N LYS L 22 13.18 -21.38 23.83
CA LYS L 22 14.47 -20.73 23.99
C LYS L 22 15.34 -21.13 22.82
N VAL L 23 15.74 -20.12 22.04
CA VAL L 23 16.58 -20.33 20.85
C VAL L 23 17.76 -19.38 20.92
N SER L 24 18.98 -19.89 20.76
CA SER L 24 20.18 -19.06 20.80
C SER L 24 20.26 -18.23 22.07
N GLY L 25 20.06 -18.88 23.21
CA GLY L 25 20.14 -18.19 24.48
C GLY L 25 19.06 -17.16 24.77
N ARG L 26 18.14 -16.91 23.84
CA ARG L 26 17.08 -15.96 24.08
C ARG L 26 15.71 -16.67 24.17
N GLU L 27 14.79 -16.06 24.92
CA GLU L 27 13.44 -16.64 25.06
C GLU L 27 12.42 -15.85 24.28
N TYR L 28 11.51 -16.56 23.61
CA TYR L 28 10.45 -15.90 22.86
C TYR L 28 9.16 -16.64 23.15
N TRP L 29 8.05 -15.90 23.15
CA TRP L 29 6.76 -16.52 23.42
C TRP L 29 5.79 -16.22 22.28
N THR L 30 4.74 -17.04 22.18
CA THR L 30 3.73 -16.85 21.15
C THR L 30 2.38 -17.23 21.71
N ASN L 31 1.34 -16.60 21.20
CA ASN L 31 0.02 -16.96 21.66
C ASN L 31 -0.78 -17.72 20.60
N ARG L 32 -0.11 -18.17 19.54
CA ARG L 32 -0.81 -18.92 18.51
C ARG L 32 -0.89 -20.36 18.98
N TRP L 33 -2.08 -20.84 19.32
CA TRP L 33 -2.15 -22.20 19.79
C TRP L 33 -1.78 -23.24 18.73
N ASN L 34 -1.93 -22.93 17.43
CA ASN L 34 -1.52 -23.85 16.35
C ASN L 34 -0.03 -24.12 16.38
N LEU L 35 0.76 -23.14 16.79
CA LEU L 35 2.21 -23.34 16.80
C LEU L 35 2.68 -24.31 17.82
N GLN L 36 1.98 -24.39 18.95
CA GLN L 36 2.42 -25.27 20.01
C GLN L 36 2.90 -26.65 19.57
N PRO L 37 2.03 -27.46 18.94
CA PRO L 37 2.48 -28.79 18.51
C PRO L 37 3.62 -28.76 17.46
N LEU L 38 3.59 -27.75 16.59
CA LEU L 38 4.61 -27.62 15.56
C LEU L 38 5.96 -27.35 16.23
N LEU L 39 5.97 -26.41 17.17
CA LEU L 39 7.20 -26.10 17.88
C LEU L 39 7.70 -27.32 18.64
N GLN L 40 6.82 -28.04 19.31
CA GLN L 40 7.32 -29.17 20.06
C GLN L 40 7.92 -30.25 19.18
N SER L 41 7.34 -30.45 17.99
CA SER L 41 7.88 -31.47 17.08
C SER L 41 9.25 -31.03 16.62
N ALA L 42 9.37 -29.73 16.37
CA ALA L 42 10.63 -29.19 15.93
C ALA L 42 11.64 -29.46 17.01
N GLN L 43 11.27 -29.22 18.26
CA GLN L 43 12.19 -29.44 19.36
C GLN L 43 12.59 -30.89 19.51
N LEU L 44 11.69 -31.81 19.19
CA LEU L 44 12.05 -33.21 19.32
C LEU L 44 12.92 -33.77 18.24
N THR L 45 12.71 -33.36 17.00
CA THR L 45 13.52 -33.86 15.87
C THR L 45 14.82 -33.04 15.68
N GLY L 46 14.97 -31.98 16.47
CA GLY L 46 16.15 -31.16 16.39
C GLY L 46 16.19 -30.30 15.14
N MET L 47 15.04 -29.79 14.68
CA MET L 47 15.06 -28.95 13.49
C MET L 47 15.64 -27.61 13.86
N THR L 48 16.06 -26.86 12.85
CA THR L 48 16.59 -25.53 13.06
C THR L 48 15.41 -24.60 12.84
N VAL L 49 15.14 -23.76 13.81
CA VAL L 49 14.01 -22.88 13.62
C VAL L 49 14.52 -21.47 13.60
N THR L 50 13.76 -20.60 12.96
CA THR L 50 14.12 -19.22 12.86
C THR L 50 12.96 -18.41 13.41
N ILE L 51 13.21 -17.68 14.49
CA ILE L 51 12.17 -16.86 15.10
C ILE L 51 12.14 -15.53 14.39
N ILE L 52 11.01 -15.16 13.82
CA ILE L 52 10.91 -13.93 13.07
C ILE L 52 9.96 -12.98 13.77
N SER L 53 10.43 -11.76 14.00
CA SER L 53 9.64 -10.75 14.69
C SER L 53 10.23 -9.35 14.55
N ASN L 54 9.47 -8.35 14.97
CA ASN L 54 9.92 -6.95 14.92
C ASN L 54 10.85 -6.59 16.07
N THR L 55 10.60 -7.19 17.22
CA THR L 55 11.39 -6.96 18.41
C THR L 55 12.09 -8.27 18.68
N CYS L 56 13.41 -8.25 18.66
CA CYS L 56 14.15 -9.50 18.86
C CYS L 56 14.81 -9.72 20.22
N SER L 57 14.59 -8.79 21.14
CA SER L 57 15.15 -8.90 22.49
C SER L 57 14.49 -10.04 23.26
N SER L 58 15.29 -10.77 24.02
CA SER L 58 14.76 -11.87 24.82
C SER L 58 13.47 -11.45 25.53
N GLY L 59 12.49 -12.36 25.51
CA GLY L 59 11.22 -12.10 26.17
C GLY L 59 10.16 -11.49 25.28
N SER L 60 10.51 -11.28 24.01
CA SER L 60 9.56 -10.71 23.05
C SER L 60 8.56 -11.73 22.49
N GLY L 61 7.47 -11.21 21.93
CA GLY L 61 6.48 -12.09 21.34
C GLY L 61 6.76 -12.29 19.88
N PHE L 62 6.33 -13.41 19.33
CA PHE L 62 6.53 -13.71 17.92
C PHE L 62 5.34 -14.53 17.38
N ALA L 63 5.07 -14.42 16.09
CA ALA L 63 3.98 -15.19 15.51
C ALA L 63 4.36 -15.63 14.10
N GLU L 64 5.65 -15.64 13.81
CA GLU L 64 6.12 -16.09 12.53
C GLU L 64 7.38 -16.91 12.80
N VAL L 65 7.50 -18.08 12.18
CA VAL L 65 8.67 -18.93 12.39
C VAL L 65 8.94 -19.86 11.21
N GLN L 66 10.23 -20.07 10.92
CA GLN L 66 10.63 -20.90 9.79
C GLN L 66 11.30 -22.18 10.22
N PHE L 67 10.84 -23.30 9.67
CA PHE L 67 11.40 -24.60 10.06
C PHE L 67 12.35 -25.08 8.98
N ASN L 68 13.59 -25.37 9.37
CA ASN L 68 14.63 -25.78 8.42
C ASN L 68 15.24 -27.17 8.36
N ALA M 1 -2.48 -28.54 -12.22
CA ALA M 1 -1.13 -28.84 -12.77
C ALA M 1 -0.14 -29.17 -11.65
N ASP M 2 0.89 -29.95 -11.98
CA ASP M 2 1.92 -30.34 -11.02
C ASP M 2 3.02 -29.29 -10.94
N CYS M 3 2.84 -28.29 -10.08
CA CYS M 3 3.79 -27.21 -9.94
C CYS M 3 5.19 -27.60 -9.49
N ALA M 4 5.29 -28.43 -8.46
CA ALA M 4 6.60 -28.84 -7.95
C ALA M 4 6.53 -30.20 -7.29
N LYS M 5 7.68 -30.87 -7.24
CA LYS M 5 7.72 -32.19 -6.67
C LYS M 5 9.09 -32.44 -6.07
N GLY M 6 9.11 -32.86 -4.81
CA GLY M 6 10.37 -33.13 -4.13
C GLY M 6 10.21 -32.97 -2.64
N LYS M 7 11.31 -32.94 -1.90
CA LYS M 7 11.26 -32.76 -0.46
C LYS M 7 10.96 -31.30 -0.14
N ILE M 8 10.48 -31.05 1.06
CA ILE M 8 10.18 -29.70 1.48
C ILE M 8 11.52 -29.22 2.03
N GLU M 9 12.00 -28.14 1.44
CA GLU M 9 13.29 -27.57 1.81
C GLU M 9 13.17 -26.89 3.17
N PHE M 10 12.09 -26.12 3.33
CA PHE M 10 11.81 -25.47 4.60
C PHE M 10 10.35 -25.05 4.58
N SER M 11 9.80 -24.78 5.76
CA SER M 11 8.42 -24.34 5.87
C SER M 11 8.42 -23.11 6.79
N LYS M 12 7.37 -22.32 6.68
CA LYS M 12 7.26 -21.11 7.47
C LYS M 12 5.79 -20.84 7.84
N TYR M 13 5.56 -20.59 9.12
CA TYR M 13 4.26 -20.23 9.60
C TYR M 13 4.26 -18.70 9.53
N ASN M 14 3.35 -18.13 8.74
CA ASN M 14 3.29 -16.70 8.57
C ASN M 14 2.36 -15.99 9.53
N GLU M 15 2.59 -14.71 9.72
CA GLU M 15 1.78 -13.90 10.60
C GLU M 15 0.30 -13.86 10.18
N ASP M 16 0.02 -13.86 8.87
CA ASP M 16 -1.37 -13.82 8.42
C ASP M 16 -2.04 -15.19 8.51
N ASN M 17 -1.39 -16.10 9.21
CA ASN M 17 -1.90 -17.46 9.39
C ASN M 17 -1.84 -18.39 8.17
N THR M 18 -1.11 -18.01 7.15
CA THR M 18 -0.95 -18.87 5.99
C THR M 18 0.31 -19.69 6.29
N PHE M 19 0.61 -20.67 5.44
CA PHE M 19 1.77 -21.52 5.69
C PHE M 19 2.52 -21.60 4.36
N THR M 20 3.84 -21.48 4.40
CA THR M 20 4.66 -21.54 3.21
C THR M 20 5.62 -22.72 3.23
N VAL M 21 5.83 -23.32 2.07
CA VAL M 21 6.76 -24.44 1.95
C VAL M 21 7.57 -24.18 0.70
N LYS M 22 8.83 -24.55 0.73
CA LYS M 22 9.68 -24.37 -0.44
C LYS M 22 10.00 -25.75 -0.99
N VAL M 23 9.55 -25.99 -2.23
CA VAL M 23 9.76 -27.26 -2.92
C VAL M 23 10.38 -26.98 -4.30
N SER M 24 11.48 -27.68 -4.62
CA SER M 24 12.12 -27.49 -5.92
C SER M 24 12.49 -26.04 -6.18
N GLY M 25 13.11 -25.39 -5.18
CA GLY M 25 13.52 -23.99 -5.32
C GLY M 25 12.40 -22.97 -5.38
N ARG M 26 11.15 -23.40 -5.43
CA ARG M 26 10.04 -22.46 -5.48
C ARG M 26 9.22 -22.46 -4.19
N GLU M 27 8.67 -21.30 -3.85
CA GLU M 27 7.87 -21.14 -2.66
C GLU M 27 6.39 -21.11 -2.94
N TYR M 28 5.62 -21.81 -2.11
CA TYR M 28 4.17 -21.83 -2.23
C TYR M 28 3.54 -21.68 -0.85
N TRP M 29 2.39 -21.02 -0.80
CA TRP M 29 1.67 -20.87 0.46
C TRP M 29 0.21 -21.40 0.37
N THR M 30 -0.37 -21.68 1.52
CA THR M 30 -1.72 -22.18 1.58
C THR M 30 -2.41 -21.61 2.79
N ASN M 31 -3.73 -21.45 2.72
CA ASN M 31 -4.46 -20.94 3.87
C ASN M 31 -5.33 -22.04 4.47
N ARG M 32 -4.99 -23.28 4.18
CA ARG M 32 -5.73 -24.41 4.69
C ARG M 32 -5.12 -24.87 5.99
N TRP M 33 -5.75 -24.51 7.09
CA TRP M 33 -5.26 -24.85 8.41
C TRP M 33 -4.90 -26.29 8.54
N ASN M 34 -5.70 -27.18 7.96
CA ASN M 34 -5.46 -28.62 8.09
C ASN M 34 -4.12 -29.05 7.53
N LEU M 35 -3.68 -28.39 6.47
CA LEU M 35 -2.43 -28.76 5.85
C LEU M 35 -1.20 -28.51 6.69
N GLN M 36 -1.25 -27.53 7.56
CA GLN M 36 -0.11 -27.23 8.40
C GLN M 36 0.57 -28.43 9.05
N PRO M 37 -0.14 -29.16 9.90
CA PRO M 37 0.55 -30.30 10.51
C PRO M 37 0.96 -31.38 9.50
N LEU M 38 0.12 -31.59 8.47
CA LEU M 38 0.42 -32.58 7.44
C LEU M 38 1.70 -32.21 6.69
N LEU M 39 1.83 -30.93 6.33
CA LEU M 39 3.01 -30.46 5.65
C LEU M 39 4.27 -30.54 6.52
N GLN M 40 4.17 -30.14 7.78
CA GLN M 40 5.32 -30.26 8.65
C GLN M 40 5.77 -31.71 8.85
N SER M 41 4.85 -32.65 8.97
CA SER M 41 5.27 -34.04 9.15
C SER M 41 5.96 -34.51 7.88
N ALA M 42 5.38 -34.12 6.74
CA ALA M 42 5.93 -34.48 5.44
C ALA M 42 7.36 -33.98 5.39
N GLN M 43 7.60 -32.78 5.92
CA GLN M 43 8.94 -32.22 5.96
C GLN M 43 9.90 -32.92 6.92
N LEU M 44 9.48 -33.17 8.17
CA LEU M 44 10.36 -33.79 9.17
C LEU M 44 10.76 -35.21 8.84
N THR M 45 9.91 -35.89 8.09
CA THR M 45 10.17 -37.27 7.74
C THR M 45 10.72 -37.40 6.31
N GLY M 46 10.69 -36.32 5.56
CA GLY M 46 11.24 -36.40 4.23
C GLY M 46 10.39 -37.06 3.16
N MET M 47 9.08 -36.86 3.19
CA MET M 47 8.22 -37.44 2.16
C MET M 47 8.36 -36.59 0.92
N THR M 48 7.99 -37.15 -0.23
CA THR M 48 8.02 -36.41 -1.45
C THR M 48 6.65 -35.83 -1.59
N VAL M 49 6.55 -34.51 -1.65
CA VAL M 49 5.23 -33.94 -1.78
C VAL M 49 5.15 -33.44 -3.22
N THR M 50 3.94 -33.20 -3.70
CA THR M 50 3.72 -32.71 -5.06
C THR M 50 2.71 -31.58 -4.90
N ILE M 51 3.14 -30.35 -5.19
CA ILE M 51 2.26 -29.19 -5.05
C ILE M 51 1.38 -29.10 -6.29
N ILE M 52 0.08 -29.02 -6.10
CA ILE M 52 -0.80 -28.96 -7.25
C ILE M 52 -1.58 -27.65 -7.25
N SER M 53 -1.52 -26.94 -8.38
CA SER M 53 -2.20 -25.67 -8.49
C SER M 53 -2.33 -25.22 -9.95
N ASN M 54 -3.09 -24.14 -10.16
CA ASN M 54 -3.30 -23.58 -11.49
C ASN M 54 -2.18 -22.67 -11.87
N THR M 55 -1.64 -21.96 -10.88
CA THR M 55 -0.52 -21.06 -11.09
C THR M 55 0.66 -21.74 -10.38
N CYS M 56 1.72 -22.03 -11.13
CA CYS M 56 2.87 -22.71 -10.55
C CYS M 56 4.10 -21.85 -10.32
N SER M 57 3.96 -20.53 -10.47
CA SER M 57 5.09 -19.63 -10.27
C SER M 57 5.38 -19.46 -8.78
N SER M 58 6.65 -19.40 -8.43
CA SER M 58 7.06 -19.22 -7.04
C SER M 58 6.21 -18.10 -6.41
N GLY M 59 5.69 -18.32 -5.20
CA GLY M 59 4.88 -17.31 -4.55
C GLY M 59 3.37 -17.49 -4.75
N SER M 60 2.99 -18.53 -5.50
CA SER M 60 1.57 -18.81 -5.74
C SER M 60 0.90 -19.59 -4.60
N GLY M 61 -0.42 -19.51 -4.53
CA GLY M 61 -1.17 -20.22 -3.52
C GLY M 61 -1.54 -21.60 -3.99
N PHE M 62 -1.80 -22.52 -3.06
CA PHE M 62 -2.18 -23.86 -3.43
C PHE M 62 -3.04 -24.44 -2.34
N ALA M 63 -3.87 -25.41 -2.68
CA ALA M 63 -4.71 -26.05 -1.68
C ALA M 63 -4.84 -27.53 -1.97
N GLU M 64 -3.95 -28.07 -2.82
CA GLU M 64 -4.01 -29.49 -3.17
C GLU M 64 -2.58 -30.00 -3.21
N VAL M 65 -2.30 -31.10 -2.53
CA VAL M 65 -0.95 -31.63 -2.48
C VAL M 65 -0.92 -33.16 -2.31
N GLN M 66 0.03 -33.82 -2.95
CA GLN M 66 0.12 -35.25 -2.84
C GLN M 66 1.33 -35.66 -2.04
N PHE M 67 1.14 -36.66 -1.19
CA PHE M 67 2.23 -37.17 -0.34
C PHE M 67 2.62 -38.61 -0.75
N ASN M 68 3.90 -38.81 -1.08
CA ASN M 68 4.44 -40.10 -1.51
C ASN M 68 5.53 -40.56 -0.58
N ALA N 1 -18.97 -52.98 3.99
CA ALA N 1 -18.09 -53.96 3.29
C ALA N 1 -16.60 -53.57 3.31
N ASP N 2 -15.72 -54.57 3.30
CA ASP N 2 -14.27 -54.35 3.27
C ASP N 2 -13.79 -54.07 1.86
N CYS N 3 -13.76 -52.79 1.49
CA CYS N 3 -13.35 -52.38 0.15
C CYS N 3 -11.91 -52.64 -0.26
N ALA N 4 -10.97 -52.45 0.66
CA ALA N 4 -9.56 -52.65 0.34
C ALA N 4 -8.79 -52.85 1.63
N LYS N 5 -7.65 -53.52 1.53
CA LYS N 5 -6.82 -53.75 2.69
C LYS N 5 -5.38 -53.80 2.25
N GLY N 6 -4.53 -53.02 2.91
CA GLY N 6 -3.12 -53.01 2.57
C GLY N 6 -2.48 -51.73 3.04
N LYS N 7 -1.25 -51.47 2.56
CA LYS N 7 -0.51 -50.25 2.93
C LYS N 7 -1.05 -49.11 2.08
N ILE N 8 -0.89 -47.88 2.56
CA ILE N 8 -1.33 -46.73 1.81
C ILE N 8 -0.19 -46.43 0.84
N GLU N 9 -0.51 -46.51 -0.45
CA GLU N 9 0.41 -46.29 -1.54
C GLU N 9 0.79 -44.82 -1.61
N PHE N 10 -0.21 -43.94 -1.55
CA PHE N 10 0.03 -42.51 -1.51
C PHE N 10 -1.22 -41.86 -1.00
N SER N 11 -1.12 -40.63 -0.51
CA SER N 11 -2.27 -39.89 -0.02
C SER N 11 -2.26 -38.50 -0.67
N LYS N 12 -3.41 -37.85 -0.70
CA LYS N 12 -3.51 -36.57 -1.35
C LYS N 12 -4.57 -35.70 -0.68
N TYR N 13 -4.17 -34.48 -0.34
CA TYR N 13 -5.09 -33.53 0.27
C TYR N 13 -5.69 -32.81 -0.92
N ASN N 14 -7.01 -32.78 -0.99
CA ASN N 14 -7.64 -32.15 -2.13
C ASN N 14 -8.06 -30.72 -1.87
N GLU N 15 -8.31 -29.98 -2.95
CA GLU N 15 -8.71 -28.60 -2.85
C GLU N 15 -10.03 -28.37 -2.17
N ASP N 16 -10.92 -29.36 -2.19
CA ASP N 16 -12.22 -29.21 -1.55
C ASP N 16 -12.13 -29.65 -0.11
N ASN N 17 -10.89 -29.82 0.34
CA ASN N 17 -10.59 -30.24 1.70
C ASN N 17 -10.87 -31.70 2.06
N THR N 18 -11.10 -32.56 1.06
CA THR N 18 -11.29 -33.98 1.30
C THR N 18 -9.88 -34.56 1.23
N PHE N 19 -9.75 -35.83 1.60
CA PHE N 19 -8.45 -36.47 1.63
C PHE N 19 -8.53 -37.83 0.94
N THR N 20 -7.64 -38.07 -0.02
CA THR N 20 -7.60 -39.31 -0.77
C THR N 20 -6.46 -40.25 -0.37
N VAL N 21 -6.70 -41.54 -0.44
CA VAL N 21 -5.64 -42.50 -0.15
C VAL N 21 -5.77 -43.59 -1.18
N LYS N 22 -4.66 -44.20 -1.54
CA LYS N 22 -4.72 -45.27 -2.52
C LYS N 22 -4.31 -46.53 -1.79
N VAL N 23 -5.20 -47.52 -1.80
CA VAL N 23 -4.94 -48.79 -1.13
C VAL N 23 -5.34 -49.89 -2.11
N SER N 24 -4.45 -50.86 -2.32
CA SER N 24 -4.72 -51.98 -3.24
C SER N 24 -5.07 -51.52 -4.65
N GLY N 25 -4.37 -50.50 -5.14
CA GLY N 25 -4.65 -50.02 -6.48
C GLY N 25 -5.89 -49.18 -6.64
N ARG N 26 -6.72 -49.07 -5.61
CA ARG N 26 -7.92 -48.23 -5.73
C ARG N 26 -7.83 -46.96 -4.88
N GLU N 27 -8.45 -45.89 -5.34
CA GLU N 27 -8.45 -44.64 -4.61
C GLU N 27 -9.75 -44.43 -3.85
N TYR N 28 -9.63 -43.89 -2.64
CA TYR N 28 -10.80 -43.59 -1.83
C TYR N 28 -10.58 -42.26 -1.14
N TRP N 29 -11.65 -41.49 -0.98
CA TRP N 29 -11.56 -40.19 -0.32
C TRP N 29 -12.51 -40.15 0.89
N THR N 30 -12.26 -39.23 1.81
CA THR N 30 -13.07 -39.07 3.02
C THR N 30 -13.12 -37.60 3.36
N ASN N 31 -14.22 -37.15 3.96
CA ASN N 31 -14.30 -35.74 4.32
C ASN N 31 -14.18 -35.55 5.83
N ARG N 32 -13.57 -36.53 6.48
CA ARG N 32 -13.35 -36.44 7.91
C ARG N 32 -12.00 -35.81 8.22
N TRP N 33 -12.03 -34.56 8.71
CA TRP N 33 -10.80 -33.85 9.07
C TRP N 33 -9.96 -34.82 9.91
N ASN N 34 -10.57 -35.34 10.97
CA ASN N 34 -9.93 -36.21 11.94
C ASN N 34 -9.05 -37.26 11.37
N LEU N 35 -9.50 -37.85 10.28
CA LEU N 35 -8.77 -38.92 9.68
C LEU N 35 -7.48 -38.52 8.98
N GLN N 36 -7.38 -37.27 8.56
CA GLN N 36 -6.18 -36.84 7.87
C GLN N 36 -4.84 -37.17 8.55
N PRO N 37 -4.60 -36.62 9.75
CA PRO N 37 -3.34 -36.94 10.41
C PRO N 37 -3.22 -38.43 10.75
N LEU N 38 -4.33 -39.10 11.07
CA LEU N 38 -4.26 -40.53 11.39
C LEU N 38 -3.84 -41.30 10.11
N LEU N 39 -4.49 -41.00 8.98
CA LEU N 39 -4.16 -41.70 7.75
C LEU N 39 -2.71 -41.44 7.36
N GLN N 40 -2.26 -40.21 7.52
CA GLN N 40 -0.89 -39.92 7.19
C GLN N 40 0.11 -40.69 8.07
N SER N 41 -0.15 -40.80 9.37
CA SER N 41 0.78 -41.53 10.21
C SER N 41 0.75 -42.99 9.77
N ALA N 42 -0.44 -43.49 9.42
CA ALA N 42 -0.58 -44.88 8.99
C ALA N 42 0.31 -45.10 7.78
N GLN N 43 0.32 -44.15 6.86
CA GLN N 43 1.15 -44.24 5.67
C GLN N 43 2.67 -44.17 5.97
N LEU N 44 3.08 -43.35 6.92
CA LEU N 44 4.50 -43.25 7.28
C LEU N 44 4.99 -44.44 8.03
N THR N 45 4.13 -45.11 8.78
CA THR N 45 4.61 -46.24 9.55
C THR N 45 4.31 -47.59 8.94
N GLY N 46 3.78 -47.58 7.72
CA GLY N 46 3.45 -48.82 7.06
C GLY N 46 2.31 -49.64 7.68
N MET N 47 1.33 -49.01 8.33
CA MET N 47 0.26 -49.84 8.92
C MET N 47 -0.64 -50.38 7.84
N THR N 48 -1.30 -51.48 8.15
CA THR N 48 -2.26 -52.06 7.22
C THR N 48 -3.59 -51.37 7.52
N VAL N 49 -4.19 -50.68 6.54
CA VAL N 49 -5.47 -50.08 6.85
C VAL N 49 -6.50 -50.84 6.06
N THR N 50 -7.74 -50.79 6.51
CA THR N 50 -8.82 -51.47 5.83
C THR N 50 -9.88 -50.43 5.58
N ILE N 51 -10.13 -50.13 4.32
CA ILE N 51 -11.15 -49.14 3.96
C ILE N 51 -12.52 -49.79 3.98
N ILE N 52 -13.43 -49.24 4.78
CA ILE N 52 -14.76 -49.80 4.93
C ILE N 52 -15.84 -48.87 4.38
N SER N 53 -16.62 -49.41 3.45
CA SER N 53 -17.66 -48.60 2.85
C SER N 53 -18.74 -49.45 2.14
N ASN N 54 -19.78 -48.78 1.70
CA ASN N 54 -20.89 -49.43 1.02
C ASN N 54 -20.59 -49.62 -0.46
N THR N 55 -19.91 -48.62 -1.03
CA THR N 55 -19.50 -48.63 -2.43
C THR N 55 -17.97 -48.80 -2.43
N CYS N 56 -17.51 -49.93 -2.96
CA CYS N 56 -16.07 -50.21 -2.99
C CYS N 56 -15.30 -49.90 -4.27
N SER N 57 -15.96 -49.29 -5.24
CA SER N 57 -15.32 -48.95 -6.50
C SER N 57 -14.38 -47.76 -6.35
N SER N 58 -13.21 -47.84 -7.00
CA SER N 58 -12.23 -46.76 -6.94
C SER N 58 -12.91 -45.40 -7.16
N GLY N 59 -12.53 -44.40 -6.35
CA GLY N 59 -13.12 -43.08 -6.46
C GLY N 59 -14.28 -42.85 -5.49
N SER N 60 -14.64 -43.88 -4.72
CA SER N 60 -15.73 -43.81 -3.74
C SER N 60 -15.33 -43.16 -2.40
N GLY N 61 -16.34 -42.67 -1.70
CA GLY N 61 -16.12 -42.06 -0.40
C GLY N 61 -16.13 -43.12 0.69
N PHE N 62 -15.57 -42.80 1.85
CA PHE N 62 -15.58 -43.75 2.95
C PHE N 62 -15.47 -42.93 4.24
N ALA N 63 -15.99 -43.47 5.34
CA ALA N 63 -15.87 -42.78 6.63
C ALA N 63 -15.64 -43.78 7.77
N GLU N 64 -15.21 -44.97 7.42
CA GLU N 64 -14.93 -45.99 8.41
C GLU N 64 -13.64 -46.68 7.96
N VAL N 65 -12.70 -46.88 8.87
CA VAL N 65 -11.44 -47.48 8.50
C VAL N 65 -10.87 -48.17 9.70
N GLN N 66 -10.21 -49.29 9.46
CA GLN N 66 -9.60 -49.97 10.54
C GLN N 66 -8.07 -49.94 10.39
N PHE N 67 -7.34 -49.76 11.50
CA PHE N 67 -5.89 -49.73 11.48
C PHE N 67 -5.31 -50.89 12.22
N ASN N 68 -4.45 -51.65 11.55
CA ASN N 68 -3.81 -52.84 12.13
C ASN N 68 -2.31 -52.73 12.32
N ALA O 1 -13.46 -49.39 37.22
CA ALA O 1 -12.65 -50.63 37.25
C ALA O 1 -11.68 -50.68 36.07
N ASP O 2 -10.62 -51.45 36.23
CA ASP O 2 -9.60 -51.62 35.20
C ASP O 2 -10.03 -52.74 34.26
N CYS O 3 -10.81 -52.39 33.24
CA CYS O 3 -11.30 -53.38 32.31
C CYS O 3 -10.27 -54.17 31.51
N ALA O 4 -9.30 -53.49 30.90
CA ALA O 4 -8.28 -54.18 30.12
C ALA O 4 -6.96 -53.44 30.22
N LYS O 5 -5.87 -54.12 29.93
CA LYS O 5 -4.57 -53.46 30.00
C LYS O 5 -3.65 -54.16 29.02
N GLY O 6 -3.13 -53.39 28.07
CA GLY O 6 -2.22 -53.93 27.07
C GLY O 6 -2.02 -52.98 25.91
N LYS O 7 -1.45 -53.47 24.83
CA LYS O 7 -1.23 -52.63 23.66
C LYS O 7 -2.56 -52.61 22.92
N ILE O 8 -2.75 -51.61 22.07
CA ILE O 8 -3.96 -51.54 21.28
C ILE O 8 -3.67 -52.40 20.06
N GLU O 9 -4.44 -53.48 19.95
CA GLU O 9 -4.34 -54.45 18.86
C GLU O 9 -4.77 -53.83 17.51
N PHE O 10 -5.89 -53.09 17.52
CA PHE O 10 -6.34 -52.36 16.34
C PHE O 10 -7.31 -51.32 16.79
N SER O 11 -7.66 -50.37 15.91
CA SER O 11 -8.60 -49.36 16.29
C SER O 11 -9.49 -49.18 15.10
N LYS O 12 -10.65 -48.57 15.31
CA LYS O 12 -11.58 -48.42 14.23
C LYS O 12 -12.43 -47.20 14.42
N TYR O 13 -12.55 -46.42 13.38
CA TYR O 13 -13.34 -45.22 13.48
C TYR O 13 -14.70 -45.66 12.95
N ASN O 14 -15.74 -45.39 13.73
CA ASN O 14 -17.08 -45.80 13.36
C ASN O 14 -17.89 -44.72 12.70
N GLU O 15 -18.87 -45.18 11.94
CA GLU O 15 -19.78 -44.31 11.21
C GLU O 15 -20.55 -43.34 12.09
N ASP O 16 -20.84 -43.73 13.32
CA ASP O 16 -21.53 -42.83 14.23
C ASP O 16 -20.54 -41.83 14.89
N ASN O 17 -19.29 -41.86 14.42
CA ASN O 17 -18.22 -41.00 14.95
C ASN O 17 -17.63 -41.46 16.30
N THR O 18 -17.93 -42.70 16.69
CA THR O 18 -17.38 -43.24 17.93
C THR O 18 -16.13 -43.94 17.50
N PHE O 19 -15.23 -44.18 18.44
CA PHE O 19 -13.96 -44.81 18.17
C PHE O 19 -13.83 -46.11 18.97
N THR O 20 -13.40 -47.19 18.32
CA THR O 20 -13.21 -48.49 18.96
C THR O 20 -11.75 -48.94 19.01
N VAL O 21 -11.35 -49.53 20.12
CA VAL O 21 -10.00 -50.05 20.28
C VAL O 21 -10.11 -51.44 20.85
N LYS O 22 -9.18 -52.31 20.49
CA LYS O 22 -9.19 -53.67 20.97
C LYS O 22 -7.96 -53.86 21.86
N VAL O 23 -8.21 -54.11 23.14
CA VAL O 23 -7.17 -54.30 24.13
C VAL O 23 -7.46 -55.58 24.89
N SER O 24 -6.49 -56.48 24.92
CA SER O 24 -6.62 -57.76 25.60
C SER O 24 -7.78 -58.60 25.10
N GLY O 25 -7.90 -58.69 23.78
CA GLY O 25 -8.95 -59.50 23.21
C GLY O 25 -10.33 -58.90 23.33
N ARG O 26 -10.47 -57.77 24.02
CA ARG O 26 -11.79 -57.16 24.14
C ARG O 26 -11.91 -55.82 23.42
N GLU O 27 -13.10 -55.53 22.89
CA GLU O 27 -13.32 -54.26 22.19
C GLU O 27 -14.05 -53.23 23.06
N TYR O 28 -13.65 -51.96 22.97
CA TYR O 28 -14.28 -50.91 23.75
C TYR O 28 -14.38 -49.71 22.85
N TRP O 29 -15.40 -48.89 23.05
CA TRP O 29 -15.57 -47.73 22.21
C TRP O 29 -15.74 -46.51 23.08
N THR O 30 -15.65 -45.33 22.48
CA THR O 30 -15.77 -44.09 23.23
C THR O 30 -16.29 -43.04 22.30
N ASN O 31 -16.98 -42.05 22.83
CA ASN O 31 -17.49 -40.96 22.00
C ASN O 31 -16.80 -39.64 22.41
N ARG O 32 -15.77 -39.75 23.26
CA ARG O 32 -15.02 -38.59 23.76
C ARG O 32 -14.02 -38.16 22.74
N TRP O 33 -14.41 -37.10 22.05
CA TRP O 33 -13.69 -36.46 20.97
C TRP O 33 -12.14 -36.45 21.03
N ASN O 34 -11.66 -35.92 22.13
CA ASN O 34 -10.25 -35.75 22.38
C ASN O 34 -9.42 -37.01 22.41
N LEU O 35 -10.02 -38.10 22.86
CA LEU O 35 -9.31 -39.34 22.94
C LEU O 35 -8.86 -39.94 21.63
N GLN O 36 -9.62 -39.74 20.54
CA GLN O 36 -9.22 -40.32 19.23
C GLN O 36 -7.73 -40.20 18.87
N PRO O 37 -7.20 -38.96 18.76
CA PRO O 37 -5.78 -38.83 18.43
C PRO O 37 -4.85 -39.38 19.56
N LEU O 38 -5.22 -39.19 20.82
CA LEU O 38 -4.42 -39.75 21.94
C LEU O 38 -4.34 -41.29 21.87
N LEU O 39 -5.47 -41.92 21.57
CA LEU O 39 -5.50 -43.33 21.44
C LEU O 39 -4.71 -43.73 20.22
N GLN O 40 -4.85 -43.00 19.11
CA GLN O 40 -4.10 -43.41 17.92
C GLN O 40 -2.61 -43.31 18.12
N SER O 41 -2.16 -42.26 18.79
CA SER O 41 -0.73 -42.12 19.06
C SER O 41 -0.27 -43.27 19.89
N ALA O 42 -1.11 -43.62 20.89
CA ALA O 42 -0.81 -44.71 21.80
C ALA O 42 -0.62 -45.96 20.97
N GLN O 43 -1.49 -46.14 19.98
CA GLN O 43 -1.42 -47.32 19.13
C GLN O 43 -0.19 -47.30 18.22
N LEU O 44 -0.02 -46.14 17.58
CA LEU O 44 1.08 -45.85 16.64
C LEU O 44 2.47 -45.99 17.26
N THR O 45 2.60 -45.60 18.52
CA THR O 45 3.88 -45.64 19.22
C THR O 45 3.94 -46.76 20.19
N GLY O 46 2.83 -47.52 20.28
CA GLY O 46 2.80 -48.68 21.15
C GLY O 46 2.75 -48.64 22.66
N MET O 47 2.10 -47.64 23.23
CA MET O 47 2.02 -47.56 24.69
C MET O 47 1.07 -48.60 25.26
N THR O 48 1.21 -48.84 26.56
CA THR O 48 0.32 -49.75 27.26
C THR O 48 -0.86 -48.87 27.71
N VAL O 49 -2.08 -49.24 27.33
CA VAL O 49 -3.22 -48.43 27.76
C VAL O 49 -4.02 -49.25 28.76
N THR O 50 -4.76 -48.56 29.61
CA THR O 50 -5.60 -49.20 30.59
C THR O 50 -6.99 -48.58 30.43
N ILE O 51 -7.91 -49.38 29.90
CA ILE O 51 -9.28 -48.94 29.69
C ILE O 51 -9.97 -48.99 31.05
N ILE O 52 -10.53 -47.86 31.47
CA ILE O 52 -11.20 -47.79 32.76
C ILE O 52 -12.69 -47.50 32.56
N SER O 53 -13.54 -48.32 33.18
CA SER O 53 -14.97 -48.14 33.05
C SER O 53 -15.72 -48.97 34.09
N ASN O 54 -17.04 -48.81 34.12
CA ASN O 54 -17.91 -49.53 35.04
C ASN O 54 -18.32 -50.89 34.51
N THR O 55 -18.48 -50.97 33.20
CA THR O 55 -18.83 -52.21 32.54
C THR O 55 -17.60 -52.63 31.74
N CYS O 56 -17.02 -53.76 32.07
CA CYS O 56 -15.82 -54.21 31.38
C CYS O 56 -16.00 -55.27 30.31
N SER O 57 -17.26 -55.59 29.99
CA SER O 57 -17.53 -56.62 28.98
C SER O 57 -17.25 -56.11 27.58
N SER O 58 -16.69 -56.95 26.72
CA SER O 58 -16.40 -56.53 25.37
C SER O 58 -17.65 -55.85 24.77
N GLY O 59 -17.42 -54.77 24.03
CA GLY O 59 -18.50 -54.01 23.43
C GLY O 59 -18.96 -52.84 24.28
N SER O 60 -18.38 -52.68 25.47
CA SER O 60 -18.74 -51.59 26.39
C SER O 60 -18.08 -50.23 26.10
N GLY O 61 -18.74 -49.17 26.53
CA GLY O 61 -18.21 -47.83 26.34
C GLY O 61 -17.27 -47.43 27.46
N PHE O 62 -16.42 -46.43 27.20
CA PHE O 62 -15.45 -45.95 28.19
C PHE O 62 -15.06 -44.51 27.88
N ALA O 63 -14.63 -43.79 28.91
CA ALA O 63 -14.24 -42.40 28.74
C ALA O 63 -13.09 -42.04 29.68
N GLU O 64 -12.38 -43.05 30.16
CA GLU O 64 -11.29 -42.80 31.05
C GLU O 64 -10.22 -43.83 30.66
N VAL O 65 -8.98 -43.41 30.52
CA VAL O 65 -7.92 -44.32 30.12
C VAL O 65 -6.55 -43.85 30.66
N GLN O 66 -5.71 -44.80 31.07
CA GLN O 66 -4.39 -44.50 31.59
C GLN O 66 -3.28 -44.96 30.64
N PHE O 67 -2.42 -44.03 30.24
CA PHE O 67 -1.35 -44.37 29.31
C PHE O 67 -0.04 -44.64 30.06
N ASN O 68 0.50 -45.84 29.87
CA ASN O 68 1.74 -46.29 30.51
C ASN O 68 2.94 -46.53 29.63
N ALA P 1 -11.49 18.32 7.98
CA ALA P 1 -12.38 19.29 8.66
C ALA P 1 -12.36 20.62 7.95
N ASP P 2 -13.46 21.36 8.03
CA ASP P 2 -13.56 22.69 7.43
C ASP P 2 -12.97 23.74 8.38
N CYS P 3 -11.67 24.01 8.23
CA CYS P 3 -10.97 24.94 9.09
C CYS P 3 -11.37 26.40 9.02
N ALA P 4 -11.62 26.88 7.80
CA ALA P 4 -11.99 28.27 7.61
C ALA P 4 -12.77 28.43 6.32
N LYS P 5 -13.59 29.46 6.24
CA LYS P 5 -14.34 29.69 5.05
C LYS P 5 -14.53 31.18 4.92
N GLY P 6 -14.21 31.72 3.75
CA GLY P 6 -14.37 33.16 3.53
C GLY P 6 -13.50 33.63 2.39
N LYS P 7 -13.35 34.94 2.26
CA LYS P 7 -12.52 35.53 1.22
C LYS P 7 -11.09 35.42 1.72
N ILE P 8 -10.14 35.49 0.79
CA ILE P 8 -8.73 35.44 1.17
C ILE P 8 -8.42 36.89 1.47
N GLU P 9 -7.95 37.13 2.69
CA GLU P 9 -7.60 38.45 3.20
C GLU P 9 -6.32 38.98 2.55
N PHE P 10 -5.30 38.12 2.47
CA PHE P 10 -4.04 38.44 1.83
C PHE P 10 -3.36 37.10 1.62
N SER P 11 -2.37 37.05 0.72
CA SER P 11 -1.62 35.83 0.48
C SER P 11 -0.12 36.21 0.53
N LYS P 12 0.74 35.21 0.72
CA LYS P 12 2.16 35.50 0.82
C LYS P 12 2.94 34.34 0.26
N TYR P 13 3.91 34.64 -0.59
CA TYR P 13 4.78 33.61 -1.15
C TYR P 13 5.97 33.58 -0.17
N ASN P 14 6.27 32.43 0.40
CA ASN P 14 7.34 32.35 1.37
C ASN P 14 8.65 31.89 0.78
N GLU P 15 9.74 32.23 1.46
CA GLU P 15 11.09 31.89 1.00
C GLU P 15 11.35 30.40 0.80
N ASP P 16 10.67 29.55 1.58
CA ASP P 16 10.83 28.11 1.42
C ASP P 16 9.95 27.59 0.29
N ASN P 17 9.36 28.51 -0.46
CA ASN P 17 8.50 28.19 -1.60
C ASN P 17 7.10 27.69 -1.30
N THR P 18 6.67 27.80 -0.03
CA THR P 18 5.32 27.44 0.35
C THR P 18 4.49 28.71 0.14
N PHE P 19 3.16 28.59 0.20
CA PHE P 19 2.29 29.74 -0.02
C PHE P 19 1.30 29.87 1.13
N THR P 20 1.17 31.08 1.69
CA THR P 20 0.25 31.33 2.81
C THR P 20 -0.96 32.19 2.43
N VAL P 21 -2.12 31.84 2.97
CA VAL P 21 -3.34 32.63 2.76
C VAL P 21 -3.99 32.85 4.11
N LYS P 22 -4.61 34.02 4.26
CA LYS P 22 -5.29 34.32 5.51
C LYS P 22 -6.78 34.27 5.22
N VAL P 23 -7.48 33.40 5.92
CA VAL P 23 -8.94 33.27 5.74
C VAL P 23 -9.60 33.23 7.13
N SER P 24 -10.58 34.10 7.34
CA SER P 24 -11.27 34.16 8.64
C SER P 24 -10.31 34.44 9.79
N GLY P 25 -9.37 35.36 9.59
CA GLY P 25 -8.44 35.69 10.65
C GLY P 25 -7.38 34.66 10.97
N ARG P 26 -7.38 33.52 10.27
CA ARG P 26 -6.35 32.52 10.51
C ARG P 26 -5.47 32.33 9.29
N GLU P 27 -4.20 32.00 9.51
CA GLU P 27 -3.27 31.81 8.41
C GLU P 27 -3.07 30.33 8.17
N TYR P 28 -2.94 29.95 6.91
CA TYR P 28 -2.70 28.55 6.55
C TYR P 28 -1.73 28.53 5.39
N TRP P 29 -0.89 27.51 5.32
CA TRP P 29 0.09 27.43 4.24
C TRP P 29 -0.03 26.09 3.51
N THR P 30 0.46 26.06 2.29
CA THR P 30 0.45 24.84 1.48
C THR P 30 1.74 24.77 0.68
N ASN P 31 2.21 23.56 0.40
CA ASN P 31 3.41 23.44 -0.40
C ASN P 31 3.03 22.91 -1.79
N ARG P 32 1.76 23.08 -2.16
CA ARG P 32 1.29 22.68 -3.47
C ARG P 32 1.57 23.82 -4.47
N TRP P 33 2.53 23.64 -5.36
CA TRP P 33 2.80 24.71 -6.30
C TRP P 33 1.64 24.98 -7.22
N ASN P 34 0.79 23.98 -7.45
CA ASN P 34 -0.38 24.11 -8.33
C ASN P 34 -1.35 25.13 -7.79
N LEU P 35 -1.53 25.11 -6.48
CA LEU P 35 -2.50 25.96 -5.82
C LEU P 35 -2.19 27.44 -5.85
N GLN P 36 -0.90 27.78 -5.94
CA GLN P 36 -0.50 29.16 -5.92
C GLN P 36 -1.26 30.06 -6.90
N PRO P 37 -1.23 29.76 -8.20
CA PRO P 37 -1.98 30.64 -9.09
C PRO P 37 -3.50 30.56 -8.87
N LEU P 38 -4.02 29.36 -8.53
CA LEU P 38 -5.46 29.19 -8.27
C LEU P 38 -5.87 30.05 -7.07
N LEU P 39 -5.07 29.99 -6.02
CA LEU P 39 -5.35 30.76 -4.82
C LEU P 39 -5.31 32.24 -5.10
N GLN P 40 -4.32 32.67 -5.88
CA GLN P 40 -4.25 34.09 -6.15
C GLN P 40 -5.41 34.59 -6.99
N SER P 41 -5.90 33.77 -7.92
CA SER P 41 -7.02 34.18 -8.75
C SER P 41 -8.23 34.28 -7.85
N ALA P 42 -8.38 33.31 -6.96
CA ALA P 42 -9.49 33.30 -6.02
C ALA P 42 -9.48 34.59 -5.23
N GLN P 43 -8.31 34.98 -4.75
CA GLN P 43 -8.20 36.22 -3.98
C GLN P 43 -8.58 37.40 -4.84
N LEU P 44 -8.25 37.37 -6.13
CA LEU P 44 -8.57 38.49 -6.99
C LEU P 44 -10.03 38.60 -7.36
N THR P 45 -10.65 37.48 -7.68
CA THR P 45 -12.05 37.49 -8.08
C THR P 45 -13.02 37.47 -6.89
N GLY P 46 -12.48 37.46 -5.68
CA GLY P 46 -13.31 37.48 -4.48
C GLY P 46 -14.05 36.19 -4.16
N MET P 47 -13.57 35.06 -4.63
CA MET P 47 -14.24 33.79 -4.35
C MET P 47 -14.22 33.41 -2.88
N THR P 48 -15.11 32.53 -2.50
CA THR P 48 -15.12 32.07 -1.13
C THR P 48 -14.29 30.80 -1.15
N VAL P 49 -13.29 30.72 -0.29
CA VAL P 49 -12.51 29.52 -0.29
C VAL P 49 -12.79 28.86 1.03
N THR P 50 -12.64 27.54 1.06
CA THR P 50 -12.85 26.76 2.26
C THR P 50 -11.59 25.93 2.46
N ILE P 51 -10.84 26.24 3.52
CA ILE P 51 -9.61 25.54 3.81
C ILE P 51 -9.97 24.26 4.53
N ILE P 52 -9.50 23.14 4.00
CA ILE P 52 -9.80 21.85 4.56
C ILE P 52 -8.50 21.20 5.00
N SER P 53 -8.46 20.79 6.27
CA SER P 53 -7.31 20.16 6.86
C SER P 53 -7.68 19.42 8.16
N ASN P 54 -6.71 18.69 8.71
CA ASN P 54 -6.89 17.91 9.95
C ASN P 54 -6.60 18.75 11.18
N THR P 55 -5.75 19.73 10.98
CA THR P 55 -5.36 20.63 12.02
C THR P 55 -5.85 22.00 11.53
N CYS P 56 -6.76 22.63 12.28
CA CYS P 56 -7.31 23.90 11.86
C CYS P 56 -6.79 25.13 12.58
N SER P 57 -5.76 24.97 13.40
CA SER P 57 -5.20 26.10 14.12
C SER P 57 -4.33 26.97 13.21
N SER P 58 -4.44 28.29 13.39
CA SER P 58 -3.66 29.23 12.61
C SER P 58 -2.19 28.80 12.55
N GLY P 59 -1.60 28.88 11.36
CA GLY P 59 -0.24 28.45 11.16
C GLY P 59 -0.10 27.02 10.65
N SER P 60 -1.23 26.32 10.50
CA SER P 60 -1.22 24.93 10.03
C SER P 60 -1.17 24.76 8.51
N GLY P 61 -0.73 23.57 8.09
CA GLY P 61 -0.65 23.26 6.67
C GLY P 61 -1.99 22.71 6.17
N PHE P 62 -2.20 22.76 4.86
CA PHE P 62 -3.43 22.25 4.24
C PHE P 62 -3.06 21.89 2.79
N ALA P 63 -3.77 20.92 2.24
CA ALA P 63 -3.52 20.57 0.83
C ALA P 63 -4.88 20.27 0.16
N GLU P 64 -5.96 20.68 0.80
CA GLU P 64 -7.29 20.51 0.22
C GLU P 64 -8.09 21.80 0.41
N VAL P 65 -8.67 22.31 -0.67
CA VAL P 65 -9.42 23.54 -0.61
C VAL P 65 -10.55 23.43 -1.61
N GLN P 66 -11.64 24.15 -1.34
CA GLN P 66 -12.78 24.16 -2.20
C GLN P 66 -13.06 25.60 -2.58
N PHE P 67 -13.44 25.81 -3.84
CA PHE P 67 -13.69 27.15 -4.30
C PHE P 67 -15.14 27.34 -4.65
N ASN P 68 -15.73 28.39 -4.09
CA ASN P 68 -17.15 28.68 -4.28
C ASN P 68 -17.37 30.02 -4.94
N ALA Q 1 -20.47 10.14 -23.86
CA ALA Q 1 -21.80 10.79 -23.62
C ALA Q 1 -21.64 12.14 -22.94
N ASP Q 2 -22.60 13.02 -23.14
CA ASP Q 2 -22.57 14.34 -22.52
C ASP Q 2 -23.23 14.24 -21.15
N CYS Q 3 -22.42 14.02 -20.13
CA CYS Q 3 -22.94 13.87 -18.77
C CYS Q 3 -23.58 15.09 -18.12
N ALA Q 4 -22.97 16.26 -18.32
CA ALA Q 4 -23.47 17.48 -17.70
C ALA Q 4 -23.04 18.69 -18.50
N LYS Q 5 -23.77 19.78 -18.40
CA LYS Q 5 -23.42 20.97 -19.14
C LYS Q 5 -23.93 22.20 -18.43
N GLY Q 6 -23.04 23.13 -18.13
CA GLY Q 6 -23.41 24.35 -17.45
C GLY Q 6 -22.17 24.98 -16.85
N LYS Q 7 -22.34 25.92 -15.94
CA LYS Q 7 -21.20 26.58 -15.30
C LYS Q 7 -20.69 25.67 -14.20
N ILE Q 8 -19.43 25.84 -13.79
CA ILE Q 8 -18.89 25.04 -12.71
C ILE Q 8 -19.39 25.76 -11.46
N GLU Q 9 -20.10 25.03 -10.62
CA GLU Q 9 -20.70 25.56 -9.40
C GLU Q 9 -19.62 25.74 -8.35
N PHE Q 10 -18.78 24.73 -8.19
CA PHE Q 10 -17.63 24.83 -7.29
C PHE Q 10 -16.63 23.75 -7.68
N SER Q 11 -15.38 23.89 -7.23
CA SER Q 11 -14.35 22.92 -7.57
C SER Q 11 -13.61 22.60 -6.30
N LYS Q 12 -13.01 21.42 -6.26
CA LYS Q 12 -12.29 21.03 -5.09
C LYS Q 12 -11.05 20.24 -5.45
N TYR Q 13 -9.93 20.62 -4.83
CA TYR Q 13 -8.66 19.93 -5.08
C TYR Q 13 -8.58 18.92 -3.96
N ASN Q 14 -8.46 17.65 -4.32
CA ASN Q 14 -8.45 16.58 -3.34
C ASN Q 14 -7.07 16.16 -2.89
N GLU Q 15 -7.05 15.50 -1.75
CA GLU Q 15 -5.83 15.04 -1.18
C GLU Q 15 -5.10 14.03 -2.06
N ASP Q 16 -5.83 13.20 -2.81
CA ASP Q 16 -5.15 12.23 -3.67
C ASP Q 16 -4.65 12.91 -4.96
N ASN Q 17 -4.75 14.24 -5.00
CA ASN Q 17 -4.35 15.03 -6.17
C ASN Q 17 -5.34 15.03 -7.34
N THR Q 18 -6.53 14.48 -7.13
CA THR Q 18 -7.55 14.49 -8.17
C THR Q 18 -8.30 15.80 -8.00
N PHE Q 19 -9.02 16.24 -9.02
CA PHE Q 19 -9.75 17.50 -8.99
C PHE Q 19 -11.25 17.19 -9.20
N THR Q 20 -12.11 17.86 -8.43
CA THR Q 20 -13.54 17.66 -8.52
C THR Q 20 -14.26 18.93 -8.91
N VAL Q 21 -15.25 18.80 -9.78
CA VAL Q 21 -16.04 19.94 -10.20
C VAL Q 21 -17.50 19.56 -10.10
N LYS Q 22 -18.36 20.54 -9.84
CA LYS Q 22 -19.76 20.25 -9.73
C LYS Q 22 -20.47 20.99 -10.85
N VAL Q 23 -21.08 20.25 -11.77
CA VAL Q 23 -21.78 20.87 -12.90
C VAL Q 23 -23.21 20.32 -12.95
N SER Q 24 -24.20 21.21 -12.99
CA SER Q 24 -25.60 20.77 -13.05
C SER Q 24 -25.96 19.90 -11.86
N GLY Q 25 -25.54 20.30 -10.67
CA GLY Q 25 -25.86 19.51 -9.48
C GLY Q 25 -25.16 18.16 -9.30
N ARG Q 26 -24.31 17.76 -10.24
CA ARG Q 26 -23.60 16.51 -10.12
C ARG Q 26 -22.11 16.75 -9.99
N GLU Q 27 -21.44 15.86 -9.28
CA GLU Q 27 -20.00 15.99 -9.09
C GLU Q 27 -19.23 15.03 -9.96
N TYR Q 28 -18.13 15.49 -10.51
CA TYR Q 28 -17.27 14.63 -11.31
C TYR Q 28 -15.84 14.95 -10.95
N TRP Q 29 -14.97 13.96 -11.01
CA TRP Q 29 -13.58 14.18 -10.70
C TRP Q 29 -12.70 13.73 -11.86
N THR Q 30 -11.46 14.22 -11.89
CA THR Q 30 -10.51 13.86 -12.94
C THR Q 30 -9.10 13.79 -12.36
N ASN Q 31 -8.27 12.92 -12.92
CA ASN Q 31 -6.91 12.83 -12.42
C ASN Q 31 -5.95 13.35 -13.49
N ARG Q 32 -6.49 13.93 -14.56
CA ARG Q 32 -5.67 14.47 -15.64
C ARG Q 32 -5.06 15.78 -15.21
N TRP Q 33 -3.76 15.69 -14.95
CA TRP Q 33 -2.92 16.78 -14.53
C TRP Q 33 -3.28 18.15 -15.12
N ASN Q 34 -3.21 18.21 -16.42
CA ASN Q 34 -3.46 19.42 -17.22
C ASN Q 34 -4.80 20.09 -17.12
N LEU Q 35 -5.84 19.34 -16.79
CA LEU Q 35 -7.15 19.96 -16.72
C LEU Q 35 -7.37 20.93 -15.56
N GLN Q 36 -6.76 20.70 -14.40
CA GLN Q 36 -6.90 21.59 -13.23
C GLN Q 36 -6.89 23.10 -13.54
N PRO Q 37 -5.80 23.62 -14.12
CA PRO Q 37 -5.84 25.06 -14.40
C PRO Q 37 -6.89 25.43 -15.48
N LEU Q 38 -7.12 24.54 -16.45
CA LEU Q 38 -8.15 24.83 -17.49
C LEU Q 38 -9.56 24.86 -16.87
N LEU Q 39 -9.81 23.91 -15.97
CA LEU Q 39 -11.08 23.86 -15.30
C LEU Q 39 -11.22 25.05 -14.38
N GLN Q 40 -10.14 25.43 -13.67
CA GLN Q 40 -10.26 26.59 -12.78
C GLN Q 40 -10.48 27.87 -13.52
N SER Q 41 -9.80 28.05 -14.65
CA SER Q 41 -10.02 29.26 -15.42
C SER Q 41 -11.46 29.30 -15.93
N ALA Q 42 -11.97 28.11 -16.32
CA ALA Q 42 -13.33 27.96 -16.82
C ALA Q 42 -14.28 28.40 -15.72
N GLN Q 43 -13.91 28.06 -14.48
CA GLN Q 43 -14.73 28.44 -13.33
C GLN Q 43 -14.60 29.92 -12.94
N LEU Q 44 -13.34 30.38 -12.87
CA LEU Q 44 -12.99 31.77 -12.53
C LEU Q 44 -13.61 32.78 -13.49
N THR Q 45 -13.74 32.38 -14.75
CA THR Q 45 -14.27 33.23 -15.82
C THR Q 45 -15.68 32.92 -16.25
N GLY Q 46 -16.23 31.84 -15.72
CA GLY Q 46 -17.60 31.48 -16.04
C GLY Q 46 -17.95 30.91 -17.40
N MET Q 47 -17.13 29.99 -17.92
CA MET Q 47 -17.43 29.37 -19.21
C MET Q 47 -18.42 28.21 -18.98
N THR Q 48 -19.05 27.77 -20.06
CA THR Q 48 -19.96 26.63 -20.00
C THR Q 48 -19.10 25.41 -20.31
N VAL Q 49 -19.03 24.49 -19.38
CA VAL Q 49 -18.26 23.29 -19.64
C VAL Q 49 -19.24 22.14 -19.87
N THR Q 50 -18.78 21.12 -20.60
CA THR Q 50 -19.54 19.94 -20.91
C THR Q 50 -18.67 18.77 -20.53
N ILE Q 51 -19.02 18.11 -19.43
CA ILE Q 51 -18.29 16.94 -18.93
C ILE Q 51 -18.68 15.78 -19.83
N ILE Q 52 -17.71 15.06 -20.37
CA ILE Q 52 -17.97 13.97 -21.28
C ILE Q 52 -17.40 12.70 -20.70
N SER Q 53 -18.22 11.67 -20.60
CA SER Q 53 -17.76 10.41 -20.00
C SER Q 53 -18.72 9.27 -20.34
N ASN Q 54 -18.33 8.05 -19.94
CA ASN Q 54 -19.12 6.85 -20.18
C ASN Q 54 -20.13 6.71 -19.09
N THR Q 55 -19.72 7.07 -17.89
CA THR Q 55 -20.58 6.98 -16.73
C THR Q 55 -20.92 8.41 -16.33
N CYS Q 56 -22.21 8.73 -16.35
CA CYS Q 56 -22.61 10.08 -16.01
C CYS Q 56 -23.21 10.28 -14.64
N SER Q 57 -23.18 9.27 -13.79
CA SER Q 57 -23.75 9.41 -12.47
C SER Q 57 -22.81 10.24 -11.59
N SER Q 58 -23.39 11.04 -10.71
CA SER Q 58 -22.60 11.88 -9.81
C SER Q 58 -21.51 11.03 -9.12
N GLY Q 59 -20.29 11.58 -9.01
CA GLY Q 59 -19.21 10.85 -8.37
C GLY Q 59 -18.35 10.07 -9.35
N SER Q 60 -18.66 10.18 -10.64
CA SER Q 60 -17.91 9.48 -11.69
C SER Q 60 -16.67 10.23 -12.19
N GLY Q 61 -15.71 9.48 -12.74
CA GLY Q 61 -14.51 10.06 -13.27
C GLY Q 61 -14.70 10.52 -14.71
N PHE Q 62 -13.84 11.45 -15.16
CA PHE Q 62 -13.91 11.96 -16.53
C PHE Q 62 -12.53 12.48 -16.95
N ALA Q 63 -12.28 12.55 -18.25
CA ALA Q 63 -11.02 13.01 -18.79
C ALA Q 63 -11.25 13.74 -20.11
N GLU Q 64 -12.49 14.09 -20.38
CA GLU Q 64 -12.75 14.76 -21.63
C GLU Q 64 -13.78 15.85 -21.33
N VAL Q 65 -13.51 17.08 -21.75
CA VAL Q 65 -14.46 18.16 -21.49
C VAL Q 65 -14.43 19.20 -22.61
N GLN Q 66 -15.59 19.80 -22.90
CA GLN Q 66 -15.69 20.82 -23.95
C GLN Q 66 -15.95 22.16 -23.28
N PHE Q 67 -15.24 23.20 -23.73
CA PHE Q 67 -15.37 24.55 -23.17
C PHE Q 67 -16.09 25.46 -24.14
N ASN Q 68 -17.14 26.11 -23.66
CA ASN Q 68 -17.96 26.99 -24.49
C ASN Q 68 -18.02 28.45 -24.08
N ALA R 1 0.17 27.38 -44.78
CA ALA R 1 -1.08 28.05 -45.26
C ALA R 1 -2.01 28.47 -44.12
N ASP R 2 -2.80 29.51 -44.40
CA ASP R 2 -3.76 30.06 -43.44
C ASP R 2 -5.06 29.31 -43.59
N CYS R 3 -5.22 28.26 -42.80
CA CYS R 3 -6.41 27.41 -42.84
C CYS R 3 -7.71 28.04 -42.38
N ALA R 4 -7.68 28.79 -41.29
CA ALA R 4 -8.88 29.42 -40.78
C ALA R 4 -8.51 30.66 -39.99
N LYS R 5 -9.44 31.60 -39.89
CA LYS R 5 -9.21 32.82 -39.16
C LYS R 5 -10.54 33.29 -38.61
N GLY R 6 -10.57 33.53 -37.30
CA GLY R 6 -11.78 33.98 -36.65
C GLY R 6 -11.70 33.73 -35.16
N LYS R 7 -12.83 33.83 -34.47
CA LYS R 7 -12.89 33.61 -33.04
C LYS R 7 -12.96 32.10 -32.86
N ILE R 8 -12.60 31.60 -31.68
CA ILE R 8 -12.68 30.19 -31.39
C ILE R 8 -14.14 29.98 -30.93
N GLU R 9 -14.85 29.16 -31.68
CA GLU R 9 -16.24 28.88 -31.40
C GLU R 9 -16.36 28.05 -30.12
N PHE R 10 -15.52 27.03 -30.01
CA PHE R 10 -15.47 26.20 -28.81
C PHE R 10 -14.14 25.44 -28.84
N SER R 11 -13.73 24.93 -27.68
CA SER R 11 -12.51 24.17 -27.58
C SER R 11 -12.84 22.87 -26.86
N LYS R 12 -11.99 21.87 -27.03
CA LYS R 12 -12.26 20.60 -26.40
C LYS R 12 -10.94 19.92 -26.03
N TYR R 13 -10.86 19.47 -24.79
CA TYR R 13 -9.70 18.73 -24.30
C TYR R 13 -10.09 17.27 -24.56
N ASN R 14 -9.26 16.56 -25.32
CA ASN R 14 -9.55 15.18 -25.66
C ASN R 14 -8.91 14.17 -24.75
N GLU R 15 -9.40 12.95 -24.81
CA GLU R 15 -8.84 11.92 -23.95
C GLU R 15 -7.39 11.58 -24.24
N ASP R 16 -6.95 11.73 -25.49
CA ASP R 16 -5.55 11.45 -25.85
C ASP R 16 -4.63 12.61 -25.51
N ASN R 17 -5.17 13.58 -24.80
CA ASN R 17 -4.45 14.77 -24.39
C ASN R 17 -4.18 15.79 -25.48
N THR R 18 -4.88 15.66 -26.60
CA THR R 18 -4.74 16.65 -27.66
C THR R 18 -5.84 17.66 -27.35
N PHE R 19 -5.79 18.80 -28.03
CA PHE R 19 -6.72 19.88 -27.81
C PHE R 19 -7.34 20.31 -29.14
N THR R 20 -8.66 20.43 -29.16
CA THR R 20 -9.36 20.81 -30.39
C THR R 20 -10.01 22.18 -30.25
N VAL R 21 -9.99 22.94 -31.34
CA VAL R 21 -10.63 24.24 -31.36
C VAL R 21 -11.43 24.29 -32.65
N LYS R 22 -12.54 25.00 -32.65
CA LYS R 22 -13.34 25.14 -33.86
C LYS R 22 -13.23 26.60 -34.28
N VAL R 23 -12.79 26.85 -35.52
CA VAL R 23 -12.61 28.19 -36.03
C VAL R 23 -13.15 28.22 -37.45
N SER R 24 -14.02 29.17 -37.77
CA SER R 24 -14.60 29.27 -39.10
C SER R 24 -15.29 27.99 -39.53
N GLY R 25 -16.04 27.37 -38.62
CA GLY R 25 -16.75 26.15 -38.98
C GLY R 25 -15.94 24.88 -39.16
N ARG R 26 -14.61 24.97 -39.05
CA ARG R 26 -13.78 23.77 -39.18
C ARG R 26 -13.06 23.47 -37.87
N GLU R 27 -12.84 22.20 -37.58
CA GLU R 27 -12.16 21.82 -36.35
C GLU R 27 -10.71 21.49 -36.58
N TYR R 28 -9.85 21.85 -35.62
CA TYR R 28 -8.45 21.55 -35.72
C TYR R 28 -7.94 21.15 -34.35
N TRP R 29 -7.01 20.20 -34.32
CA TRP R 29 -6.44 19.76 -33.06
C TRP R 29 -4.91 19.95 -33.03
N THR R 30 -4.34 19.92 -31.84
CA THR R 30 -2.91 20.10 -31.66
C THR R 30 -2.44 19.30 -30.47
N ASN R 31 -1.26 18.71 -30.56
CA ASN R 31 -0.72 17.97 -29.42
C ASN R 31 0.33 18.80 -28.67
N ARG R 32 0.40 20.09 -28.95
CA ARG R 32 1.33 20.94 -28.25
C ARG R 32 0.66 21.38 -26.95
N TRP R 33 1.20 20.90 -25.83
CA TRP R 33 0.65 21.24 -24.53
C TRP R 33 0.67 22.72 -24.25
N ASN R 34 1.76 23.39 -24.62
CA ASN R 34 1.89 24.84 -24.39
C ASN R 34 0.76 25.65 -24.99
N LEU R 35 0.19 25.14 -26.07
CA LEU R 35 -0.89 25.85 -26.72
C LEU R 35 -2.18 25.88 -25.96
N GLN R 36 -2.43 24.82 -25.19
CA GLN R 36 -3.67 24.71 -24.45
C GLN R 36 -4.08 25.97 -23.69
N PRO R 37 -3.28 26.42 -22.72
CA PRO R 37 -3.68 27.63 -22.00
C PRO R 37 -3.77 28.86 -22.88
N LEU R 38 -2.86 28.97 -23.85
CA LEU R 38 -2.87 30.11 -24.77
C LEU R 38 -4.14 30.16 -25.58
N LEU R 39 -4.57 29.00 -26.08
CA LEU R 39 -5.78 28.89 -26.89
C LEU R 39 -7.02 29.20 -26.08
N GLN R 40 -7.09 28.71 -24.85
CA GLN R 40 -8.27 28.99 -24.03
C GLN R 40 -8.38 30.46 -23.69
N SER R 41 -7.26 31.11 -23.36
CA SER R 41 -7.31 32.53 -23.07
C SER R 41 -7.80 33.28 -24.32
N ALA R 42 -7.31 32.89 -25.48
CA ALA R 42 -7.74 33.53 -26.72
C ALA R 42 -9.28 33.36 -26.79
N GLN R 43 -9.76 32.17 -26.50
CA GLN R 43 -11.20 31.92 -26.56
C GLN R 43 -11.94 32.78 -25.53
N LEU R 44 -11.37 32.87 -24.33
CA LEU R 44 -11.94 33.66 -23.24
C LEU R 44 -12.03 35.12 -23.54
N THR R 45 -10.99 35.71 -24.12
CA THR R 45 -11.00 37.14 -24.41
C THR R 45 -11.51 37.49 -25.77
N GLY R 46 -11.70 36.46 -26.58
CA GLY R 46 -12.23 36.68 -27.92
C GLY R 46 -11.24 37.28 -28.87
N MET R 47 -10.07 36.67 -28.97
CA MET R 47 -9.05 37.15 -29.88
C MET R 47 -9.29 36.47 -31.20
N THR R 48 -8.79 37.06 -32.27
CA THR R 48 -8.88 36.47 -33.58
C THR R 48 -7.63 35.59 -33.74
N VAL R 49 -7.83 34.28 -33.92
CA VAL R 49 -6.71 33.41 -34.12
C VAL R 49 -6.70 32.95 -35.55
N THR R 50 -5.50 32.63 -36.02
CA THR R 50 -5.31 32.18 -37.37
C THR R 50 -4.61 30.82 -37.27
N ILE R 51 -5.27 29.76 -37.72
CA ILE R 51 -4.73 28.42 -37.67
C ILE R 51 -3.87 28.25 -38.91
N ILE R 52 -2.62 27.86 -38.71
CA ILE R 52 -1.67 27.72 -39.82
C ILE R 52 -1.21 26.28 -39.91
N SER R 53 -1.33 25.70 -41.10
CA SER R 53 -0.92 24.31 -41.26
C SER R 53 -0.82 23.96 -42.74
N ASN R 54 -0.36 22.74 -43.02
CA ASN R 54 -0.20 22.23 -44.38
C ASN R 54 -1.46 21.63 -44.93
N THR R 55 -2.24 21.05 -44.05
CA THR R 55 -3.51 20.48 -44.45
C THR R 55 -4.55 21.36 -43.77
N CYS R 56 -5.41 22.00 -44.55
CA CYS R 56 -6.42 22.86 -43.98
C CYS R 56 -7.82 22.29 -43.84
N SER R 57 -8.00 21.01 -44.14
CA SER R 57 -9.30 20.40 -44.05
C SER R 57 -9.72 20.17 -42.60
N SER R 58 -11.01 20.31 -42.31
CA SER R 58 -11.52 20.12 -40.97
C SER R 58 -11.01 18.79 -40.44
N GLY R 59 -10.58 18.78 -39.17
CA GLY R 59 -10.07 17.56 -38.57
C GLY R 59 -8.57 17.40 -38.66
N SER R 60 -7.89 18.39 -39.24
CA SER R 60 -6.42 18.32 -39.40
C SER R 60 -5.65 18.78 -38.16
N GLY R 61 -4.39 18.37 -38.08
CA GLY R 61 -3.53 18.77 -36.98
C GLY R 61 -2.86 20.10 -37.28
N PHE R 62 -2.44 20.82 -36.25
CA PHE R 62 -1.76 22.09 -36.47
C PHE R 62 -0.84 22.34 -35.30
N ALA R 63 0.22 23.10 -35.53
CA ALA R 63 1.14 23.41 -34.46
C ALA R 63 1.61 24.85 -34.56
N GLU R 64 0.95 25.62 -35.40
CA GLU R 64 1.33 27.01 -35.55
C GLU R 64 0.03 27.83 -35.52
N VAL R 65 0.03 28.94 -34.80
CA VAL R 65 -1.17 29.75 -34.75
C VAL R 65 -0.82 31.18 -34.40
N GLN R 66 -1.57 32.11 -34.99
CA GLN R 66 -1.36 33.53 -34.74
C GLN R 66 -2.48 34.13 -33.93
N PHE R 67 -2.12 35.02 -33.02
CA PHE R 67 -3.11 35.65 -32.19
C PHE R 67 -3.16 37.14 -32.44
N ASN R 68 -4.34 37.62 -32.78
CA ASN R 68 -4.54 39.04 -33.06
C ASN R 68 -5.47 39.76 -32.10
N ALA S 1 20.56 46.36 -25.84
CA ALA S 1 19.87 47.53 -26.43
C ALA S 1 18.35 47.43 -26.41
N ASP S 2 17.69 48.58 -26.42
CA ASP S 2 16.24 48.67 -26.45
C ASP S 2 15.78 48.60 -27.90
N CYS S 3 15.47 47.40 -28.37
CA CYS S 3 15.08 47.21 -29.75
C CYS S 3 13.75 47.78 -30.20
N ALA S 4 12.70 47.59 -29.40
CA ALA S 4 11.40 48.09 -29.76
C ALA S 4 10.63 48.37 -28.49
N LYS S 5 9.66 49.26 -28.57
CA LYS S 5 8.88 49.59 -27.41
C LYS S 5 7.47 49.98 -27.82
N GLY S 6 6.48 49.26 -27.30
CA GLY S 6 5.10 49.55 -27.63
C GLY S 6 4.18 48.38 -27.31
N LYS S 7 2.97 48.40 -27.86
CA LYS S 7 2.01 47.34 -27.63
C LYS S 7 2.36 46.19 -28.55
N ILE S 8 2.01 44.97 -28.14
CA ILE S 8 2.24 43.81 -28.98
C ILE S 8 1.11 43.86 -30.03
N GLU S 9 1.50 43.93 -31.29
CA GLU S 9 0.57 44.01 -32.40
C GLU S 9 -0.11 42.65 -32.58
N PHE S 10 0.68 41.60 -32.54
CA PHE S 10 0.15 40.25 -32.64
C PHE S 10 1.22 39.32 -32.13
N SER S 11 0.84 38.10 -31.77
CA SER S 11 1.81 37.12 -31.34
C SER S 11 1.58 35.82 -32.14
N LYS S 12 2.57 34.93 -32.16
CA LYS S 12 2.44 33.72 -32.95
C LYS S 12 3.24 32.61 -32.36
N TYR S 13 2.59 31.47 -32.18
CA TYR S 13 3.27 30.32 -31.64
C TYR S 13 3.76 29.58 -32.87
N ASN S 14 5.06 29.32 -32.92
CA ASN S 14 5.63 28.67 -34.08
C ASN S 14 5.80 27.19 -33.90
N GLU S 15 5.92 26.50 -35.02
CA GLU S 15 6.08 25.06 -35.01
C GLU S 15 7.32 24.52 -34.30
N ASP S 16 8.38 25.33 -34.22
CA ASP S 16 9.61 24.90 -33.53
C ASP S 16 9.54 25.23 -32.05
N ASN S 17 8.34 25.61 -31.60
CA ASN S 17 8.05 25.96 -30.21
C ASN S 17 8.59 27.30 -29.74
N THR S 18 8.98 28.14 -30.69
CA THR S 18 9.46 29.47 -30.34
C THR S 18 8.20 30.32 -30.38
N PHE S 19 8.29 31.54 -29.88
CA PHE S 19 7.16 32.43 -29.81
C PHE S 19 7.60 33.77 -30.40
N THR S 20 6.80 34.29 -31.33
CA THR S 20 7.08 35.55 -32.00
C THR S 20 6.08 36.63 -31.59
N VAL S 21 6.56 37.85 -31.43
CA VAL S 21 5.69 39.00 -31.13
C VAL S 21 6.08 40.11 -32.09
N LYS S 22 5.12 40.94 -32.46
CA LYS S 22 5.42 42.05 -33.35
C LYS S 22 5.21 43.32 -32.55
N VAL S 23 6.30 44.08 -32.37
CA VAL S 23 6.28 45.35 -31.61
C VAL S 23 6.93 46.44 -32.46
N SER S 24 6.24 47.56 -32.65
CA SER S 24 6.77 48.67 -33.45
C SER S 24 7.10 48.28 -34.88
N GLY S 25 6.22 47.51 -35.52
CA GLY S 25 6.47 47.12 -36.89
C GLY S 25 7.53 46.05 -37.10
N ARG S 26 8.21 45.64 -36.04
CA ARG S 26 9.24 44.61 -36.17
C ARG S 26 8.89 43.35 -35.39
N GLU S 27 9.28 42.19 -35.94
CA GLU S 27 9.01 40.92 -35.31
C GLU S 27 10.23 40.40 -34.55
N TYR S 28 9.99 39.81 -33.38
CA TYR S 28 11.06 39.23 -32.58
C TYR S 28 10.56 37.91 -32.00
N TRP S 29 11.42 36.91 -31.93
CA TRP S 29 11.01 35.64 -31.40
C TRP S 29 11.85 35.28 -30.18
N THR S 30 11.34 34.36 -29.36
CA THR S 30 12.05 33.92 -28.18
C THR S 30 11.84 32.43 -27.99
N ASN S 31 12.79 31.75 -27.35
CA ASN S 31 12.62 30.33 -27.09
C ASN S 31 12.45 30.03 -25.60
N ARG S 32 12.20 31.04 -24.78
CA ARG S 32 12.02 30.80 -23.35
C ARG S 32 10.54 30.49 -23.11
N TRP S 33 10.23 29.21 -22.97
CA TRP S 33 8.82 28.85 -22.79
C TRP S 33 8.08 29.59 -21.65
N ASN S 34 8.79 30.05 -20.59
CA ASN S 34 8.17 30.83 -19.50
C ASN S 34 7.60 32.14 -19.98
N LEU S 35 8.19 32.73 -21.01
CA LEU S 35 7.73 34.02 -21.49
C LEU S 35 6.40 33.96 -22.20
N GLN S 36 6.11 32.85 -22.86
CA GLN S 36 4.88 32.73 -23.64
C GLN S 36 3.62 33.28 -22.95
N PRO S 37 3.27 32.73 -21.78
CA PRO S 37 2.08 33.24 -21.10
C PRO S 37 2.21 34.70 -20.66
N LEU S 38 3.41 35.12 -20.25
CA LEU S 38 3.64 36.52 -19.82
C LEU S 38 3.46 37.46 -21.00
N LEU S 39 4.00 37.10 -22.15
CA LEU S 39 3.82 37.93 -23.32
C LEU S 39 2.37 37.96 -23.72
N GLN S 40 1.67 36.82 -23.75
CA GLN S 40 0.26 36.86 -24.14
C GLN S 40 -0.62 37.71 -23.22
N SER S 41 -0.37 37.65 -21.91
CA SER S 41 -1.14 38.47 -20.98
C SER S 41 -0.90 39.95 -21.30
N ALA S 42 0.37 40.29 -21.59
CA ALA S 42 0.78 41.64 -21.93
C ALA S 42 -0.01 42.07 -23.15
N GLN S 43 -0.11 41.19 -24.13
CA GLN S 43 -0.86 41.53 -25.33
C GLN S 43 -2.34 41.77 -25.00
N LEU S 44 -2.88 41.00 -24.05
CA LEU S 44 -4.27 41.14 -23.67
C LEU S 44 -4.65 42.41 -22.95
N THR S 45 -3.78 42.89 -22.08
CA THR S 45 -4.08 44.08 -21.29
C THR S 45 -3.53 45.33 -21.95
N GLY S 46 -2.92 45.13 -23.12
CA GLY S 46 -2.33 46.24 -23.82
C GLY S 46 -1.17 46.88 -23.07
N MET S 47 -0.30 46.07 -22.42
CA MET S 47 0.84 46.65 -21.69
C MET S 47 1.88 47.09 -22.69
N THR S 48 2.71 48.02 -22.27
CA THR S 48 3.79 48.46 -23.12
C THR S 48 4.97 47.55 -22.82
N VAL S 49 5.49 46.89 -23.85
CA VAL S 49 6.64 46.03 -23.63
C VAL S 49 7.83 46.62 -24.32
N THR S 50 8.99 46.34 -23.76
CA THR S 50 10.23 46.81 -24.35
C THR S 50 11.06 45.57 -24.64
N ILE S 51 11.32 45.33 -25.92
CA ILE S 51 12.15 44.19 -26.31
C ILE S 51 13.64 44.59 -26.18
N ILE S 52 14.42 43.80 -25.45
CA ILE S 52 15.81 44.08 -25.22
C ILE S 52 16.70 42.97 -25.78
N SER S 53 17.62 43.34 -26.68
CA SER S 53 18.49 42.38 -27.31
C SER S 53 19.75 43.05 -27.88
N ASN S 54 20.67 42.24 -28.41
CA ASN S 54 21.91 42.74 -29.00
C ASN S 54 21.72 43.05 -30.47
N THR S 55 20.80 42.33 -31.08
CA THR S 55 20.45 42.49 -32.48
C THR S 55 18.98 42.95 -32.51
N CYS S 56 18.75 44.15 -33.01
CA CYS S 56 17.41 44.71 -33.04
C CYS S 56 16.67 44.66 -34.36
N SER S 57 17.24 44.02 -35.37
CA SER S 57 16.59 43.97 -36.66
C SER S 57 15.44 42.98 -36.61
N SER S 58 14.38 43.31 -37.34
CA SER S 58 13.23 42.45 -37.38
C SER S 58 13.66 41.02 -37.68
N GLY S 59 13.09 40.06 -36.96
CA GLY S 59 13.42 38.66 -37.16
C GLY S 59 14.48 38.12 -36.20
N SER S 60 14.94 38.98 -35.29
CA SER S 60 15.95 38.61 -34.31
C SER S 60 15.37 37.94 -33.06
N GLY S 61 16.21 37.18 -32.37
CA GLY S 61 15.80 36.53 -31.14
C GLY S 61 15.98 37.48 -29.98
N PHE S 62 15.28 37.22 -28.87
CA PHE S 62 15.40 38.05 -27.68
C PHE S 62 15.06 37.17 -26.48
N ALA S 63 15.51 37.56 -25.30
CA ALA S 63 15.22 36.76 -24.12
C ALA S 63 15.14 37.68 -22.93
N GLU S 64 15.00 38.96 -23.20
CA GLU S 64 14.90 39.92 -22.11
C GLU S 64 13.80 40.88 -22.52
N VAL S 65 12.90 41.20 -21.60
CA VAL S 65 11.80 42.10 -21.94
C VAL S 65 11.28 42.79 -20.70
N GLN S 66 10.90 44.04 -20.85
CA GLN S 66 10.34 44.82 -19.76
C GLN S 66 8.86 45.11 -19.99
N PHE S 67 8.06 44.95 -18.93
CA PHE S 67 6.62 45.18 -18.99
C PHE S 67 6.27 46.44 -18.22
N ASN S 68 5.73 47.44 -18.92
CA ASN S 68 5.41 48.74 -18.31
C ASN S 68 3.97 49.16 -18.28
N ALA T 1 12.63 41.79 6.76
CA ALA T 1 12.16 43.21 6.85
C ALA T 1 11.28 43.56 5.66
N ASP T 2 10.45 44.59 5.83
CA ASP T 2 9.55 45.05 4.77
C ASP T 2 10.28 46.07 3.92
N CYS T 3 10.95 45.60 2.87
CA CYS T 3 11.69 46.49 2.00
C CYS T 3 10.91 47.54 1.25
N ALA T 4 9.83 47.15 0.60
CA ALA T 4 9.03 48.11 -0.14
C ALA T 4 7.59 47.64 -0.14
N LYS T 5 6.67 48.57 -0.37
CA LYS T 5 5.26 48.26 -0.40
C LYS T 5 4.55 49.26 -1.33
N GLY T 6 3.82 48.73 -2.29
CA GLY T 6 3.11 49.56 -3.25
C GLY T 6 2.80 48.75 -4.49
N LYS T 7 2.37 49.44 -5.56
CA LYS T 7 2.07 48.78 -6.82
C LYS T 7 3.38 48.46 -7.55
N ILE T 8 3.36 47.49 -8.43
CA ILE T 8 4.53 47.18 -9.21
C ILE T 8 4.52 48.21 -10.35
N GLU T 9 5.62 48.96 -10.43
CA GLU T 9 5.80 50.02 -11.43
C GLU T 9 6.11 49.44 -12.81
N PHE T 10 6.95 48.42 -12.85
CA PHE T 10 7.24 47.70 -14.07
C PHE T 10 7.88 46.39 -13.67
N SER T 11 7.91 45.43 -14.58
CA SER T 11 8.58 44.19 -14.24
C SER T 11 9.46 43.87 -15.42
N LYS T 12 10.42 42.98 -15.23
CA LYS T 12 11.35 42.67 -16.29
C LYS T 12 11.83 41.24 -16.18
N TYR T 13 11.74 40.51 -17.27
CA TYR T 13 12.25 39.15 -17.29
C TYR T 13 13.70 39.28 -17.77
N ASN T 14 14.64 38.76 -16.99
CA ASN T 14 16.03 38.90 -17.37
C ASN T 14 16.58 37.70 -18.11
N GLU T 15 17.65 37.91 -18.85
CA GLU T 15 18.33 36.86 -19.59
C GLU T 15 18.83 35.71 -18.70
N ASP T 16 19.26 36.00 -17.48
CA ASP T 16 19.74 34.95 -16.58
C ASP T 16 18.57 34.20 -15.92
N ASN T 17 17.36 34.49 -16.40
CA ASN T 17 16.11 33.89 -15.93
C ASN T 17 15.59 34.36 -14.59
N THR T 18 16.15 35.46 -14.07
CA THR T 18 15.67 36.05 -12.83
C THR T 18 14.56 37.02 -13.23
N PHE T 19 13.81 37.53 -12.26
CA PHE T 19 12.72 38.42 -12.61
C PHE T 19 12.86 39.66 -11.74
N THR T 20 12.71 40.85 -12.32
CA THR T 20 12.83 42.10 -11.58
C THR T 20 11.52 42.87 -11.53
N VAL T 21 11.26 43.50 -10.39
CA VAL T 21 10.07 44.32 -10.24
C VAL T 21 10.53 45.60 -9.57
N LYS T 22 9.84 46.69 -9.88
CA LYS T 22 10.18 47.97 -9.27
C LYS T 22 9.00 48.36 -8.43
N VAL T 23 9.26 48.55 -7.14
CA VAL T 23 8.23 48.93 -6.20
C VAL T 23 8.77 50.08 -5.34
N SER T 24 8.00 51.15 -5.22
CA SER T 24 8.43 52.29 -4.43
C SER T 24 9.75 52.85 -4.91
N GLY T 25 9.92 52.97 -6.22
CA GLY T 25 11.16 53.51 -6.76
C GLY T 25 12.40 52.64 -6.64
N ARG T 26 12.30 51.47 -6.00
CA ARG T 26 13.45 50.58 -5.86
C ARG T 26 13.22 49.31 -6.64
N GLU T 27 14.31 48.74 -7.14
CA GLU T 27 14.22 47.51 -7.92
C GLU T 27 14.64 46.32 -7.10
N TYR T 28 13.95 45.19 -7.29
CA TYR T 28 14.32 43.96 -6.61
C TYR T 28 14.20 42.85 -7.62
N TRP T 29 14.96 41.78 -7.45
CA TRP T 29 14.90 40.66 -8.37
C TRP T 29 14.78 39.40 -7.56
N THR T 30 14.31 38.34 -8.20
CA THR T 30 14.12 37.03 -7.55
C THR T 30 14.44 35.96 -8.58
N ASN T 31 14.92 34.82 -8.10
CA ASN T 31 15.21 33.70 -8.98
C ASN T 31 14.18 32.60 -8.79
N ARG T 32 13.06 32.94 -8.17
CA ARG T 32 12.06 31.91 -7.94
C ARG T 32 11.14 31.88 -9.12
N TRP T 33 11.21 30.81 -9.90
CA TRP T 33 10.39 30.74 -11.09
C TRP T 33 8.91 30.87 -10.81
N ASN T 34 8.43 30.38 -9.66
CA ASN T 34 7.02 30.40 -9.33
C ASN T 34 6.50 31.78 -9.16
N LEU T 35 7.36 32.68 -8.71
CA LEU T 35 6.93 34.06 -8.51
C LEU T 35 6.66 34.83 -9.77
N GLN T 36 7.24 34.43 -10.88
CA GLN T 36 7.01 35.17 -12.11
C GLN T 36 5.59 35.44 -12.50
N PRO T 37 4.76 34.39 -12.66
CA PRO T 37 3.38 34.66 -13.04
C PRO T 37 2.61 35.37 -11.93
N LEU T 38 2.91 35.06 -10.68
CA LEU T 38 2.25 35.71 -9.54
C LEU T 38 2.54 37.20 -9.53
N LEU T 39 3.79 37.56 -9.73
CA LEU T 39 4.19 38.97 -9.76
C LEU T 39 3.57 39.70 -10.93
N GLN T 40 3.53 39.06 -12.10
CA GLN T 40 2.91 39.75 -13.24
C GLN T 40 1.41 39.93 -13.03
N SER T 41 0.71 38.95 -12.45
CA SER T 41 -0.72 39.13 -12.25
C SER T 41 -0.97 40.27 -11.28
N ALA T 42 -0.10 40.34 -10.25
CA ALA T 42 -0.18 41.39 -9.25
C ALA T 42 -0.01 42.71 -9.96
N GLN T 43 0.93 42.77 -10.90
CA GLN T 43 1.14 44.03 -11.63
C GLN T 43 -0.04 44.40 -12.56
N LEU T 44 -0.56 43.45 -13.32
CA LEU T 44 -1.69 43.70 -14.20
C LEU T 44 -2.93 44.17 -13.48
N THR T 45 -3.24 43.52 -12.37
CA THR T 45 -4.44 43.86 -11.61
C THR T 45 -4.25 44.97 -10.59
N GLY T 46 -3.03 45.44 -10.40
CA GLY T 46 -2.79 46.52 -9.46
C GLY T 46 -2.88 46.14 -7.99
N MET T 47 -2.36 44.98 -7.61
CA MET T 47 -2.39 44.61 -6.21
C MET T 47 -1.24 45.31 -5.48
N THR T 48 -1.36 45.46 -4.17
CA THR T 48 -0.32 46.09 -3.41
C THR T 48 0.56 44.95 -2.97
N VAL T 49 1.84 45.00 -3.27
CA VAL T 49 2.74 43.93 -2.87
C VAL T 49 3.76 44.45 -1.88
N THR T 50 4.22 43.56 -1.03
CA THR T 50 5.20 43.92 -0.02
C THR T 50 6.43 43.06 -0.23
N ILE T 51 7.54 43.69 -0.63
CA ILE T 51 8.76 42.93 -0.85
C ILE T 51 9.44 42.71 0.49
N ILE T 52 9.70 41.46 0.83
CA ILE T 52 10.30 41.14 2.11
C ILE T 52 11.67 40.52 1.90
N SER T 53 12.67 41.07 2.59
CA SER T 53 14.03 40.58 2.46
C SER T 53 14.92 41.06 3.61
N ASN T 54 16.16 40.61 3.62
CA ASN T 54 17.14 41.01 4.63
C ASN T 54 17.88 42.26 4.23
N THR T 55 18.06 42.43 2.93
CA THR T 55 18.73 43.59 2.37
C THR T 55 17.65 44.33 1.58
N CYS T 56 17.33 45.55 1.97
CA CYS T 56 16.29 46.29 1.25
C CYS T 56 16.79 47.34 0.27
N SER T 57 18.09 47.38 0.00
CA SER T 57 18.60 48.37 -0.95
C SER T 57 18.22 47.99 -2.38
N SER T 58 17.95 49.01 -3.20
CA SER T 58 17.61 48.78 -4.60
C SER T 58 18.66 47.84 -5.20
N GLY T 59 18.22 46.87 -6.00
CA GLY T 59 19.14 45.93 -6.61
C GLY T 59 19.32 44.66 -5.79
N SER T 60 18.64 44.56 -4.66
CA SER T 60 18.75 43.38 -3.80
C SER T 60 17.81 42.26 -4.22
N GLY T 61 18.17 41.04 -3.82
CA GLY T 61 17.37 39.87 -4.13
C GLY T 61 16.29 39.65 -3.09
N PHE T 62 15.23 38.92 -3.46
CA PHE T 62 14.14 38.63 -2.54
C PHE T 62 13.46 37.32 -2.94
N ALA T 63 12.82 36.66 -1.99
CA ALA T 63 12.13 35.41 -2.26
C ALA T 63 10.92 35.32 -1.37
N GLU T 64 10.48 36.45 -0.85
CA GLU T 64 9.31 36.47 0.01
C GLU T 64 8.51 37.72 -0.33
N VAL T 65 7.21 37.58 -0.54
CA VAL T 65 6.39 38.73 -0.92
C VAL T 65 4.94 38.57 -0.50
N GLN T 66 4.31 39.65 -0.05
CA GLN T 66 2.93 39.60 0.38
C GLN T 66 1.99 40.33 -0.55
N PHE T 67 0.93 39.66 -0.95
CA PHE T 67 -0.05 40.26 -1.86
C PHE T 67 -1.34 40.68 -1.15
N ASN T 68 -1.72 41.96 -1.26
CA ASN T 68 -2.93 42.47 -0.60
C ASN T 68 -3.96 42.98 -1.62
#